data_6ZFT
#
_entry.id   6ZFT
#
_cell.length_a   212.360
_cell.length_b   212.360
_cell.length_c   345.914
_cell.angle_alpha   90.000
_cell.angle_beta   90.000
_cell.angle_gamma   120.000
#
_symmetry.space_group_name_H-M   'P 65 2 2'
#
loop_
_entity.id
_entity.type
_entity.pdbx_description
1 polymer 'Cytochrome b-c1 complex subunit 1, mitochondrial'
2 polymer 'Cytochrome b-c1 complex subunit 2, mitochondrial'
3 polymer 'Cytochrome b'
4 polymer 'Cytochrome c1, heme protein, mitochondrial'
5 polymer 'Cytochrome b-c1 complex subunit Rieske, mitochondrial'
6 polymer 'Cytochrome b-c1 complex subunit 7'
7 polymer 'Cytochrome b-c1 complex subunit 8'
8 polymer 'Cytochrome b-c1 complex subunit 6, mitochondrial'
9 polymer 'Cytochrome b-c1 complex subunit Rieske, mitochondrial'
10 polymer 'Cytochrome b-c1 complex subunit 9'
11 non-polymer 'TETRAETHYLENE GLYCOL'
12 non-polymer 1,2-DIHEXANOYL-SN-GLYCERO-3-PHOSPHOETHANOLAMINE
13 non-polymer CARDIOLIPIN
14 non-polymer 'PROTOPORPHYRIN IX CONTAINING FE'
15 non-polymer 7-chloranyl-3-methyl-2-[4-[[4-(trifluoromethyloxy)phenyl]methyl]phenyl]-1~{H}-quinolin-4-one
16 non-polymer DODECYL-BETA-D-MALTOSIDE
17 non-polymer 1,2-dioleoyl-sn-glycero-3-phosphoethanolamine
18 non-polymer 'PHOSPHATE ION'
19 non-polymer 'HEME C'
20 non-polymer 'FE2/S2 (INORGANIC) CLUSTER'
21 non-polymer 1,2-DIMYRISTOYL-SN-GLYCERO-3-PHOSPHOCHOLINE
22 water water
#
loop_
_entity_poly.entity_id
_entity_poly.type
_entity_poly.pdbx_seq_one_letter_code
_entity_poly.pdbx_strand_id
1 'polypeptide(L)'
;TYAQALQSVPETQVSQLDNGLRVASEQSSQPTCTVGVWIDAGSRYESEKNNGAGYFVEHLAFKGTKNRPGNALEKEVESM
GAHLNAYSTREHTAYYIKALSKDLPKAVELLADIVQNCSLEDSQIEKERDVILQELQENDTSMRDVVFNYLHATAFQGTP
LAQSVEGPSENVRKLSRADLTEYLSRHYKAPRMVLAAAGGLEHRQLLDLAQKHFSGLSGTYDEDTVPTLSPCRFTGSQIC
HREDGLPLAHVAIAVEGPGWAHPDNVALQVANAIIGHYDCTYGGGAHLSSPLASIAATNKLCQSFQTFNICYADTGLLGA
HFVCDHMSIDDMMFVLQGQWMRLCTSATESEVLRGKNLLRNALVSHLDGTTPVCEDIGRSLLTYGRRIPLAEWESRIAEV
DARVVREVCSKYFYDQCPAVAGFGPIEQLPDYNRIRSGMFWLRF
;
A
2 'polypeptide(L)'
;HPQDLEFTRLPNGLVIASLENYAPASRIGLFIKAGSRYENSNNLGTSHLLRLASSLTTKGASSFKITRGIEAVGGKLSVT
STRENMAYTVECLRDDVDILMEFLLNVTTAPEFRRWEVAALQPQLRIDKAVALQNPQAHVIENLHAAAYRNALANSLYCP
DYRIGKVTPVELHDYVQNHFTSARMALIGLGVSHPVLKQVAEQFLNIRGGLGLSGAKAKYHGGEIREQNGDSLVHAALVA
ESAAIGSAEANAFSVLQHVLGAGPHVKRGSNATSSLYQAVAKGVHQPFDVSAFNASYSDSGLFGFYTISQAASAGDVIKA
AYNQVKTIAQGNLSNPDVQAAKNKLKAGYLMSVESSEGFLDEVGSQALAAGSYTPPSTVLQQIDAVADADVINAAKKFVS
GRKSMAASGNLGHTPFIDEL
;
B
3 'polypeptide(L)'
;TNIRKSHPLMKIVNNAFIDLPAPSNISSWWNFGSLLGICLILQILTGLFLAMHYTSDTTTAFSSVTHICRDVNYGWIIRY
MHANGASMFFICLYMHVGRGLYYGSYTFLETWNIGVILLLTVMATAFMGYVLPWGQMSFWGATVITNLLSAIPYIGTNLV
EWIWGGFSVDKATLTRFFAFHFILPFIIMAIAMVHLLFLHETGSNNPTGISSDVDKIPFHPYYTIKDILGALLLILALML
LVLFAPDLLGDPDNYTPANPLNTPPHIKPEWYFLFAYAILRSIPNKLGGVLALAFSILILALIPLLHTSKQRSMMFRPLS
QCLFWALVADLLTLTWIGGQPVEHPYITIGQLASVLYFLLILVLMPTAGTIENKLLKW
;
C
4 'polypeptide(L)'
;DLELHPPSYPWSHRGLLSSLDHTSIRRGFQVYKQVCSSCHSMDYVAYRHLVGVCYTEDEAKALAEEVEVQDGPNEDGEMF
MRPGKLSDYFPKPYPNPEAARAANNGALPPDLSYIVRARHGGEDYVFSLLTGYCEPPTGVSLREGLYFNPYFPGQAIGMA
PPIYNEVLEFDDGTPATMSQVAKDVCTFLRWAAEPEHDHRKRMGLKMLLMMGLLLPLVYAMKRHKWSVLKSRKLAYRPP
;
D
5 'polypeptide(L)'
;SHTDIKVPDFSDYRRPEVLDSTKSSKESSEARKGFSYLVTATTTVGVAYAAKNVVSQFVSSMSASADVLAMSKIEIKLSD
IPEGKNMAFKWRGKPLFVRHRTKKEIDQEAAVEVSQLRDPQHDLERVKKPEWVILIGVCTHLGCVPIANAGDFGGYYCPC
HGSHYDASGRIRKGPAPLNLEVPSYEFTSDDMVIVG
;
E
6 'polypeptide(L)'
;RWLEGIRKWYYNAAGFNKLGLMRDDTIHENDDVKEAIRRLPENLYNDRVFRIKRALDLSMRQQILPKEQWTKYEEDKSYL
EPYLKEVIRERKEREEWAK
;
F
7 'polypeptide(L)' RQFGHLTRVRHVITYSLSPFEQRAFPHYFSKGIPNVLRRTRACILRVAPPFVAFYLVYTWGTQEFEKSKRKNPA G
8 'polypeptide(L)' LVDPLTTVREQCEQLEKCVKARERLELCDERVSSRSQTEEDCTEELLDFLHARDHCVAHKLFNSL H
9 'polypeptide(L)' AVPATSESPVLDLKRSVLCRESLRGQAAGRPLVASVSLNVPASVRY I
10 'polypeptide(L)' APTLTARLYSLLFRRTSTFALTIVVGALFFERAFDQGADAIYEHINEGKLWKHIKHKYE J
#
loop_
_chem_comp.id
_chem_comp.type
_chem_comp.name
_chem_comp.formula
6PE non-polymer 1,2-DIHEXANOYL-SN-GLYCERO-3-PHOSPHOETHANOLAMINE 'C17 H33 N O8 P -1'
CDL non-polymer CARDIOLIPIN 'C81 H156 O17 P2 -2'
FES non-polymer 'FE2/S2 (INORGANIC) CLUSTER' 'Fe2 S2'
HEC non-polymer 'HEME C' 'C34 H34 Fe N4 O4'
HEM non-polymer 'PROTOPORPHYRIN IX CONTAINING FE' 'C34 H32 Fe N4 O4'
JHB non-polymer 7-chloranyl-3-methyl-2-[4-[[4-(trifluoromethyloxy)phenyl]methyl]phenyl]-1~{H}-quinolin-4-one 'C24 H17 Cl F3 N O2'
LMT D-saccharide DODECYL-BETA-D-MALTOSIDE 'C24 H46 O11'
PEE non-polymer 1,2-dioleoyl-sn-glycero-3-phosphoethanolamine 'C41 H78 N O8 P'
PG4 non-polymer 'TETRAETHYLENE GLYCOL' 'C8 H18 O5'
PO4 non-polymer 'PHOSPHATE ION' 'O4 P -3'
PX4 non-polymer 1,2-DIMYRISTOYL-SN-GLYCERO-3-PHOSPHOCHOLINE 'C36 H73 N O8 P 1'
#
# COMPACT_ATOMS: atom_id res chain seq x y z
N THR A 1 -27.64 -25.44 39.97
CA THR A 1 -27.18 -24.98 38.62
C THR A 1 -25.83 -24.26 38.72
N TYR A 2 -25.34 -23.74 37.59
CA TYR A 2 -24.08 -22.95 37.46
C TYR A 2 -24.23 -21.62 38.20
N ALA A 3 -25.36 -20.93 37.99
CA ALA A 3 -25.73 -19.65 38.62
C ALA A 3 -25.61 -19.76 40.15
N GLN A 4 -26.22 -20.80 40.72
CA GLN A 4 -26.20 -21.10 42.18
C GLN A 4 -24.77 -21.40 42.62
N ALA A 5 -24.06 -22.25 41.87
CA ALA A 5 -22.70 -22.77 42.18
C ALA A 5 -21.75 -21.61 42.49
N LEU A 6 -21.90 -20.49 41.80
CA LEU A 6 -21.08 -19.27 41.98
C LEU A 6 -21.33 -18.69 43.37
N GLN A 7 -22.57 -18.75 43.86
CA GLN A 7 -23.01 -18.09 45.11
C GLN A 7 -22.32 -18.70 46.34
N SER A 8 -21.91 -19.97 46.25
CA SER A 8 -21.39 -20.75 47.40
C SER A 8 -19.89 -21.04 47.23
N VAL A 9 -19.16 -20.14 46.57
CA VAL A 9 -17.68 -20.24 46.40
C VAL A 9 -17.02 -19.54 47.58
N PRO A 10 -15.96 -20.12 48.20
CA PRO A 10 -15.29 -19.48 49.33
C PRO A 10 -14.87 -18.02 49.11
N GLU A 11 -15.33 -17.12 49.98
CA GLU A 11 -14.99 -15.68 49.98
C GLU A 11 -13.50 -15.47 50.30
N THR A 12 -12.91 -14.39 49.78
CA THR A 12 -11.49 -13.98 50.05
C THR A 12 -11.50 -12.99 51.22
N GLN A 13 -10.65 -13.20 52.22
CA GLN A 13 -10.55 -12.38 53.46
C GLN A 13 -9.49 -11.29 53.26
N VAL A 14 -9.71 -10.10 53.84
CA VAL A 14 -8.85 -8.89 53.64
C VAL A 14 -8.62 -8.19 54.99
N SER A 15 -7.35 -7.98 55.35
CA SER A 15 -6.91 -7.26 56.57
C SER A 15 -5.59 -6.53 56.27
N GLN A 16 -5.27 -5.50 57.05
CA GLN A 16 -4.13 -4.57 56.80
C GLN A 16 -3.38 -4.29 58.11
N LEU A 17 -2.04 -4.38 58.10
CA LEU A 17 -1.14 -4.13 59.27
C LEU A 17 -0.96 -2.62 59.50
N ASP A 18 -0.31 -2.24 60.60
CA ASP A 18 0.05 -0.84 60.93
C ASP A 18 0.79 -0.22 59.73
N ASN A 19 1.91 -0.83 59.31
CA ASN A 19 2.85 -0.28 58.29
C ASN A 19 2.15 -0.16 56.92
N GLY A 20 1.11 -0.98 56.68
CA GLY A 20 0.26 -0.91 55.49
C GLY A 20 0.22 -2.20 54.68
N LEU A 21 1.01 -3.21 55.04
CA LEU A 21 1.04 -4.53 54.34
C LEU A 21 -0.36 -5.17 54.38
N ARG A 22 -0.88 -5.55 53.21
CA ARG A 22 -2.22 -6.19 53.08
C ARG A 22 -2.08 -7.70 53.21
N VAL A 23 -2.97 -8.30 54.00
CA VAL A 23 -3.06 -9.78 54.19
C VAL A 23 -4.33 -10.25 53.50
N ALA A 24 -4.20 -11.23 52.61
CA ALA A 24 -5.31 -11.76 51.80
C ALA A 24 -5.23 -13.29 51.74
N SER A 25 -6.38 -13.94 51.87
CA SER A 25 -6.53 -15.37 52.24
C SER A 25 -7.83 -15.95 51.67
N GLU A 26 -7.74 -17.10 51.00
CA GLU A 26 -8.89 -17.98 50.65
C GLU A 26 -8.68 -19.34 51.31
N GLN A 27 -9.67 -19.78 52.10
CA GLN A 27 -9.60 -20.99 52.94
C GLN A 27 -10.46 -22.10 52.34
N SER A 28 -9.91 -23.32 52.27
CA SER A 28 -10.65 -24.59 52.03
C SER A 28 -9.87 -25.73 52.69
N SER A 29 -10.57 -26.67 53.33
CA SER A 29 -9.99 -27.89 53.96
C SER A 29 -9.08 -28.62 52.97
N GLN A 30 -7.78 -28.29 53.00
CA GLN A 30 -6.74 -28.82 52.06
C GLN A 30 -5.52 -29.23 52.88
N PRO A 31 -4.89 -30.39 52.58
CA PRO A 31 -3.65 -30.78 53.27
C PRO A 31 -2.46 -29.88 52.91
N THR A 32 -2.50 -29.29 51.71
CA THR A 32 -1.44 -28.43 51.12
C THR A 32 -1.92 -26.99 51.09
N CYS A 33 -1.01 -26.07 50.74
CA CYS A 33 -1.33 -24.63 50.57
C CYS A 33 -0.28 -23.98 49.68
N THR A 34 -0.47 -22.69 49.39
CA THR A 34 0.49 -21.79 48.71
C THR A 34 0.34 -20.39 49.31
N VAL A 35 1.46 -19.78 49.69
CA VAL A 35 1.53 -18.41 50.28
C VAL A 35 2.70 -17.69 49.60
N GLY A 36 2.57 -16.37 49.42
CA GLY A 36 3.62 -15.55 48.78
C GLY A 36 3.43 -14.07 48.98
N VAL A 37 4.45 -13.31 48.58
CA VAL A 37 4.50 -11.81 48.62
C VAL A 37 4.50 -11.30 47.18
N TRP A 38 3.47 -10.55 46.80
CA TRP A 38 3.36 -9.80 45.52
C TRP A 38 3.71 -8.31 45.76
N ILE A 39 4.54 -7.73 44.88
CA ILE A 39 5.14 -6.36 45.05
C ILE A 39 4.91 -5.53 43.77
N ASP A 40 4.37 -4.32 43.91
CA ASP A 40 4.29 -3.30 42.83
C ASP A 40 5.72 -2.81 42.52
N ALA A 41 6.47 -3.62 41.75
CA ALA A 41 7.86 -3.37 41.34
C ALA A 41 8.24 -4.22 40.13
N GLY A 42 9.08 -3.67 39.25
CA GLY A 42 9.56 -4.31 38.00
C GLY A 42 10.39 -3.34 37.18
N SER A 43 10.23 -3.35 35.85
CA SER A 43 11.06 -2.59 34.89
C SER A 43 10.49 -1.17 34.69
N ARG A 44 9.18 -0.98 34.89
CA ARG A 44 8.51 0.33 34.66
C ARG A 44 8.94 1.35 35.73
N TYR A 45 9.21 0.85 36.94
CA TYR A 45 9.67 1.64 38.12
C TYR A 45 11.19 1.81 38.08
N GLU A 46 11.88 1.21 37.10
CA GLU A 46 13.35 1.28 36.93
C GLU A 46 13.66 2.44 35.97
N SER A 47 14.77 3.13 36.20
CA SER A 47 15.35 4.15 35.30
C SER A 47 16.33 3.46 34.37
N GLU A 48 16.93 4.22 33.45
CA GLU A 48 17.80 3.70 32.37
C GLU A 48 19.16 3.31 32.98
N LYS A 49 19.57 3.95 34.06
CA LYS A 49 20.88 3.74 34.70
C LYS A 49 20.86 2.44 35.51
N ASN A 50 19.68 2.02 35.99
CA ASN A 50 19.53 0.87 36.93
C ASN A 50 18.60 -0.20 36.36
N ASN A 51 18.28 -0.17 35.07
CA ASN A 51 17.39 -1.16 34.40
C ASN A 51 17.99 -2.56 34.60
N GLY A 52 17.15 -3.51 35.03
CA GLY A 52 17.49 -4.95 35.17
C GLY A 52 17.77 -5.35 36.61
N ALA A 53 17.86 -4.36 37.51
CA ALA A 53 18.12 -4.53 38.95
C ALA A 53 17.12 -5.53 39.52
N GLY A 54 15.82 -5.21 39.42
CA GLY A 54 14.74 -6.11 39.86
C GLY A 54 15.07 -7.55 39.51
N TYR A 55 15.46 -7.78 38.25
CA TYR A 55 15.80 -9.12 37.70
C TYR A 55 17.07 -9.66 38.36
N PHE A 56 18.05 -8.81 38.65
CA PHE A 56 19.32 -9.18 39.34
C PHE A 56 19.00 -9.67 40.76
N VAL A 57 18.07 -9.00 41.45
CA VAL A 57 17.68 -9.28 42.86
C VAL A 57 16.98 -10.65 42.92
N GLU A 58 16.06 -10.92 42.01
CA GLU A 58 15.32 -12.22 41.93
C GLU A 58 16.34 -13.36 41.96
N HIS A 59 17.51 -13.20 41.34
CA HIS A 59 18.59 -14.24 41.24
C HIS A 59 19.23 -14.49 42.62
N LEU A 60 19.47 -13.41 43.38
CA LEU A 60 20.16 -13.44 44.69
C LEU A 60 19.20 -13.91 45.81
N ALA A 61 17.90 -13.59 45.70
CA ALA A 61 16.85 -13.79 46.73
C ALA A 61 16.96 -15.13 47.47
N PHE A 62 17.17 -16.24 46.76
CA PHE A 62 17.18 -17.60 47.36
C PHE A 62 18.60 -18.10 47.59
N LYS A 63 19.58 -17.18 47.65
CA LYS A 63 21.04 -17.53 47.72
C LYS A 63 21.58 -17.16 49.10
N GLY A 64 20.75 -17.29 50.14
CA GLY A 64 21.11 -17.04 51.55
C GLY A 64 20.45 -15.78 52.09
N THR A 65 20.41 -15.67 53.42
CA THR A 65 19.88 -14.52 54.21
C THR A 65 20.85 -14.24 55.36
N LYS A 66 20.59 -13.18 56.14
CA LYS A 66 21.31 -12.86 57.41
C LYS A 66 21.18 -14.06 58.36
N ASN A 67 19.94 -14.44 58.69
CA ASN A 67 19.58 -15.54 59.63
C ASN A 67 19.99 -16.91 59.08
N ARG A 68 19.94 -17.11 57.76
CA ARG A 68 20.25 -18.40 57.10
C ARG A 68 21.24 -18.17 55.96
N PRO A 69 22.55 -18.09 56.23
CA PRO A 69 23.54 -17.77 55.20
C PRO A 69 23.80 -18.96 54.26
N GLY A 70 24.17 -18.67 53.01
CA GLY A 70 24.42 -19.66 51.96
C GLY A 70 23.22 -20.57 51.73
N ASN A 71 23.45 -21.88 51.78
CA ASN A 71 22.47 -22.92 51.36
C ASN A 71 21.63 -23.40 52.56
N ALA A 72 21.56 -22.62 53.63
CA ALA A 72 20.70 -22.91 54.81
C ALA A 72 19.23 -22.77 54.38
N LEU A 73 18.89 -21.62 53.79
CA LEU A 73 17.53 -21.26 53.32
C LEU A 73 17.04 -22.32 52.33
N GLU A 74 17.93 -22.72 51.43
CA GLU A 74 17.71 -23.75 50.37
C GLU A 74 17.39 -25.10 51.03
N LYS A 75 18.30 -25.58 51.89
CA LYS A 75 18.21 -26.88 52.62
C LYS A 75 16.86 -26.97 53.34
N GLU A 76 16.53 -25.93 54.12
CA GLU A 76 15.37 -25.94 55.06
C GLU A 76 14.07 -26.13 54.27
N VAL A 77 14.00 -25.58 53.06
CA VAL A 77 12.81 -25.67 52.16
C VAL A 77 12.75 -27.06 51.52
N GLU A 78 13.89 -27.58 51.08
CA GLU A 78 14.01 -28.89 50.42
C GLU A 78 13.59 -30.03 51.35
N SER A 79 13.89 -29.91 52.65
CA SER A 79 13.81 -31.01 53.65
C SER A 79 12.40 -31.14 54.22
N MET A 80 11.65 -30.02 54.30
CA MET A 80 10.25 -29.96 54.79
C MET A 80 9.27 -30.13 53.62
N GLY A 81 9.77 -30.49 52.44
CA GLY A 81 8.93 -30.90 51.28
C GLY A 81 8.49 -29.72 50.43
N ALA A 82 8.72 -28.50 50.91
CA ALA A 82 8.27 -27.24 50.28
C ALA A 82 8.89 -27.10 48.88
N HIS A 83 8.34 -26.15 48.11
CA HIS A 83 8.82 -25.69 46.79
C HIS A 83 8.84 -24.17 46.77
N LEU A 84 9.99 -23.57 46.46
CA LEU A 84 10.22 -22.11 46.53
C LEU A 84 10.48 -21.60 45.12
N ASN A 85 9.71 -20.58 44.71
CA ASN A 85 9.68 -20.06 43.32
C ASN A 85 9.51 -18.53 43.30
N ALA A 86 9.86 -17.89 42.19
CA ALA A 86 9.79 -16.43 42.00
C ALA A 86 9.58 -16.08 40.52
N TYR A 87 9.14 -14.85 40.23
CA TYR A 87 8.99 -14.27 38.86
C TYR A 87 8.98 -12.73 38.96
N SER A 88 9.28 -12.07 37.83
CA SER A 88 9.30 -10.59 37.67
C SER A 88 8.70 -10.22 36.31
N THR A 89 7.64 -9.38 36.30
CA THR A 89 7.05 -8.75 35.08
C THR A 89 7.52 -7.29 35.04
N ARG A 90 7.07 -6.49 34.08
CA ARG A 90 7.46 -5.05 33.96
C ARG A 90 6.87 -4.22 35.12
N GLU A 91 5.83 -4.74 35.80
CA GLU A 91 5.07 -4.04 36.85
C GLU A 91 5.08 -4.79 38.19
N HIS A 92 5.17 -6.13 38.19
CA HIS A 92 5.00 -6.98 39.40
C HIS A 92 6.20 -7.93 39.57
N THR A 93 6.83 -7.91 40.75
CA THR A 93 7.78 -8.96 41.25
C THR A 93 7.01 -9.82 42.26
N ALA A 94 7.27 -11.13 42.32
CA ALA A 94 6.58 -12.07 43.23
C ALA A 94 7.49 -13.24 43.67
N TYR A 95 7.54 -13.49 44.99
CA TYR A 95 8.16 -14.67 45.65
C TYR A 95 7.06 -15.43 46.42
N TYR A 96 6.97 -16.74 46.21
CA TYR A 96 5.89 -17.58 46.79
C TYR A 96 6.37 -19.02 47.00
N ILE A 97 5.78 -19.69 47.98
CA ILE A 97 6.23 -21.04 48.45
C ILE A 97 5.00 -21.95 48.57
N LYS A 98 5.09 -23.14 47.97
CA LYS A 98 4.10 -24.24 48.12
C LYS A 98 4.60 -25.18 49.22
N ALA A 99 3.79 -25.41 50.26
CA ALA A 99 4.18 -26.16 51.48
C ALA A 99 3.00 -26.99 52.00
N LEU A 100 3.28 -27.89 52.96
CA LEU A 100 2.23 -28.61 53.73
C LEU A 100 1.51 -27.58 54.62
N SER A 101 0.20 -27.75 54.80
CA SER A 101 -0.70 -26.80 55.51
C SER A 101 -0.19 -26.57 56.94
N LYS A 102 0.24 -27.65 57.62
CA LYS A 102 0.78 -27.62 59.01
C LYS A 102 2.06 -26.76 59.08
N ASP A 103 2.82 -26.64 57.99
CA ASP A 103 4.13 -25.94 57.92
C ASP A 103 3.99 -24.46 57.55
N LEU A 104 2.76 -23.91 57.58
CA LEU A 104 2.46 -22.53 57.12
C LEU A 104 3.21 -21.49 57.95
N PRO A 105 3.23 -21.61 59.30
CA PRO A 105 4.03 -20.70 60.13
C PRO A 105 5.49 -20.59 59.67
N LYS A 106 6.18 -21.71 59.43
CA LYS A 106 7.60 -21.69 59.01
C LYS A 106 7.68 -21.15 57.58
N ALA A 107 6.67 -21.44 56.76
CA ALA A 107 6.53 -20.93 55.38
C ALA A 107 6.56 -19.39 55.41
N VAL A 108 5.61 -18.79 56.14
CA VAL A 108 5.45 -17.31 56.24
C VAL A 108 6.75 -16.69 56.81
N GLU A 109 7.44 -17.43 57.68
CA GLU A 109 8.73 -17.01 58.30
C GLU A 109 9.80 -16.88 57.21
N LEU A 110 9.99 -17.94 56.41
CA LEU A 110 11.06 -18.04 55.39
C LEU A 110 10.88 -16.98 54.30
N LEU A 111 9.64 -16.74 53.86
CA LEU A 111 9.29 -15.66 52.87
C LEU A 111 9.84 -14.35 53.39
N ALA A 112 9.52 -14.03 54.65
CA ALA A 112 9.90 -12.79 55.35
C ALA A 112 11.43 -12.67 55.42
N ASP A 113 12.14 -13.78 55.64
CA ASP A 113 13.61 -13.80 55.78
C ASP A 113 14.27 -13.49 54.42
N ILE A 114 13.68 -13.96 53.33
CA ILE A 114 14.15 -13.72 51.92
C ILE A 114 14.00 -12.22 51.61
N VAL A 115 12.77 -11.70 51.71
CA VAL A 115 12.41 -10.30 51.34
C VAL A 115 13.32 -9.34 52.10
N GLN A 116 13.27 -9.40 53.44
CA GLN A 116 13.86 -8.38 54.37
C GLN A 116 15.38 -8.56 54.51
N ASN A 117 15.87 -9.77 54.80
CA ASN A 117 17.25 -10.02 55.30
C ASN A 117 18.14 -10.64 54.20
N CYS A 118 17.99 -10.18 52.96
CA CYS A 118 18.65 -10.79 51.77
C CYS A 118 20.15 -10.49 51.76
N SER A 119 20.99 -11.48 52.08
CA SER A 119 22.49 -11.40 52.16
C SER A 119 23.08 -10.45 51.12
N LEU A 120 22.80 -10.66 49.82
CA LEU A 120 23.46 -9.96 48.67
C LEU A 120 24.99 -10.00 48.82
N GLU A 121 25.57 -11.21 48.98
CA GLU A 121 27.03 -11.46 49.17
C GLU A 121 27.80 -10.93 47.96
N ASP A 122 29.08 -10.56 48.14
CA ASP A 122 29.94 -9.89 47.12
C ASP A 122 30.37 -10.91 46.05
N SER A 123 30.81 -12.09 46.47
CA SER A 123 31.19 -13.23 45.60
C SER A 123 29.94 -13.72 44.85
N GLN A 124 28.79 -13.72 45.53
CA GLN A 124 27.50 -14.28 45.03
C GLN A 124 26.93 -13.36 43.95
N ILE A 125 27.23 -12.06 44.02
CA ILE A 125 26.89 -11.09 42.94
C ILE A 125 27.69 -11.46 41.69
N GLU A 126 29.03 -11.46 41.79
CA GLU A 126 29.96 -11.68 40.66
C GLU A 126 29.66 -13.02 39.97
N LYS A 127 29.19 -14.02 40.74
CA LYS A 127 28.72 -15.34 40.22
C LYS A 127 27.46 -15.12 39.38
N GLU A 128 26.40 -14.58 39.99
CA GLU A 128 25.05 -14.41 39.37
C GLU A 128 25.12 -13.42 38.21
N ARG A 129 26.19 -12.61 38.13
CA ARG A 129 26.44 -11.69 36.98
C ARG A 129 26.53 -12.51 35.68
N ASP A 130 27.48 -13.45 35.61
CA ASP A 130 27.79 -14.26 34.39
C ASP A 130 26.61 -15.19 34.09
N VAL A 131 25.80 -15.53 35.10
CA VAL A 131 24.57 -16.36 34.96
C VAL A 131 23.55 -15.61 34.11
N ILE A 132 23.22 -14.38 34.50
CA ILE A 132 22.25 -13.53 33.76
C ILE A 132 22.76 -13.32 32.34
N LEU A 133 24.07 -13.09 32.17
CA LEU A 133 24.71 -12.82 30.85
C LEU A 133 24.52 -14.01 29.89
N GLN A 134 24.47 -15.24 30.39
CA GLN A 134 24.26 -16.45 29.54
C GLN A 134 22.77 -16.67 29.29
N GLU A 135 21.89 -16.23 30.19
CA GLU A 135 20.41 -16.28 30.02
C GLU A 135 20.02 -15.34 28.87
N LEU A 136 20.64 -14.15 28.84
CA LEU A 136 20.47 -13.13 27.77
C LEU A 136 20.76 -13.76 26.40
N GLN A 137 21.75 -14.65 26.36
CA GLN A 137 22.18 -15.37 25.12
C GLN A 137 21.17 -16.47 24.77
N GLU A 138 20.61 -17.15 25.77
CA GLU A 138 19.57 -18.18 25.58
C GLU A 138 18.30 -17.49 25.07
N ASN A 139 17.84 -16.44 25.76
CA ASN A 139 16.66 -15.61 25.39
C ASN A 139 16.78 -15.10 23.94
N ASP A 140 18.01 -14.87 23.45
CA ASP A 140 18.31 -14.38 22.08
C ASP A 140 17.89 -15.42 21.03
N THR A 141 17.82 -16.70 21.41
CA THR A 141 17.51 -17.84 20.51
C THR A 141 15.99 -18.08 20.44
N SER A 142 15.24 -17.45 21.34
CA SER A 142 13.76 -17.57 21.46
C SER A 142 13.09 -16.46 20.65
N MET A 143 12.72 -16.74 19.40
CA MET A 143 12.08 -15.75 18.47
C MET A 143 10.88 -15.10 19.16
N ARG A 144 10.08 -15.87 19.90
CA ARG A 144 8.88 -15.40 20.64
C ARG A 144 9.30 -14.30 21.61
N ASP A 145 10.22 -14.61 22.53
CA ASP A 145 10.73 -13.65 23.55
C ASP A 145 11.19 -12.36 22.86
N VAL A 146 11.95 -12.50 21.76
CA VAL A 146 12.61 -11.37 21.02
C VAL A 146 11.53 -10.47 20.43
N VAL A 147 10.54 -11.03 19.73
CA VAL A 147 9.55 -10.24 18.94
C VAL A 147 8.67 -9.43 19.91
N PHE A 148 8.32 -10.00 21.07
CA PHE A 148 7.43 -9.39 22.09
C PHE A 148 8.16 -8.23 22.79
N ASN A 149 9.42 -8.47 23.17
CA ASN A 149 10.33 -7.40 23.69
C ASN A 149 10.35 -6.26 22.66
N TYR A 150 10.51 -6.57 21.38
CA TYR A 150 10.53 -5.58 20.26
C TYR A 150 9.18 -4.84 20.20
N LEU A 151 8.05 -5.52 20.47
CA LEU A 151 6.69 -4.91 20.42
C LEU A 151 6.59 -3.79 21.46
N HIS A 152 6.87 -4.13 22.73
CA HIS A 152 6.95 -3.20 23.88
C HIS A 152 7.83 -2.00 23.50
N ALA A 153 9.05 -2.28 23.04
CA ALA A 153 10.14 -1.31 22.78
C ALA A 153 9.65 -0.19 21.85
N THR A 154 9.05 -0.53 20.70
CA THR A 154 8.55 0.42 19.68
C THR A 154 7.18 0.98 20.11
N ALA A 155 6.34 0.13 20.73
CA ALA A 155 4.93 0.46 21.12
C ALA A 155 4.95 1.61 22.13
N PHE A 156 5.79 1.50 23.17
CA PHE A 156 5.98 2.48 24.27
C PHE A 156 7.35 3.16 24.18
N GLN A 157 7.77 3.49 22.96
CA GLN A 157 9.13 4.02 22.67
C GLN A 157 9.36 5.33 23.43
N GLY A 158 10.55 5.46 24.01
CA GLY A 158 10.96 6.63 24.81
C GLY A 158 10.27 6.69 26.16
N THR A 159 9.85 5.56 26.74
CA THR A 159 9.27 5.52 28.12
C THR A 159 9.98 4.42 28.91
N PRO A 160 9.55 4.17 30.18
CA PRO A 160 9.98 2.99 30.94
C PRO A 160 9.30 1.66 30.57
N LEU A 161 8.22 1.66 29.80
CA LEU A 161 7.53 0.39 29.41
C LEU A 161 8.24 -0.23 28.21
N ALA A 162 8.97 0.57 27.43
CA ALA A 162 9.82 0.10 26.31
C ALA A 162 11.05 -0.67 26.82
N GLN A 163 11.33 -0.57 28.13
CA GLN A 163 12.47 -1.26 28.80
C GLN A 163 12.13 -2.73 29.01
N SER A 164 13.11 -3.61 28.72
CA SER A 164 13.08 -5.06 29.04
C SER A 164 13.17 -5.24 30.56
N VAL A 165 12.73 -6.40 31.03
CA VAL A 165 12.79 -6.80 32.46
C VAL A 165 14.24 -7.20 32.77
N GLU A 166 14.92 -7.88 31.84
CA GLU A 166 16.29 -8.43 32.06
C GLU A 166 17.30 -7.26 32.10
N GLY A 167 17.01 -6.16 31.39
CA GLY A 167 17.90 -4.98 31.29
C GLY A 167 19.00 -5.20 30.26
N PRO A 168 19.70 -4.15 29.77
CA PRO A 168 20.74 -4.32 28.76
C PRO A 168 21.98 -4.97 29.35
N SER A 169 22.77 -5.63 28.50
CA SER A 169 23.97 -6.42 28.88
C SER A 169 24.97 -5.50 29.59
N GLU A 170 25.11 -4.26 29.11
CA GLU A 170 25.99 -3.23 29.72
C GLU A 170 25.68 -3.07 31.22
N ASN A 171 24.39 -2.95 31.58
CA ASN A 171 23.89 -2.71 32.97
C ASN A 171 24.14 -3.94 33.85
N VAL A 172 23.81 -5.14 33.38
CA VAL A 172 24.04 -6.41 34.14
C VAL A 172 25.53 -6.49 34.50
N ARG A 173 26.41 -6.04 33.61
CA ARG A 173 27.89 -6.17 33.73
C ARG A 173 28.45 -5.14 34.74
N LYS A 174 27.75 -4.02 35.00
CA LYS A 174 28.26 -2.88 35.80
C LYS A 174 27.49 -2.68 37.13
N LEU A 175 26.23 -3.10 37.22
CA LEU A 175 25.40 -2.92 38.45
C LEU A 175 26.18 -3.40 39.67
N SER A 176 26.40 -2.51 40.65
CA SER A 176 27.13 -2.79 41.92
C SER A 176 26.13 -3.07 43.05
N ARG A 177 26.62 -3.59 44.18
CA ARG A 177 25.80 -4.01 45.35
C ARG A 177 25.18 -2.80 46.05
N ALA A 178 25.71 -1.60 45.77
CA ALA A 178 25.15 -0.29 46.19
C ALA A 178 23.79 -0.06 45.53
N ASP A 179 23.71 -0.28 44.21
CA ASP A 179 22.50 -0.03 43.37
C ASP A 179 21.37 -0.98 43.77
N LEU A 180 21.71 -2.25 44.02
CA LEU A 180 20.72 -3.33 44.33
C LEU A 180 20.02 -3.02 45.65
N THR A 181 20.78 -2.66 46.70
CA THR A 181 20.26 -2.32 48.06
C THR A 181 19.45 -1.02 47.98
N GLU A 182 19.93 -0.06 47.20
CA GLU A 182 19.25 1.24 46.98
C GLU A 182 17.88 0.99 46.34
N TYR A 183 17.87 0.20 45.26
CA TYR A 183 16.62 -0.21 44.54
C TYR A 183 15.61 -0.75 45.54
N LEU A 184 16.06 -1.69 46.39
CA LEU A 184 15.21 -2.48 47.33
C LEU A 184 14.54 -1.53 48.32
N SER A 185 15.33 -0.73 49.05
CA SER A 185 14.83 0.17 50.13
C SER A 185 13.82 1.18 49.57
N ARG A 186 13.93 1.51 48.28
CA ARG A 186 13.04 2.49 47.61
C ARG A 186 11.69 1.84 47.27
N HIS A 187 11.68 0.63 46.70
CA HIS A 187 10.51 0.02 46.02
C HIS A 187 9.80 -1.01 46.92
N TYR A 188 10.53 -1.76 47.75
CA TYR A 188 9.99 -2.85 48.61
C TYR A 188 9.46 -2.27 49.92
N LYS A 189 8.23 -1.73 49.93
CA LYS A 189 7.63 -1.04 51.11
C LYS A 189 6.24 -1.63 51.36
N ALA A 190 5.85 -1.76 52.63
CA ALA A 190 4.61 -2.40 53.10
C ALA A 190 3.40 -2.00 52.25
N PRO A 191 3.13 -0.70 52.01
CA PRO A 191 1.94 -0.31 51.25
C PRO A 191 1.99 -0.71 49.76
N ARG A 192 3.18 -1.03 49.23
CA ARG A 192 3.35 -1.53 47.85
C ARG A 192 3.21 -3.06 47.80
N MET A 193 3.12 -3.75 48.96
CA MET A 193 3.30 -5.22 49.07
C MET A 193 2.04 -5.89 49.65
N VAL A 194 1.74 -7.10 49.16
CA VAL A 194 0.58 -7.93 49.60
C VAL A 194 1.08 -9.35 49.91
N LEU A 195 0.76 -9.86 51.10
CA LEU A 195 0.97 -11.27 51.49
C LEU A 195 -0.33 -12.02 51.21
N ALA A 196 -0.29 -12.96 50.28
CA ALA A 196 -1.47 -13.71 49.81
C ALA A 196 -1.25 -15.17 50.16
N ALA A 197 -2.32 -15.89 50.49
CA ALA A 197 -2.28 -17.33 50.81
C ALA A 197 -3.60 -17.99 50.44
N ALA A 198 -3.53 -19.26 50.07
CA ALA A 198 -4.68 -20.13 49.75
C ALA A 198 -4.31 -21.57 50.08
N GLY A 199 -5.31 -22.33 50.55
CA GLY A 199 -5.19 -23.73 51.00
C GLY A 199 -5.89 -23.92 52.33
N GLY A 200 -5.51 -24.96 53.08
CA GLY A 200 -5.99 -25.20 54.46
C GLY A 200 -5.29 -24.27 55.44
N LEU A 201 -5.87 -23.11 55.72
CA LEU A 201 -5.29 -22.09 56.64
C LEU A 201 -6.38 -21.15 57.17
N GLU A 202 -6.30 -20.79 58.45
CA GLU A 202 -7.20 -19.84 59.14
C GLU A 202 -6.68 -18.41 58.88
N HIS A 203 -7.50 -17.55 58.27
CA HIS A 203 -7.15 -16.14 57.92
C HIS A 203 -6.60 -15.41 59.14
N ARG A 204 -7.24 -15.60 60.29
CA ARG A 204 -6.83 -15.04 61.60
C ARG A 204 -5.35 -15.37 61.84
N GLN A 205 -4.96 -16.63 61.57
CA GLN A 205 -3.59 -17.16 61.83
C GLN A 205 -2.57 -16.46 60.94
N LEU A 206 -2.85 -16.37 59.64
CA LEU A 206 -1.97 -15.69 58.64
C LEU A 206 -1.69 -14.26 59.12
N LEU A 207 -2.74 -13.53 59.51
CA LEU A 207 -2.66 -12.09 59.90
C LEU A 207 -1.71 -11.92 61.09
N ASP A 208 -1.70 -12.88 62.01
CA ASP A 208 -0.84 -12.85 63.22
C ASP A 208 0.59 -13.19 62.80
N LEU A 209 0.78 -14.24 61.99
CA LEU A 209 2.11 -14.64 61.46
C LEU A 209 2.76 -13.46 60.73
N ALA A 210 1.95 -12.68 60.01
CA ALA A 210 2.35 -11.47 59.26
C ALA A 210 2.94 -10.44 60.24
N GLN A 211 2.20 -10.17 61.31
CA GLN A 211 2.67 -9.34 62.47
C GLN A 211 4.07 -9.80 62.89
N LYS A 212 4.27 -11.11 63.13
CA LYS A 212 5.49 -11.68 63.78
C LYS A 212 6.73 -11.51 62.89
N HIS A 213 6.59 -11.45 61.57
CA HIS A 213 7.76 -11.52 60.65
C HIS A 213 7.85 -10.30 59.73
N PHE A 214 6.73 -9.66 59.37
CA PHE A 214 6.68 -8.57 58.37
C PHE A 214 6.40 -7.20 59.03
N SER A 215 6.56 -7.09 60.34
CA SER A 215 6.28 -5.84 61.11
C SER A 215 7.36 -4.78 60.81
N GLY A 216 8.59 -5.21 60.49
CA GLY A 216 9.77 -4.35 60.29
C GLY A 216 9.75 -3.66 58.93
N LEU A 217 8.86 -4.13 58.05
CA LEU A 217 8.63 -3.55 56.70
C LEU A 217 8.29 -2.06 56.83
N SER A 218 9.01 -1.20 56.08
CA SER A 218 8.89 0.28 56.09
C SER A 218 7.62 0.74 55.36
N GLY A 219 7.01 1.83 55.84
CA GLY A 219 5.85 2.50 55.21
C GLY A 219 6.19 3.93 54.81
N THR A 225 9.42 12.32 46.54
CA THR A 225 10.11 11.26 47.32
C THR A 225 9.45 9.87 47.10
N VAL A 226 8.14 9.81 46.79
CA VAL A 226 7.35 8.54 46.64
C VAL A 226 7.29 8.12 45.16
N PRO A 227 7.68 6.87 44.80
CA PRO A 227 7.63 6.41 43.41
C PRO A 227 6.23 6.35 42.75
N THR A 228 5.90 7.37 41.94
CA THR A 228 4.62 7.49 41.19
C THR A 228 4.89 7.18 39.71
N LEU A 229 4.10 6.29 39.11
CA LEU A 229 4.22 5.91 37.68
C LEU A 229 3.67 7.06 36.82
N SER A 230 4.51 7.66 35.99
CA SER A 230 4.06 8.52 34.86
C SER A 230 3.23 7.64 33.92
N PRO A 231 2.19 8.18 33.25
CA PRO A 231 1.56 7.48 32.13
C PRO A 231 2.60 7.18 31.05
N CYS A 232 2.31 6.26 30.12
CA CYS A 232 3.25 5.86 29.03
C CYS A 232 2.63 6.09 27.65
N ARG A 233 3.38 6.84 26.83
CA ARG A 233 3.00 7.28 25.46
C ARG A 233 3.12 6.11 24.47
N PHE A 234 1.98 5.69 23.92
CA PHE A 234 1.87 4.73 22.80
C PHE A 234 2.18 5.46 21.49
N THR A 235 3.00 4.82 20.64
CA THR A 235 3.35 5.29 19.28
C THR A 235 3.00 4.22 18.25
N GLY A 236 2.27 4.62 17.19
CA GLY A 236 2.09 3.80 15.99
C GLY A 236 3.40 3.66 15.24
N SER A 237 4.09 2.52 15.41
CA SER A 237 5.45 2.28 14.89
C SER A 237 5.58 0.85 14.35
N GLN A 238 6.69 0.59 13.64
CA GLN A 238 7.10 -0.73 13.09
C GLN A 238 8.56 -0.96 13.51
N ILE A 239 8.88 -2.15 14.01
CA ILE A 239 10.29 -2.60 14.19
C ILE A 239 10.45 -3.91 13.40
N CYS A 240 11.40 -3.94 12.47
CA CYS A 240 11.59 -5.05 11.50
C CYS A 240 13.05 -5.50 11.46
N HIS A 241 13.32 -6.61 12.16
CA HIS A 241 14.64 -7.25 12.28
C HIS A 241 14.69 -8.41 11.28
N ARG A 242 15.31 -8.16 10.14
CA ARG A 242 15.27 -9.04 8.94
C ARG A 242 16.43 -10.02 9.09
N GLU A 243 16.10 -11.31 9.13
CA GLU A 243 17.06 -12.41 9.34
C GLU A 243 16.58 -13.61 8.50
N ASP A 244 16.95 -13.59 7.21
CA ASP A 244 16.63 -14.69 6.26
C ASP A 244 17.40 -15.95 6.65
N GLY A 245 18.08 -15.95 7.79
CA GLY A 245 18.77 -17.14 8.33
C GLY A 245 17.82 -18.10 9.02
N LEU A 246 16.83 -17.56 9.73
CA LEU A 246 15.87 -18.35 10.56
C LEU A 246 14.76 -18.89 9.69
N PRO A 247 14.26 -20.10 10.00
CA PRO A 247 13.39 -20.82 9.08
C PRO A 247 11.96 -20.28 9.01
N LEU A 248 11.37 -19.89 10.15
CA LEU A 248 10.00 -19.33 10.24
C LEU A 248 10.05 -17.87 10.75
N ALA A 249 9.00 -17.10 10.42
CA ALA A 249 8.85 -15.66 10.74
C ALA A 249 7.89 -15.48 11.92
N HIS A 250 8.33 -14.71 12.93
CA HIS A 250 7.49 -14.24 14.07
C HIS A 250 7.02 -12.80 13.83
N VAL A 251 5.71 -12.57 14.00
CA VAL A 251 5.07 -11.22 13.86
C VAL A 251 4.16 -10.96 15.08
N ALA A 252 4.33 -9.80 15.73
CA ALA A 252 3.46 -9.32 16.83
C ALA A 252 2.92 -7.92 16.50
N ILE A 253 1.59 -7.78 16.42
CA ILE A 253 0.86 -6.52 16.10
C ILE A 253 -0.14 -6.22 17.22
N ALA A 254 -0.23 -4.96 17.65
CA ALA A 254 -1.13 -4.52 18.74
C ALA A 254 -1.54 -3.04 18.58
N VAL A 255 -2.73 -2.73 19.08
CA VAL A 255 -3.25 -1.35 19.29
C VAL A 255 -3.21 -1.05 20.80
N GLU A 256 -3.29 0.23 21.18
CA GLU A 256 -3.25 0.66 22.61
C GLU A 256 -4.53 0.17 23.30
N GLY A 257 -4.35 -0.61 24.36
CA GLY A 257 -5.44 -1.10 25.23
C GLY A 257 -5.71 -0.18 26.43
N PRO A 258 -6.79 -0.42 27.20
CA PRO A 258 -7.27 0.54 28.19
C PRO A 258 -6.52 0.54 29.55
N GLY A 259 -6.11 -0.65 30.02
CA GLY A 259 -5.37 -0.82 31.28
C GLY A 259 -6.19 -1.58 32.30
N TRP A 260 -5.54 -1.94 33.41
CA TRP A 260 -6.01 -2.92 34.42
C TRP A 260 -7.44 -2.61 34.87
N ALA A 261 -7.70 -1.37 35.24
CA ALA A 261 -8.92 -0.96 35.96
C ALA A 261 -10.13 -1.05 35.03
N HIS A 262 -9.97 -0.73 33.74
CA HIS A 262 -11.05 -0.39 32.79
C HIS A 262 -12.04 -1.54 32.59
N PRO A 263 -13.36 -1.31 32.72
CA PRO A 263 -14.37 -2.37 32.54
C PRO A 263 -14.49 -2.95 31.12
N ASP A 264 -14.12 -2.16 30.09
CA ASP A 264 -14.08 -2.58 28.68
C ASP A 264 -13.32 -3.90 28.53
N ASN A 265 -12.32 -4.15 29.39
CA ASN A 265 -11.42 -5.33 29.29
C ASN A 265 -12.23 -6.64 29.22
N VAL A 266 -13.35 -6.72 29.94
CA VAL A 266 -14.27 -7.92 29.95
C VAL A 266 -14.81 -8.19 28.54
N ALA A 267 -15.36 -7.17 27.86
CA ALA A 267 -15.92 -7.26 26.50
C ALA A 267 -14.79 -7.61 25.52
N LEU A 268 -13.63 -6.98 25.66
CA LEU A 268 -12.44 -7.23 24.79
C LEU A 268 -12.02 -8.70 24.89
N GLN A 269 -12.02 -9.26 26.10
CA GLN A 269 -11.70 -10.70 26.33
C GLN A 269 -12.67 -11.58 25.54
N VAL A 270 -13.97 -11.23 25.54
CA VAL A 270 -15.06 -11.95 24.81
C VAL A 270 -14.74 -11.98 23.31
N ALA A 271 -14.18 -10.90 22.77
CA ALA A 271 -13.89 -10.76 21.33
C ALA A 271 -12.62 -11.52 20.97
N ASN A 272 -11.58 -11.40 21.82
CA ASN A 272 -10.32 -12.18 21.71
C ASN A 272 -10.63 -13.68 21.78
N ALA A 273 -11.72 -14.05 22.46
CA ALA A 273 -12.18 -15.45 22.63
C ALA A 273 -12.83 -15.92 21.33
N ILE A 274 -13.50 -15.03 20.59
CA ILE A 274 -14.17 -15.43 19.31
C ILE A 274 -13.08 -15.79 18.29
N ILE A 275 -12.12 -14.89 18.07
CA ILE A 275 -10.95 -15.09 17.14
C ILE A 275 -10.08 -16.21 17.72
N GLY A 276 -9.81 -16.16 19.03
CA GLY A 276 -9.21 -17.26 19.80
C GLY A 276 -7.77 -17.54 19.42
N HIS A 277 -7.43 -18.83 19.24
CA HIS A 277 -6.03 -19.30 19.05
C HIS A 277 -6.03 -20.67 18.36
N TYR A 278 -4.88 -21.00 17.76
CA TYR A 278 -4.63 -22.18 16.90
C TYR A 278 -3.13 -22.51 16.89
N ASP A 279 -2.83 -23.80 16.71
CA ASP A 279 -1.53 -24.32 16.20
C ASP A 279 -1.72 -25.71 15.58
N CYS A 280 -0.68 -26.22 14.91
CA CYS A 280 -0.72 -27.35 13.94
C CYS A 280 -1.08 -28.68 14.64
N THR A 281 -1.32 -28.67 15.96
CA THR A 281 -1.61 -29.88 16.77
C THR A 281 -3.07 -29.87 17.25
N TYR A 282 -3.91 -29.00 16.70
CA TYR A 282 -5.32 -28.80 17.15
C TYR A 282 -6.24 -29.74 16.38
N GLY A 283 -7.08 -30.49 17.11
CA GLY A 283 -7.91 -31.60 16.59
C GLY A 283 -8.93 -31.13 15.56
N GLY A 284 -9.39 -29.87 15.67
CA GLY A 284 -10.53 -29.31 14.93
C GLY A 284 -10.24 -29.11 13.45
N GLY A 285 -9.23 -28.30 13.13
CA GLY A 285 -8.90 -27.91 11.73
C GLY A 285 -10.03 -27.11 11.08
N ALA A 286 -10.49 -27.57 9.91
CA ALA A 286 -11.49 -26.89 9.03
C ALA A 286 -12.75 -26.57 9.84
N HIS A 287 -13.18 -27.53 10.66
CA HIS A 287 -14.49 -27.54 11.37
C HIS A 287 -14.48 -26.62 12.59
N LEU A 288 -13.31 -26.11 12.99
CA LEU A 288 -13.14 -25.10 14.09
C LEU A 288 -14.12 -23.93 13.90
N SER A 289 -14.58 -23.38 15.04
CA SER A 289 -15.60 -22.30 15.15
C SER A 289 -15.02 -20.96 14.67
N SER A 290 -13.83 -20.57 15.15
CA SER A 290 -13.10 -19.35 14.69
C SER A 290 -12.83 -19.46 13.18
N PRO A 291 -13.35 -18.50 12.40
CA PRO A 291 -13.02 -18.39 10.97
C PRO A 291 -11.52 -18.15 10.67
N LEU A 292 -10.79 -17.47 11.58
CA LEU A 292 -9.32 -17.28 11.42
C LEU A 292 -8.65 -18.65 11.52
N ALA A 293 -9.07 -19.44 12.51
CA ALA A 293 -8.50 -20.76 12.85
C ALA A 293 -8.77 -21.77 11.74
N SER A 294 -9.99 -21.82 11.23
CA SER A 294 -10.43 -22.78 10.17
C SER A 294 -9.71 -22.51 8.84
N ILE A 295 -9.52 -21.23 8.52
CA ILE A 295 -8.91 -20.73 7.24
C ILE A 295 -7.40 -20.93 7.28
N ALA A 296 -6.78 -20.55 8.41
CA ALA A 296 -5.36 -20.82 8.73
C ALA A 296 -5.11 -22.32 8.54
N ALA A 297 -5.94 -23.16 9.16
CA ALA A 297 -5.84 -24.64 9.11
C ALA A 297 -5.97 -25.16 7.66
N THR A 298 -7.06 -24.87 6.94
CA THR A 298 -7.32 -25.52 5.61
C THR A 298 -6.24 -25.10 4.59
N ASN A 299 -5.73 -23.87 4.68
CA ASN A 299 -4.81 -23.26 3.69
C ASN A 299 -3.35 -23.36 4.18
N LYS A 300 -3.14 -23.84 5.40
CA LYS A 300 -1.79 -23.98 6.02
C LYS A 300 -1.08 -22.60 5.97
N LEU A 301 -1.77 -21.52 6.37
CA LEU A 301 -1.19 -20.15 6.41
C LEU A 301 -0.10 -20.11 7.49
N CYS A 302 -0.50 -20.33 8.74
CA CYS A 302 0.38 -20.20 9.93
C CYS A 302 0.56 -21.57 10.60
N GLN A 303 1.68 -21.70 11.32
CA GLN A 303 2.03 -22.83 12.23
C GLN A 303 1.27 -22.64 13.55
N SER A 304 1.05 -21.39 13.98
CA SER A 304 0.36 -21.05 15.26
C SER A 304 -0.07 -19.58 15.27
N PHE A 305 -0.94 -19.21 16.22
CA PHE A 305 -1.31 -17.80 16.54
C PHE A 305 -2.07 -17.75 17.87
N GLN A 306 -1.98 -16.62 18.58
CA GLN A 306 -2.87 -16.28 19.71
C GLN A 306 -3.14 -14.77 19.76
N THR A 307 -4.40 -14.40 20.07
CA THR A 307 -4.85 -13.04 20.51
C THR A 307 -4.45 -12.89 21.98
N PHE A 308 -4.18 -11.66 22.48
CA PHE A 308 -3.68 -11.51 23.88
C PHE A 308 -4.56 -10.57 24.73
N ASN A 309 -4.55 -9.26 24.47
CA ASN A 309 -4.93 -8.20 25.45
C ASN A 309 -4.03 -8.22 26.70
N ILE A 310 -2.81 -7.69 26.60
CA ILE A 310 -1.86 -7.39 27.71
C ILE A 310 -2.23 -6.06 28.39
N CYS A 311 -2.21 -6.04 29.73
CA CYS A 311 -2.69 -4.93 30.61
C CYS A 311 -1.56 -4.39 31.51
N TYR A 312 -1.25 -3.10 31.40
CA TYR A 312 -0.44 -2.34 32.38
C TYR A 312 -1.38 -1.36 33.10
N ALA A 313 -0.84 -0.48 33.96
CA ALA A 313 -1.61 0.52 34.74
C ALA A 313 -2.53 1.38 33.83
N ASP A 314 -1.99 2.42 33.22
CA ASP A 314 -2.83 3.43 32.53
C ASP A 314 -2.82 3.12 31.04
N THR A 315 -2.47 1.89 30.64
CA THR A 315 -2.35 1.47 29.20
C THR A 315 -2.21 -0.04 29.06
N GLY A 316 -2.05 -0.55 27.83
CA GLY A 316 -2.00 -1.99 27.50
C GLY A 316 -1.69 -2.27 26.04
N LEU A 317 -1.55 -3.55 25.67
CA LEU A 317 -1.29 -3.99 24.27
C LEU A 317 -2.38 -4.98 23.89
N LEU A 318 -3.27 -4.62 22.98
CA LEU A 318 -4.36 -5.51 22.50
C LEU A 318 -4.11 -5.82 21.02
N GLY A 319 -3.82 -7.09 20.70
CA GLY A 319 -3.62 -7.57 19.31
C GLY A 319 -3.45 -9.09 19.23
N ALA A 320 -2.34 -9.54 18.66
CA ALA A 320 -2.11 -10.95 18.26
C ALA A 320 -0.65 -11.17 17.81
N HIS A 321 -0.13 -12.35 18.12
CA HIS A 321 1.15 -12.90 17.60
C HIS A 321 0.83 -14.07 16.67
N PHE A 322 1.56 -14.21 15.56
CA PHE A 322 1.54 -15.43 14.72
C PHE A 322 2.94 -15.76 14.22
N VAL A 323 3.13 -17.07 14.01
CA VAL A 323 4.35 -17.73 13.46
C VAL A 323 3.92 -18.45 12.17
N CYS A 324 4.67 -18.30 11.07
CA CYS A 324 4.24 -18.81 9.74
C CYS A 324 5.40 -18.84 8.75
N ASP A 325 5.15 -19.57 7.64
CA ASP A 325 6.02 -19.74 6.47
C ASP A 325 6.38 -18.34 5.95
N HIS A 326 7.50 -18.20 5.24
CA HIS A 326 8.02 -16.88 4.77
C HIS A 326 7.08 -16.31 3.69
N MET A 327 6.29 -17.16 3.04
CA MET A 327 5.39 -16.79 1.91
C MET A 327 3.93 -16.61 2.36
N SER A 328 3.64 -16.59 3.67
CA SER A 328 2.27 -16.57 4.22
C SER A 328 1.96 -15.29 5.02
N ILE A 329 2.95 -14.42 5.26
CA ILE A 329 2.81 -13.32 6.25
C ILE A 329 1.67 -12.42 5.77
N ASP A 330 1.79 -11.92 4.54
CA ASP A 330 0.78 -11.07 3.86
C ASP A 330 -0.61 -11.66 4.12
N ASP A 331 -0.84 -12.91 3.70
CA ASP A 331 -2.17 -13.56 3.78
C ASP A 331 -2.63 -13.71 5.24
N MET A 332 -1.74 -14.00 6.19
CA MET A 332 -2.16 -14.13 7.60
C MET A 332 -2.67 -12.77 8.05
N MET A 333 -1.87 -11.72 7.83
CA MET A 333 -2.17 -10.31 8.24
C MET A 333 -3.53 -9.90 7.67
N PHE A 334 -3.82 -10.30 6.43
CA PHE A 334 -5.06 -9.97 5.68
C PHE A 334 -6.29 -10.52 6.40
N VAL A 335 -6.29 -11.82 6.72
CA VAL A 335 -7.44 -12.57 7.30
C VAL A 335 -7.69 -12.11 8.75
N LEU A 336 -6.62 -11.85 9.51
CA LEU A 336 -6.65 -11.38 10.94
C LEU A 336 -7.27 -9.99 11.00
N GLN A 337 -6.71 -9.04 10.24
CA GLN A 337 -7.24 -7.65 10.13
C GLN A 337 -8.72 -7.73 9.71
N GLY A 338 -9.06 -8.61 8.77
CA GLY A 338 -10.44 -8.89 8.36
C GLY A 338 -11.34 -9.20 9.55
N GLN A 339 -10.92 -10.13 10.41
CA GLN A 339 -11.71 -10.59 11.59
C GLN A 339 -11.96 -9.42 12.54
N TRP A 340 -10.91 -8.65 12.87
CA TRP A 340 -11.02 -7.39 13.66
C TRP A 340 -12.15 -6.54 13.09
N MET A 341 -12.07 -6.24 11.79
CA MET A 341 -13.04 -5.35 11.10
C MET A 341 -14.45 -5.96 11.23
N ARG A 342 -14.60 -7.27 10.99
CA ARG A 342 -15.94 -7.93 10.98
C ARG A 342 -16.58 -7.83 12.37
N LEU A 343 -15.80 -7.97 13.44
CA LEU A 343 -16.31 -7.82 14.83
C LEU A 343 -16.76 -6.36 15.03
N CYS A 344 -15.90 -5.40 14.69
CA CYS A 344 -16.13 -3.93 14.84
C CYS A 344 -17.49 -3.55 14.23
N THR A 345 -17.76 -4.03 13.02
CA THR A 345 -18.93 -3.63 12.18
C THR A 345 -20.11 -4.56 12.47
N SER A 346 -19.93 -5.88 12.39
CA SER A 346 -21.04 -6.87 12.27
C SER A 346 -20.75 -8.17 13.02
N ALA A 347 -20.77 -8.13 14.35
CA ALA A 347 -20.70 -9.29 15.27
C ALA A 347 -22.12 -9.82 15.54
N THR A 348 -22.32 -11.14 15.43
CA THR A 348 -23.63 -11.84 15.60
C THR A 348 -23.81 -12.26 17.06
N GLU A 349 -25.07 -12.34 17.53
CA GLU A 349 -25.41 -12.60 18.95
C GLU A 349 -24.88 -13.98 19.35
N SER A 350 -25.10 -14.98 18.50
CA SER A 350 -24.72 -16.40 18.72
C SER A 350 -23.19 -16.53 18.87
N GLU A 351 -22.41 -15.82 18.05
CA GLU A 351 -20.92 -15.94 18.07
C GLU A 351 -20.35 -15.18 19.26
N VAL A 352 -21.11 -14.22 19.81
CA VAL A 352 -20.78 -13.48 21.07
C VAL A 352 -21.19 -14.34 22.27
N LEU A 353 -22.28 -15.09 22.16
CA LEU A 353 -22.70 -16.08 23.20
C LEU A 353 -21.61 -17.14 23.35
N ARG A 354 -21.02 -17.59 22.23
CA ARG A 354 -19.89 -18.57 22.21
C ARG A 354 -18.72 -17.97 22.98
N GLY A 355 -18.20 -16.82 22.53
CA GLY A 355 -17.12 -16.08 23.19
C GLY A 355 -17.37 -15.88 24.68
N LYS A 356 -18.62 -15.58 25.05
CA LYS A 356 -19.05 -15.42 26.46
C LYS A 356 -18.81 -16.74 27.20
N ASN A 357 -19.28 -17.85 26.63
CA ASN A 357 -19.19 -19.21 27.22
C ASN A 357 -17.71 -19.58 27.38
N LEU A 358 -16.89 -19.30 26.37
CA LEU A 358 -15.43 -19.58 26.39
C LEU A 358 -14.82 -18.92 27.62
N LEU A 359 -15.06 -17.61 27.80
CA LEU A 359 -14.48 -16.78 28.89
C LEU A 359 -15.00 -17.26 30.26
N ARG A 360 -16.31 -17.57 30.39
CA ARG A 360 -16.89 -18.16 31.62
C ARG A 360 -16.09 -19.41 31.98
N ASN A 361 -15.87 -20.28 31.00
CA ASN A 361 -15.12 -21.56 31.13
C ASN A 361 -13.62 -21.31 31.37
N ALA A 362 -13.05 -20.24 30.80
CA ALA A 362 -11.59 -19.96 30.81
C ALA A 362 -11.10 -19.72 32.24
N LEU A 363 -11.72 -18.77 32.93
CA LEU A 363 -11.20 -18.22 34.21
C LEU A 363 -11.73 -19.06 35.39
N VAL A 364 -12.79 -19.85 35.20
CA VAL A 364 -13.32 -20.75 36.27
C VAL A 364 -12.41 -22.00 36.38
N SER A 365 -11.81 -22.46 35.29
CA SER A 365 -10.91 -23.64 35.26
C SER A 365 -9.47 -23.23 35.60
N HIS A 366 -9.04 -22.01 35.24
CA HIS A 366 -7.68 -21.49 35.55
C HIS A 366 -7.44 -21.56 37.07
N LEU A 367 -8.43 -21.10 37.85
CA LEU A 367 -8.39 -21.06 39.34
C LEU A 367 -8.65 -22.47 39.89
N ASP A 368 -7.70 -23.39 39.66
CA ASP A 368 -7.74 -24.85 40.00
C ASP A 368 -6.40 -25.19 40.62
N GLY A 369 -6.40 -25.53 41.91
CA GLY A 369 -5.18 -25.68 42.73
C GLY A 369 -4.94 -24.43 43.54
N THR A 370 -4.11 -24.53 44.58
CA THR A 370 -3.93 -23.44 45.57
C THR A 370 -2.96 -22.38 45.04
N THR A 371 -2.12 -22.70 44.04
CA THR A 371 -1.10 -21.77 43.47
C THR A 371 -1.77 -20.72 42.60
N PRO A 372 -2.51 -21.06 41.52
CA PRO A 372 -3.16 -20.05 40.69
C PRO A 372 -4.18 -19.19 41.47
N VAL A 373 -4.78 -19.72 42.54
CA VAL A 373 -5.76 -18.97 43.39
C VAL A 373 -4.98 -17.98 44.27
N CYS A 374 -3.82 -18.39 44.80
CA CYS A 374 -2.93 -17.54 45.63
C CYS A 374 -2.47 -16.31 44.83
N GLU A 375 -2.09 -16.52 43.56
CA GLU A 375 -1.55 -15.49 42.64
C GLU A 375 -2.67 -14.51 42.25
N ASP A 376 -3.88 -15.02 42.07
CA ASP A 376 -5.09 -14.20 41.75
C ASP A 376 -5.31 -13.22 42.90
N ILE A 377 -5.21 -13.68 44.14
CA ILE A 377 -5.39 -12.83 45.36
C ILE A 377 -4.26 -11.80 45.40
N GLY A 378 -3.01 -12.27 45.38
CA GLY A 378 -1.79 -11.46 45.40
C GLY A 378 -1.87 -10.29 44.43
N ARG A 379 -2.11 -10.57 43.15
CA ARG A 379 -1.98 -9.56 42.06
C ARG A 379 -3.25 -8.73 41.93
N SER A 380 -4.44 -9.30 42.13
CA SER A 380 -5.75 -8.59 42.09
C SER A 380 -5.72 -7.40 43.05
N LEU A 381 -5.22 -7.61 44.27
CA LEU A 381 -5.06 -6.56 45.31
C LEU A 381 -4.20 -5.41 44.75
N LEU A 382 -3.11 -5.72 44.04
CA LEU A 382 -2.16 -4.72 43.47
C LEU A 382 -2.80 -3.97 42.28
N THR A 383 -3.49 -4.66 41.38
CA THR A 383 -4.00 -4.08 40.10
C THR A 383 -5.37 -3.42 40.35
N TYR A 384 -6.31 -4.12 40.99
CA TYR A 384 -7.72 -3.68 41.17
C TYR A 384 -7.95 -3.09 42.58
N GLY A 385 -7.14 -3.49 43.56
CA GLY A 385 -7.31 -3.07 44.97
C GLY A 385 -8.29 -3.97 45.71
N ARG A 386 -8.62 -5.13 45.13
CA ARG A 386 -9.54 -6.15 45.73
C ARG A 386 -9.50 -7.42 44.86
N ARG A 387 -9.89 -8.56 45.42
CA ARG A 387 -10.25 -9.76 44.65
C ARG A 387 -11.65 -9.51 44.08
N ILE A 388 -11.84 -9.79 42.79
CA ILE A 388 -13.16 -9.67 42.11
C ILE A 388 -13.79 -11.07 42.13
N PRO A 389 -14.88 -11.28 42.91
CA PRO A 389 -15.48 -12.62 43.02
C PRO A 389 -16.01 -13.15 41.68
N LEU A 390 -16.04 -14.48 41.53
CA LEU A 390 -16.51 -15.17 40.29
C LEU A 390 -17.90 -14.67 39.91
N ALA A 391 -18.80 -14.53 40.90
CA ALA A 391 -20.21 -14.12 40.71
C ALA A 391 -20.26 -12.78 39.97
N GLU A 392 -19.31 -11.88 40.26
CA GLU A 392 -19.24 -10.52 39.66
C GLU A 392 -18.77 -10.62 38.20
N TRP A 393 -17.72 -11.40 37.93
CA TRP A 393 -17.19 -11.66 36.56
C TRP A 393 -18.33 -12.14 35.65
N GLU A 394 -19.24 -12.99 36.17
CA GLU A 394 -20.41 -13.53 35.43
C GLU A 394 -21.39 -12.40 35.08
N SER A 395 -21.68 -11.51 36.03
CA SER A 395 -22.62 -10.36 35.85
C SER A 395 -22.09 -9.40 34.79
N ARG A 396 -20.78 -9.28 34.64
CA ARG A 396 -20.15 -8.40 33.63
C ARG A 396 -20.14 -9.08 32.26
N ILE A 397 -20.05 -10.42 32.22
CA ILE A 397 -20.04 -11.24 30.98
C ILE A 397 -21.47 -11.33 30.42
N ALA A 398 -22.46 -11.57 31.29
CA ALA A 398 -23.90 -11.65 30.95
C ALA A 398 -24.36 -10.34 30.33
N GLU A 399 -23.87 -9.20 30.84
CA GLU A 399 -24.15 -7.83 30.34
C GLU A 399 -23.80 -7.72 28.85
N VAL A 400 -22.68 -8.30 28.41
CA VAL A 400 -22.13 -8.17 27.01
C VAL A 400 -23.13 -8.83 26.04
N ASP A 401 -23.55 -8.09 25.01
CA ASP A 401 -24.33 -8.59 23.85
C ASP A 401 -23.57 -8.22 22.58
N ALA A 402 -24.16 -8.49 21.41
CA ALA A 402 -23.58 -8.25 20.07
C ALA A 402 -23.36 -6.75 19.85
N ARG A 403 -24.25 -5.93 20.41
CA ARG A 403 -24.15 -4.44 20.37
C ARG A 403 -22.87 -3.99 21.07
N VAL A 404 -22.61 -4.53 22.27
CA VAL A 404 -21.43 -4.15 23.11
C VAL A 404 -20.15 -4.49 22.36
N VAL A 405 -19.99 -5.75 21.93
CA VAL A 405 -18.73 -6.29 21.32
C VAL A 405 -18.35 -5.37 20.14
N ARG A 406 -19.32 -4.98 19.32
CA ARG A 406 -19.15 -4.06 18.18
C ARG A 406 -18.56 -2.73 18.67
N GLU A 407 -19.29 -2.07 19.59
CA GLU A 407 -18.99 -0.69 20.06
C GLU A 407 -17.62 -0.69 20.74
N VAL A 408 -17.35 -1.63 21.65
CA VAL A 408 -16.07 -1.71 22.39
C VAL A 408 -14.94 -1.92 21.38
N CYS A 409 -15.04 -2.94 20.53
CA CYS A 409 -14.03 -3.26 19.49
C CYS A 409 -13.77 -2.02 18.60
N SER A 410 -14.82 -1.35 18.12
CA SER A 410 -14.73 -0.15 17.24
C SER A 410 -13.84 0.93 17.89
N LYS A 411 -13.97 1.13 19.21
CA LYS A 411 -13.20 2.12 20.02
C LYS A 411 -11.70 1.89 19.78
N TYR A 412 -11.21 0.68 20.06
CA TYR A 412 -9.78 0.34 20.17
C TYR A 412 -9.18 -0.10 18.82
N PHE A 413 -9.95 -0.78 17.95
CA PHE A 413 -9.45 -1.37 16.68
C PHE A 413 -9.70 -0.42 15.51
N TYR A 414 -10.95 0.03 15.30
CA TYR A 414 -11.42 0.67 14.04
C TYR A 414 -10.72 2.02 13.82
N ASP A 415 -9.97 2.12 12.71
CA ASP A 415 -9.23 3.31 12.21
C ASP A 415 -8.25 3.83 13.26
N GLN A 416 -7.36 2.95 13.75
CA GLN A 416 -6.36 3.27 14.81
C GLN A 416 -5.00 2.68 14.44
N CYS A 417 -3.92 3.42 14.74
CA CYS A 417 -2.53 3.21 14.27
C CYS A 417 -1.86 2.17 15.17
N PRO A 418 -1.57 0.94 14.69
CA PRO A 418 -1.04 -0.11 15.55
C PRO A 418 0.49 -0.06 15.69
N ALA A 419 1.01 -0.87 16.61
CA ALA A 419 2.44 -1.20 16.78
C ALA A 419 2.74 -2.55 16.12
N VAL A 420 3.78 -2.62 15.28
CA VAL A 420 4.18 -3.86 14.55
C VAL A 420 5.63 -4.25 14.93
N ALA A 421 5.82 -5.52 15.32
CA ALA A 421 7.13 -6.19 15.53
C ALA A 421 7.20 -7.44 14.64
N GLY A 422 8.25 -7.53 13.83
CA GLY A 422 8.54 -8.66 12.92
C GLY A 422 9.98 -9.12 13.05
N PHE A 423 10.21 -10.42 13.03
CA PHE A 423 11.56 -11.03 13.16
C PHE A 423 11.63 -12.28 12.27
N GLY A 424 12.78 -12.50 11.62
CA GLY A 424 13.06 -13.69 10.81
C GLY A 424 12.95 -13.39 9.31
N PRO A 425 12.52 -14.36 8.46
CA PRO A 425 12.41 -14.15 7.02
C PRO A 425 11.16 -13.33 6.62
N ILE A 426 11.20 -12.03 6.87
CA ILE A 426 10.00 -11.15 6.94
C ILE A 426 9.96 -10.22 5.73
N GLU A 427 10.48 -10.65 4.57
CA GLU A 427 10.42 -9.85 3.32
C GLU A 427 8.94 -9.56 2.98
N GLN A 428 8.04 -10.53 3.14
CA GLN A 428 6.63 -10.44 2.69
C GLN A 428 5.83 -9.49 3.59
N LEU A 429 6.16 -9.53 4.88
CA LEU A 429 5.50 -8.77 5.98
C LEU A 429 4.96 -7.45 5.42
N PRO A 430 3.62 -7.23 5.45
CA PRO A 430 3.03 -6.01 4.89
C PRO A 430 3.64 -4.67 5.35
N ASP A 431 3.77 -3.75 4.38
CA ASP A 431 4.21 -2.34 4.58
C ASP A 431 3.26 -1.69 5.59
N TYR A 432 3.77 -0.80 6.45
CA TYR A 432 2.97 -0.19 7.54
C TYR A 432 1.71 0.51 6.98
N ASN A 433 1.84 1.22 5.86
CA ASN A 433 0.67 1.91 5.24
C ASN A 433 -0.38 0.84 4.90
N ARG A 434 0.01 -0.24 4.23
CA ARG A 434 -0.92 -1.34 3.83
C ARG A 434 -1.57 -1.94 5.08
N ILE A 435 -0.81 -2.12 6.16
CA ILE A 435 -1.30 -2.58 7.49
C ILE A 435 -2.30 -1.55 8.04
N ARG A 436 -1.96 -0.25 8.00
CA ARG A 436 -2.78 0.84 8.60
C ARG A 436 -4.09 0.95 7.81
N SER A 437 -4.01 0.82 6.49
CA SER A 437 -5.20 0.88 5.59
C SER A 437 -6.09 -0.34 5.89
N GLY A 438 -5.50 -1.42 6.40
CA GLY A 438 -6.20 -2.66 6.78
C GLY A 438 -7.03 -2.50 8.06
N MET A 439 -7.02 -1.33 8.68
CA MET A 439 -7.68 -1.06 10.00
C MET A 439 -9.03 -0.33 9.82
N PHE A 440 -9.47 -0.11 8.58
CA PHE A 440 -10.84 0.40 8.27
C PHE A 440 -11.37 -0.23 6.98
N TRP A 441 -12.70 -0.23 6.85
CA TRP A 441 -13.47 -0.71 5.68
C TRP A 441 -14.06 0.50 4.92
N LEU A 442 -14.23 0.37 3.60
CA LEU A 442 -14.93 1.36 2.73
C LEU A 442 -16.35 0.86 2.47
N ARG A 443 -17.14 0.73 3.54
CA ARG A 443 -18.59 0.39 3.52
C ARG A 443 -19.25 0.93 4.80
N PHE A 444 -18.82 0.49 5.99
CA PHE A 444 -19.38 0.90 7.31
C PHE A 444 -19.31 2.42 7.46
N HIS B 1 -22.88 -29.05 53.51
CA HIS B 1 -22.87 -30.40 52.85
C HIS B 1 -21.42 -30.87 52.65
N PRO B 2 -20.76 -31.46 53.70
CA PRO B 2 -19.40 -31.97 53.56
C PRO B 2 -19.40 -33.30 52.76
N GLN B 3 -18.71 -33.31 51.61
CA GLN B 3 -18.83 -34.37 50.56
C GLN B 3 -17.51 -35.14 50.40
N ASP B 4 -17.55 -36.48 50.48
CA ASP B 4 -16.41 -37.40 50.19
C ASP B 4 -16.83 -38.42 49.11
N LEU B 5 -15.85 -38.97 48.39
CA LEU B 5 -16.00 -39.71 47.10
C LEU B 5 -17.02 -40.86 47.25
N GLU B 6 -17.74 -41.19 46.19
CA GLU B 6 -18.60 -42.41 46.09
C GLU B 6 -17.93 -43.36 45.11
N PHE B 7 -18.31 -44.65 45.13
CA PHE B 7 -17.69 -45.72 44.32
C PHE B 7 -18.71 -46.83 44.04
N THR B 8 -18.66 -47.39 42.83
CA THR B 8 -19.54 -48.47 42.32
C THR B 8 -18.75 -49.31 41.31
N ARG B 9 -18.76 -50.64 41.46
CA ARG B 9 -18.27 -51.60 40.44
C ARG B 9 -19.48 -52.44 39.99
N LEU B 10 -19.87 -52.29 38.73
CA LEU B 10 -21.00 -53.02 38.11
C LEU B 10 -20.62 -54.49 37.95
N PRO B 11 -21.60 -55.41 37.84
CA PRO B 11 -21.30 -56.83 37.64
C PRO B 11 -20.48 -57.11 36.37
N ASN B 12 -20.63 -56.26 35.35
CA ASN B 12 -19.94 -56.42 34.03
C ASN B 12 -18.49 -55.96 34.13
N GLY B 13 -18.06 -55.48 35.30
CA GLY B 13 -16.65 -55.18 35.62
C GLY B 13 -16.40 -53.69 35.80
N LEU B 14 -17.13 -52.86 35.07
CA LEU B 14 -16.92 -51.40 34.93
C LEU B 14 -16.97 -50.71 36.30
N VAL B 15 -16.11 -49.71 36.52
CA VAL B 15 -16.00 -48.90 37.77
C VAL B 15 -16.59 -47.51 37.54
N ILE B 16 -17.44 -47.03 38.45
CA ILE B 16 -17.96 -45.62 38.48
C ILE B 16 -17.58 -45.02 39.83
N ALA B 17 -16.75 -43.96 39.83
CA ALA B 17 -16.33 -43.20 41.03
C ALA B 17 -16.55 -41.71 40.76
N SER B 18 -17.30 -41.02 41.63
CA SER B 18 -17.73 -39.62 41.42
C SER B 18 -17.94 -38.88 42.75
N LEU B 19 -17.28 -37.74 42.91
CA LEU B 19 -17.46 -36.81 44.05
C LEU B 19 -18.29 -35.63 43.56
N GLU B 20 -19.45 -35.35 44.20
CA GLU B 20 -20.30 -34.16 43.93
C GLU B 20 -19.86 -33.02 44.86
N ASN B 21 -19.09 -32.07 44.34
CA ASN B 21 -18.43 -31.00 45.14
C ASN B 21 -19.11 -29.63 44.89
N TYR B 22 -20.14 -29.59 44.04
CA TYR B 22 -20.96 -28.38 43.76
C TYR B 22 -20.08 -27.23 43.23
N ALA B 23 -19.01 -27.55 42.50
CA ALA B 23 -18.12 -26.56 41.84
C ALA B 23 -18.82 -26.05 40.57
N PRO B 24 -18.43 -24.88 39.99
CA PRO B 24 -19.04 -24.39 38.76
C PRO B 24 -18.71 -25.23 37.51
N ALA B 25 -17.51 -25.83 37.48
CA ALA B 25 -16.97 -26.64 36.34
C ALA B 25 -17.03 -28.14 36.68
N SER B 26 -17.32 -28.98 35.68
CA SER B 26 -17.49 -30.45 35.80
C SER B 26 -16.52 -31.20 34.86
N ARG B 27 -15.49 -31.84 35.41
CA ARG B 27 -14.60 -32.78 34.69
C ARG B 27 -15.27 -34.16 34.69
N ILE B 28 -15.23 -34.89 33.57
CA ILE B 28 -15.61 -36.32 33.44
C ILE B 28 -14.53 -37.03 32.62
N GLY B 29 -14.22 -38.28 32.97
CA GLY B 29 -13.10 -39.04 32.37
C GLY B 29 -13.41 -40.52 32.27
N LEU B 30 -13.31 -41.07 31.06
CA LEU B 30 -13.44 -42.53 30.79
C LEU B 30 -12.04 -43.12 30.58
N PHE B 31 -11.57 -43.86 31.60
CA PHE B 31 -10.23 -44.52 31.65
C PHE B 31 -10.37 -45.96 31.11
N ILE B 32 -9.48 -46.32 30.17
CA ILE B 32 -9.53 -47.59 29.40
C ILE B 32 -8.14 -48.22 29.41
N LYS B 33 -8.07 -49.53 29.67
CA LYS B 33 -6.84 -50.34 29.48
C LYS B 33 -6.62 -50.51 27.96
N ALA B 34 -6.12 -49.47 27.29
CA ALA B 34 -5.88 -49.42 25.83
C ALA B 34 -4.59 -48.64 25.52
N GLY B 35 -3.53 -48.88 26.31
CA GLY B 35 -2.23 -48.22 26.16
C GLY B 35 -1.46 -48.73 24.95
N SER B 36 -0.25 -48.20 24.74
CA SER B 36 0.66 -48.52 23.62
C SER B 36 1.17 -49.95 23.75
N ARG B 37 1.19 -50.49 24.98
CA ARG B 37 1.70 -51.86 25.29
C ARG B 37 0.86 -52.92 24.60
N TYR B 38 -0.43 -52.66 24.31
CA TYR B 38 -1.40 -53.65 23.78
C TYR B 38 -1.34 -53.73 22.26
N GLU B 39 -0.43 -53.00 21.62
CA GLU B 39 -0.10 -53.15 20.17
C GLU B 39 0.88 -54.31 19.99
N ASN B 40 0.62 -55.16 19.00
CA ASN B 40 1.55 -56.25 18.57
C ASN B 40 2.41 -55.70 17.43
N SER B 41 3.31 -56.51 16.88
CA SER B 41 4.30 -56.09 15.83
C SER B 41 3.62 -55.78 14.50
N ASN B 42 2.32 -56.10 14.35
CA ASN B 42 1.56 -55.94 13.07
C ASN B 42 0.84 -54.57 13.01
N ASN B 43 0.39 -54.05 14.15
CA ASN B 43 -0.49 -52.86 14.20
C ASN B 43 0.21 -51.72 14.95
N LEU B 44 1.54 -51.59 14.79
CA LEU B 44 2.36 -50.60 15.56
C LEU B 44 1.88 -49.18 15.21
N GLY B 45 1.69 -48.36 16.24
CA GLY B 45 1.31 -46.94 16.11
C GLY B 45 -0.17 -46.76 15.84
N THR B 46 -0.99 -47.78 16.14
CA THR B 46 -2.46 -47.69 15.98
C THR B 46 -3.00 -46.79 17.12
N SER B 47 -2.56 -47.06 18.35
CA SER B 47 -2.98 -46.30 19.56
C SER B 47 -2.63 -44.81 19.39
N HIS B 48 -1.53 -44.50 18.69
CA HIS B 48 -1.10 -43.11 18.40
C HIS B 48 -2.11 -42.44 17.46
N LEU B 49 -2.52 -43.10 16.35
CA LEU B 49 -3.52 -42.54 15.42
C LEU B 49 -4.88 -42.46 16.12
N LEU B 50 -5.20 -43.43 17.00
CA LEU B 50 -6.51 -43.49 17.71
C LEU B 50 -6.63 -42.28 18.66
N ARG B 51 -5.51 -41.86 19.25
CA ARG B 51 -5.41 -40.68 20.14
C ARG B 51 -5.69 -39.40 19.32
N LEU B 52 -5.24 -39.34 18.07
CA LEU B 52 -5.48 -38.17 17.18
C LEU B 52 -6.93 -38.18 16.63
N ALA B 53 -7.63 -39.31 16.68
CA ALA B 53 -8.82 -39.61 15.84
C ALA B 53 -10.14 -39.21 16.52
N SER B 54 -10.13 -38.85 17.81
CA SER B 54 -11.27 -38.17 18.48
C SER B 54 -11.63 -37.01 17.59
N SER B 55 -12.91 -36.81 17.26
CA SER B 55 -13.44 -35.68 16.43
C SER B 55 -13.64 -36.09 14.98
N LEU B 56 -13.17 -37.28 14.56
CA LEU B 56 -13.68 -37.95 13.33
C LEU B 56 -15.15 -38.30 13.56
N THR B 57 -15.93 -38.41 12.48
CA THR B 57 -17.39 -38.74 12.51
C THR B 57 -17.63 -39.96 13.40
N THR B 58 -18.70 -39.90 14.21
CA THR B 58 -19.31 -41.00 14.99
C THR B 58 -20.71 -41.31 14.41
N LYS B 59 -21.39 -42.32 14.95
CA LYS B 59 -22.75 -42.75 14.50
C LYS B 59 -23.77 -41.70 14.97
N GLY B 60 -23.62 -41.23 16.22
CA GLY B 60 -24.56 -40.28 16.83
C GLY B 60 -24.33 -38.85 16.37
N ALA B 61 -23.08 -38.45 16.13
CA ALA B 61 -22.72 -37.04 15.81
C ALA B 61 -21.68 -36.99 14.68
N SER B 62 -21.81 -36.01 13.77
CA SER B 62 -20.86 -35.75 12.65
C SER B 62 -19.54 -35.19 13.20
N SER B 63 -18.47 -35.26 12.40
CA SER B 63 -17.13 -34.66 12.71
C SER B 63 -17.30 -33.17 13.01
N PHE B 64 -18.13 -32.50 12.22
CA PHE B 64 -18.49 -31.05 12.32
C PHE B 64 -19.18 -30.76 13.66
N LYS B 65 -20.28 -31.46 13.95
CA LYS B 65 -21.16 -31.28 15.13
C LYS B 65 -20.35 -31.52 16.43
N ILE B 66 -19.36 -32.42 16.41
CA ILE B 66 -18.51 -32.69 17.60
C ILE B 66 -17.72 -31.41 17.92
N THR B 67 -17.07 -30.78 16.92
CA THR B 67 -16.19 -29.59 17.11
C THR B 67 -17.06 -28.38 17.46
N ARG B 68 -18.06 -28.09 16.63
CA ARG B 68 -18.96 -26.92 16.80
C ARG B 68 -19.76 -27.09 18.10
N GLY B 69 -20.43 -28.22 18.28
CA GLY B 69 -21.20 -28.51 19.51
C GLY B 69 -20.41 -28.17 20.76
N ILE B 70 -19.16 -28.66 20.85
CA ILE B 70 -18.28 -28.53 22.06
C ILE B 70 -17.85 -27.07 22.19
N GLU B 71 -17.22 -26.51 21.16
CA GLU B 71 -16.69 -25.11 21.18
C GLU B 71 -17.81 -24.15 21.58
N ALA B 72 -19.07 -24.47 21.23
CA ALA B 72 -20.27 -23.62 21.39
C ALA B 72 -20.49 -23.27 22.86
N VAL B 73 -20.36 -24.28 23.73
CA VAL B 73 -20.58 -24.17 25.21
C VAL B 73 -19.24 -24.02 25.94
N GLY B 74 -18.21 -23.51 25.23
CA GLY B 74 -16.90 -23.10 25.77
C GLY B 74 -16.10 -24.27 26.35
N GLY B 75 -16.27 -25.47 25.81
CA GLY B 75 -15.79 -26.74 26.39
C GLY B 75 -14.41 -27.15 25.89
N LYS B 76 -14.10 -28.46 25.94
CA LYS B 76 -12.79 -29.05 25.60
C LYS B 76 -12.90 -30.59 25.59
N LEU B 77 -12.20 -31.26 24.68
CA LEU B 77 -12.12 -32.75 24.62
C LEU B 77 -10.68 -33.17 24.35
N SER B 78 -10.08 -33.87 25.31
CA SER B 78 -8.64 -34.26 25.37
C SER B 78 -8.52 -35.80 25.47
N VAL B 79 -7.55 -36.38 24.77
CA VAL B 79 -7.21 -37.83 24.85
C VAL B 79 -5.79 -37.91 25.39
N THR B 80 -5.55 -38.76 26.41
CA THR B 80 -4.24 -38.98 27.07
C THR B 80 -3.88 -40.48 27.08
N SER B 81 -2.72 -40.82 26.52
CA SER B 81 -2.15 -42.19 26.42
C SER B 81 -0.94 -42.31 27.35
N THR B 82 -0.91 -43.32 28.22
CA THR B 82 0.33 -43.87 28.82
C THR B 82 0.66 -45.17 28.08
N ARG B 83 1.71 -45.87 28.53
CA ARG B 83 2.08 -47.18 27.94
C ARG B 83 1.00 -48.21 28.27
N GLU B 84 0.16 -47.96 29.29
CA GLU B 84 -0.82 -48.97 29.77
C GLU B 84 -2.28 -48.52 29.62
N ASN B 85 -2.57 -47.22 29.66
CA ASN B 85 -3.98 -46.76 29.63
C ASN B 85 -4.20 -45.70 28.56
N MET B 86 -5.48 -45.44 28.29
CA MET B 86 -5.98 -44.30 27.48
C MET B 86 -7.08 -43.60 28.29
N ALA B 87 -7.07 -42.26 28.29
CA ALA B 87 -7.99 -41.44 29.10
C ALA B 87 -8.62 -40.33 28.22
N TYR B 88 -9.90 -40.48 27.91
CA TYR B 88 -10.74 -39.48 27.20
C TYR B 88 -11.42 -38.60 28.25
N THR B 89 -11.09 -37.32 28.28
CA THR B 89 -11.48 -36.31 29.31
C THR B 89 -12.31 -35.18 28.67
N VAL B 90 -13.35 -34.68 29.34
CA VAL B 90 -14.20 -33.55 28.86
C VAL B 90 -14.36 -32.54 29.99
N GLU B 91 -14.16 -31.26 29.70
CA GLU B 91 -14.36 -30.09 30.61
C GLU B 91 -15.52 -29.24 30.09
N CYS B 92 -16.33 -28.68 31.02
CA CYS B 92 -17.36 -27.65 30.72
C CYS B 92 -17.92 -27.07 32.03
N LEU B 93 -18.84 -26.10 31.90
CA LEU B 93 -19.70 -25.61 33.02
C LEU B 93 -20.76 -26.68 33.31
N ARG B 94 -21.24 -26.76 34.56
CA ARG B 94 -22.02 -27.92 35.08
C ARG B 94 -23.41 -28.00 34.43
N ASP B 95 -23.82 -27.00 33.63
CA ASP B 95 -25.14 -26.98 32.93
C ASP B 95 -25.07 -27.76 31.61
N ASP B 96 -23.85 -27.99 31.09
CA ASP B 96 -23.62 -28.57 29.74
C ASP B 96 -22.97 -29.96 29.86
N VAL B 97 -22.98 -30.58 31.05
CA VAL B 97 -22.31 -31.91 31.30
C VAL B 97 -22.91 -32.95 30.35
N ASP B 98 -24.23 -33.00 30.25
CA ASP B 98 -24.98 -34.04 29.49
C ASP B 98 -24.82 -33.79 27.99
N ILE B 99 -24.40 -32.58 27.57
CA ILE B 99 -24.08 -32.29 26.14
C ILE B 99 -22.69 -32.87 25.85
N LEU B 100 -21.71 -32.65 26.73
CA LEU B 100 -20.33 -33.20 26.60
C LEU B 100 -20.36 -34.72 26.77
N MET B 101 -21.18 -35.23 27.69
CA MET B 101 -21.31 -36.69 27.99
C MET B 101 -21.76 -37.40 26.72
N GLU B 102 -22.78 -36.88 26.02
CA GLU B 102 -23.30 -37.44 24.74
C GLU B 102 -22.13 -37.60 23.77
N PHE B 103 -21.26 -36.58 23.69
CA PHE B 103 -20.10 -36.51 22.76
C PHE B 103 -19.03 -37.51 23.20
N LEU B 104 -18.75 -37.59 24.49
CA LEU B 104 -17.77 -38.56 25.05
C LEU B 104 -18.16 -39.98 24.63
N LEU B 105 -19.42 -40.37 24.85
CA LEU B 105 -19.98 -41.74 24.58
C LEU B 105 -19.81 -42.09 23.10
N ASN B 106 -20.31 -41.20 22.23
CA ASN B 106 -20.24 -41.32 20.74
C ASN B 106 -18.78 -41.55 20.32
N VAL B 107 -17.85 -40.71 20.80
CA VAL B 107 -16.39 -40.75 20.45
C VAL B 107 -15.84 -42.15 20.83
N THR B 108 -16.18 -42.67 22.02
CA THR B 108 -15.55 -43.86 22.63
C THR B 108 -16.30 -45.16 22.32
N THR B 109 -17.63 -45.17 22.16
CA THR B 109 -18.39 -46.44 21.96
C THR B 109 -18.65 -46.69 20.46
N ALA B 110 -18.88 -45.65 19.64
CA ALA B 110 -19.35 -45.85 18.23
C ALA B 110 -18.72 -44.87 17.25
N PRO B 111 -17.37 -44.84 17.10
CA PRO B 111 -16.75 -44.09 16.01
C PRO B 111 -16.91 -44.87 14.70
N GLU B 112 -17.03 -44.16 13.57
CA GLU B 112 -17.28 -44.77 12.23
C GLU B 112 -15.96 -45.00 11.47
N PHE B 113 -14.86 -44.37 11.90
CA PHE B 113 -13.52 -44.41 11.24
C PHE B 113 -13.66 -44.54 9.71
N ARG B 114 -14.23 -43.50 9.09
CA ARG B 114 -14.50 -43.50 7.64
C ARG B 114 -13.18 -43.57 6.86
N ARG B 115 -13.16 -44.33 5.76
CA ARG B 115 -11.95 -44.56 4.93
C ARG B 115 -11.32 -43.19 4.62
N TRP B 116 -12.02 -42.34 3.85
CA TRP B 116 -11.52 -41.03 3.35
C TRP B 116 -11.06 -40.13 4.51
N GLU B 117 -11.71 -40.19 5.68
CA GLU B 117 -11.43 -39.34 6.87
C GLU B 117 -10.15 -39.81 7.58
N VAL B 118 -9.95 -41.14 7.62
CA VAL B 118 -8.82 -41.83 8.31
C VAL B 118 -7.54 -41.66 7.48
N ALA B 119 -7.67 -41.52 6.15
CA ALA B 119 -6.56 -41.36 5.19
C ALA B 119 -6.07 -39.91 5.22
N ALA B 120 -7.04 -38.99 5.29
CA ALA B 120 -6.85 -37.54 5.44
C ALA B 120 -6.08 -37.26 6.73
N LEU B 121 -6.32 -38.04 7.78
CA LEU B 121 -5.74 -37.82 9.15
C LEU B 121 -4.30 -38.34 9.24
N GLN B 122 -3.83 -39.13 8.27
CA GLN B 122 -2.54 -39.87 8.34
C GLN B 122 -1.38 -38.89 8.58
N PRO B 123 -1.27 -37.79 7.80
CA PRO B 123 -0.14 -36.86 7.94
C PRO B 123 0.02 -36.28 9.36
N GLN B 124 -1.09 -36.20 10.12
CA GLN B 124 -1.08 -35.65 11.50
C GLN B 124 -0.22 -36.54 12.40
N LEU B 125 -0.02 -37.82 12.04
CA LEU B 125 0.91 -38.74 12.74
C LEU B 125 2.32 -38.13 12.73
N ARG B 126 2.73 -37.58 11.57
CA ARG B 126 4.12 -37.09 11.34
C ARG B 126 4.30 -35.79 12.09
N ILE B 127 3.38 -34.84 11.90
CA ILE B 127 3.41 -33.50 12.57
C ILE B 127 3.51 -33.72 14.08
N ASP B 128 2.55 -34.45 14.66
CA ASP B 128 2.52 -34.74 16.12
C ASP B 128 3.89 -35.25 16.56
N LYS B 129 4.40 -36.29 15.87
CA LYS B 129 5.65 -36.98 16.24
C LYS B 129 6.82 -35.99 16.19
N ALA B 130 6.96 -35.27 15.08
CA ALA B 130 8.02 -34.27 14.87
C ALA B 130 8.11 -33.36 16.10
N VAL B 131 6.98 -32.79 16.49
CA VAL B 131 6.86 -31.80 17.60
C VAL B 131 7.34 -32.49 18.87
N ALA B 132 6.76 -33.64 19.21
CA ALA B 132 7.11 -34.43 20.42
C ALA B 132 8.63 -34.69 20.51
N LEU B 133 9.31 -34.94 19.38
CA LEU B 133 10.73 -35.41 19.36
C LEU B 133 11.69 -34.23 19.43
N GLN B 134 11.19 -32.99 19.40
CA GLN B 134 12.01 -31.78 19.68
C GLN B 134 12.60 -31.89 21.10
N ASN B 135 11.88 -32.55 22.03
CA ASN B 135 12.38 -32.83 23.41
C ASN B 135 13.32 -34.03 23.34
N PRO B 136 14.60 -33.88 23.72
CA PRO B 136 15.51 -35.02 23.74
C PRO B 136 15.12 -36.08 24.78
N GLN B 137 14.32 -35.73 25.81
CA GLN B 137 13.82 -36.70 26.82
C GLN B 137 12.86 -37.70 26.17
N ALA B 138 12.25 -37.35 25.04
CA ALA B 138 11.32 -38.24 24.31
C ALA B 138 12.10 -39.35 23.60
N HIS B 139 13.19 -38.99 22.91
CA HIS B 139 14.16 -39.90 22.25
C HIS B 139 14.66 -40.98 23.22
N VAL B 140 15.24 -40.54 24.32
CA VAL B 140 16.00 -41.39 25.26
C VAL B 140 15.02 -42.36 25.93
N ILE B 141 13.88 -41.84 26.43
CA ILE B 141 12.93 -42.65 27.25
C ILE B 141 12.21 -43.66 26.34
N GLU B 142 11.84 -43.24 25.13
CA GLU B 142 11.28 -44.16 24.10
C GLU B 142 12.30 -45.27 23.84
N ASN B 143 13.57 -44.91 23.61
CA ASN B 143 14.68 -45.86 23.38
C ASN B 143 14.90 -46.73 24.62
N LEU B 144 15.01 -46.12 25.81
CA LEU B 144 15.24 -46.85 27.08
C LEU B 144 14.24 -48.01 27.16
N HIS B 145 12.94 -47.74 27.05
CA HIS B 145 11.86 -48.75 27.17
C HIS B 145 12.05 -49.86 26.12
N ALA B 146 12.44 -49.49 24.89
CA ALA B 146 12.67 -50.40 23.75
C ALA B 146 13.90 -51.28 24.01
N ALA B 147 14.94 -50.72 24.64
CA ALA B 147 16.17 -51.43 25.07
C ALA B 147 15.85 -52.39 26.24
N ALA B 148 15.01 -51.97 27.18
CA ALA B 148 14.78 -52.66 28.47
C ALA B 148 13.86 -53.87 28.30
N TYR B 149 12.91 -53.84 27.35
CA TYR B 149 11.85 -54.87 27.22
C TYR B 149 11.94 -55.58 25.87
N ARG B 150 11.34 -56.76 25.81
CA ARG B 150 11.29 -57.64 24.62
C ARG B 150 10.00 -57.36 23.86
N ASN B 151 8.89 -57.17 24.59
CA ASN B 151 7.52 -57.01 24.04
C ASN B 151 6.86 -55.72 24.60
N ALA B 152 5.83 -55.85 25.45
CA ALA B 152 4.67 -54.93 25.59
C ALA B 152 5.11 -53.49 25.85
N LEU B 153 5.86 -53.28 26.94
CA LEU B 153 6.28 -51.94 27.42
C LEU B 153 7.33 -51.35 26.47
N ALA B 154 8.03 -52.20 25.72
CA ALA B 154 9.02 -51.82 24.68
C ALA B 154 8.31 -51.04 23.56
N ASN B 155 6.97 -50.99 23.58
CA ASN B 155 6.20 -50.20 22.59
C ASN B 155 6.36 -48.71 22.89
N SER B 156 6.60 -47.93 21.83
CA SER B 156 6.58 -46.44 21.81
C SER B 156 5.14 -45.94 21.89
N LEU B 157 4.94 -44.73 22.40
CA LEU B 157 3.65 -43.98 22.39
C LEU B 157 3.42 -43.30 21.02
N TYR B 158 4.47 -43.16 20.19
CA TYR B 158 4.42 -42.53 18.85
C TYR B 158 4.67 -43.57 17.74
N CYS B 159 3.81 -43.54 16.72
CA CYS B 159 3.83 -44.45 15.55
C CYS B 159 5.23 -44.44 14.96
N PRO B 160 5.81 -45.63 14.66
CA PRO B 160 7.04 -45.71 13.88
C PRO B 160 6.89 -45.12 12.46
N ASP B 161 8.00 -44.66 11.89
CA ASP B 161 8.04 -43.95 10.57
C ASP B 161 7.49 -44.81 9.43
N TYR B 162 7.73 -46.12 9.45
CA TYR B 162 7.38 -47.04 8.34
C TYR B 162 5.88 -47.31 8.33
N ARG B 163 5.18 -46.92 9.40
CA ARG B 163 3.73 -47.17 9.60
C ARG B 163 2.91 -45.91 9.30
N ILE B 164 3.55 -44.74 9.21
CA ILE B 164 2.85 -43.44 8.92
C ILE B 164 2.33 -43.52 7.49
N GLY B 165 0.98 -43.51 7.34
CA GLY B 165 0.24 -43.57 6.06
C GLY B 165 -0.49 -44.89 5.88
N LYS B 166 -0.27 -45.84 6.80
CA LYS B 166 -0.58 -47.28 6.63
C LYS B 166 -1.33 -47.85 7.84
N VAL B 167 -1.83 -47.01 8.75
CA VAL B 167 -2.70 -47.46 9.88
C VAL B 167 -4.15 -47.47 9.40
N THR B 168 -4.70 -48.65 9.08
CA THR B 168 -5.95 -48.82 8.28
C THR B 168 -7.17 -48.50 9.13
N PRO B 169 -8.33 -48.18 8.50
CA PRO B 169 -9.62 -48.10 9.18
C PRO B 169 -10.00 -49.35 9.98
N VAL B 170 -9.65 -50.54 9.48
CA VAL B 170 -9.95 -51.84 10.16
C VAL B 170 -9.15 -51.93 11.47
N GLU B 171 -7.83 -51.64 11.40
CA GLU B 171 -6.90 -51.68 12.56
C GLU B 171 -7.41 -50.77 13.67
N LEU B 172 -8.06 -49.66 13.33
CA LEU B 172 -8.69 -48.74 14.32
C LEU B 172 -9.92 -49.42 14.93
N HIS B 173 -10.83 -49.94 14.10
CA HIS B 173 -12.07 -50.64 14.53
C HIS B 173 -11.70 -51.78 15.47
N ASP B 174 -10.78 -52.64 15.02
CA ASP B 174 -10.31 -53.85 15.76
C ASP B 174 -9.78 -53.43 17.13
N TYR B 175 -8.92 -52.41 17.20
CA TYR B 175 -8.29 -51.92 18.46
C TYR B 175 -9.36 -51.47 19.46
N VAL B 176 -10.39 -50.75 18.99
CA VAL B 176 -11.50 -50.24 19.85
C VAL B 176 -12.33 -51.43 20.35
N GLN B 177 -12.82 -52.25 19.41
CA GLN B 177 -13.78 -53.37 19.65
C GLN B 177 -13.20 -54.40 20.64
N ASN B 178 -11.86 -54.55 20.65
CA ASN B 178 -11.12 -55.53 21.48
C ASN B 178 -10.76 -54.91 22.84
N HIS B 179 -10.46 -53.61 22.93
CA HIS B 179 -9.85 -52.98 24.14
C HIS B 179 -10.82 -52.06 24.90
N PHE B 180 -11.79 -51.45 24.22
CA PHE B 180 -12.77 -50.50 24.82
C PHE B 180 -13.99 -51.31 25.30
N THR B 181 -13.88 -51.98 26.45
CA THR B 181 -14.90 -52.94 26.99
C THR B 181 -15.08 -52.75 28.51
N SER B 182 -16.30 -53.00 29.00
CA SER B 182 -16.77 -52.69 30.38
C SER B 182 -15.78 -53.21 31.43
N ALA B 183 -15.20 -54.39 31.19
CA ALA B 183 -14.24 -55.06 32.10
C ALA B 183 -12.90 -54.29 32.15
N ARG B 184 -12.65 -53.38 31.20
CA ARG B 184 -11.35 -52.66 31.03
C ARG B 184 -11.51 -51.15 31.21
N MET B 185 -12.68 -50.69 31.67
CA MET B 185 -13.06 -49.24 31.67
C MET B 185 -13.46 -48.80 33.08
N ALA B 186 -13.16 -47.54 33.42
CA ALA B 186 -13.53 -46.89 34.71
C ALA B 186 -13.91 -45.42 34.46
N LEU B 187 -15.21 -45.09 34.61
CA LEU B 187 -15.81 -43.76 34.32
C LEU B 187 -15.84 -42.90 35.60
N ILE B 188 -15.03 -41.83 35.62
CA ILE B 188 -14.77 -40.98 36.82
C ILE B 188 -15.48 -39.62 36.63
N GLY B 189 -15.79 -38.92 37.73
CA GLY B 189 -16.52 -37.65 37.68
C GLY B 189 -16.18 -36.71 38.83
N LEU B 190 -16.21 -35.40 38.55
CA LEU B 190 -16.30 -34.27 39.52
C LEU B 190 -17.49 -33.40 39.11
N GLY B 191 -18.26 -32.88 40.07
CA GLY B 191 -19.36 -31.92 39.83
C GLY B 191 -20.52 -32.55 39.07
N VAL B 192 -20.94 -33.75 39.47
CA VAL B 192 -22.14 -34.46 38.92
C VAL B 192 -22.49 -35.60 39.89
N SER B 193 -23.79 -35.83 40.07
CA SER B 193 -24.35 -36.83 41.02
C SER B 193 -24.00 -38.26 40.56
N HIS B 194 -23.66 -39.13 41.51
CA HIS B 194 -23.20 -40.53 41.28
C HIS B 194 -24.33 -41.36 40.68
N PRO B 195 -25.57 -41.29 41.21
CA PRO B 195 -26.68 -42.06 40.67
C PRO B 195 -26.91 -41.89 39.16
N VAL B 196 -26.82 -40.66 38.65
CA VAL B 196 -27.09 -40.38 37.21
C VAL B 196 -25.91 -40.86 36.36
N LEU B 197 -24.66 -40.75 36.86
CA LEU B 197 -23.45 -41.32 36.20
C LEU B 197 -23.63 -42.83 36.04
N LYS B 198 -24.00 -43.51 37.13
CA LYS B 198 -24.25 -44.98 37.21
C LYS B 198 -25.26 -45.39 36.12
N GLN B 199 -26.34 -44.62 35.97
CA GLN B 199 -27.46 -44.92 35.02
C GLN B 199 -26.97 -44.83 33.58
N VAL B 200 -26.14 -43.83 33.29
CA VAL B 200 -25.53 -43.61 31.94
C VAL B 200 -24.55 -44.74 31.63
N ALA B 201 -23.75 -45.13 32.62
CA ALA B 201 -22.74 -46.22 32.51
C ALA B 201 -23.44 -47.57 32.27
N GLU B 202 -24.61 -47.77 32.86
CA GLU B 202 -25.44 -49.01 32.71
C GLU B 202 -25.98 -49.07 31.28
N GLN B 203 -26.52 -47.96 30.76
CA GLN B 203 -27.36 -47.90 29.55
C GLN B 203 -26.54 -47.63 28.28
N PHE B 204 -25.35 -47.02 28.39
CA PHE B 204 -24.55 -46.55 27.23
C PHE B 204 -23.10 -47.04 27.27
N LEU B 205 -22.67 -47.74 28.33
CA LEU B 205 -21.26 -48.18 28.49
C LEU B 205 -21.20 -49.68 28.79
N ASN B 206 -22.33 -50.38 28.71
CA ASN B 206 -22.45 -51.85 28.95
C ASN B 206 -22.06 -52.59 27.67
N ILE B 207 -20.76 -52.75 27.41
CA ILE B 207 -20.21 -53.33 26.15
C ILE B 207 -19.35 -54.56 26.45
N ARG B 208 -19.68 -55.69 25.83
CA ARG B 208 -19.12 -57.04 26.15
C ARG B 208 -17.63 -57.08 25.80
N GLY B 209 -16.89 -57.98 26.48
CA GLY B 209 -15.43 -57.96 26.65
C GLY B 209 -14.68 -58.26 25.37
N GLY B 210 -13.36 -58.43 25.47
CA GLY B 210 -12.47 -58.73 24.33
C GLY B 210 -11.02 -58.84 24.76
N ALA B 216 0.17 -60.82 26.80
CA ALA B 216 1.13 -61.50 27.70
C ALA B 216 1.80 -60.48 28.62
N LYS B 217 2.50 -60.99 29.63
CA LYS B 217 3.28 -60.17 30.61
C LYS B 217 4.52 -59.60 29.91
N ALA B 218 5.02 -58.47 30.40
CA ALA B 218 6.24 -57.77 29.92
C ALA B 218 7.47 -58.60 30.28
N LYS B 219 8.24 -59.03 29.28
CA LYS B 219 9.54 -59.73 29.47
C LYS B 219 10.66 -58.68 29.44
N TYR B 220 11.30 -58.41 30.58
CA TYR B 220 12.53 -57.57 30.69
C TYR B 220 13.64 -58.27 29.91
N HIS B 221 14.50 -57.50 29.25
CA HIS B 221 15.59 -58.03 28.39
C HIS B 221 16.94 -57.53 28.90
N GLY B 222 17.08 -56.20 29.04
CA GLY B 222 18.37 -55.54 29.23
C GLY B 222 19.09 -55.39 27.91
N GLY B 223 19.20 -54.16 27.42
CA GLY B 223 19.97 -53.80 26.21
C GLY B 223 20.46 -52.36 26.30
N GLU B 224 21.07 -51.86 25.22
CA GLU B 224 21.45 -50.43 25.10
C GLU B 224 21.19 -49.97 23.67
N ILE B 225 20.57 -48.80 23.50
CA ILE B 225 20.36 -48.11 22.19
C ILE B 225 21.11 -46.76 22.23
N ARG B 226 21.77 -46.36 21.13
CA ARG B 226 22.70 -45.20 21.09
C ARG B 226 22.41 -44.30 19.89
N GLU B 227 21.76 -43.15 20.10
CA GLU B 227 21.48 -42.18 19.01
C GLU B 227 22.64 -41.18 18.90
N GLN B 228 23.64 -41.45 18.05
CA GLN B 228 24.73 -40.49 17.72
C GLN B 228 24.15 -39.35 16.86
N ASN B 229 24.33 -38.08 17.26
CA ASN B 229 23.70 -36.92 16.56
C ASN B 229 24.53 -35.63 16.71
N GLY B 230 25.75 -35.68 17.25
CA GLY B 230 26.66 -34.53 17.35
C GLY B 230 26.07 -33.28 18.02
N ASP B 231 25.34 -33.42 19.14
CA ASP B 231 25.01 -32.29 20.05
C ASP B 231 26.18 -32.11 21.00
N SER B 232 26.33 -30.89 21.53
CA SER B 232 27.40 -30.53 22.48
C SER B 232 27.07 -31.12 23.85
N LEU B 233 25.77 -31.33 24.14
CA LEU B 233 25.28 -32.04 25.36
C LEU B 233 25.04 -33.52 25.01
N VAL B 234 25.07 -34.39 26.03
CA VAL B 234 24.72 -35.83 25.89
C VAL B 234 23.67 -36.17 26.96
N HIS B 235 22.43 -36.45 26.52
CA HIS B 235 21.35 -37.09 27.32
C HIS B 235 21.63 -38.59 27.41
N ALA B 236 21.45 -39.18 28.60
CA ALA B 236 21.73 -40.60 28.90
C ALA B 236 20.91 -41.06 30.10
N ALA B 237 20.36 -42.28 30.05
CA ALA B 237 19.61 -42.94 31.13
C ALA B 237 20.10 -44.38 31.27
N LEU B 238 20.30 -44.81 32.53
CA LEU B 238 20.72 -46.17 32.96
C LEU B 238 19.80 -46.60 34.11
N VAL B 239 19.05 -47.69 33.89
CA VAL B 239 18.07 -48.26 34.86
C VAL B 239 18.31 -49.76 34.96
N ALA B 240 17.74 -50.37 36.00
CA ALA B 240 17.58 -51.82 36.16
C ALA B 240 16.12 -52.13 36.44
N GLU B 241 15.75 -53.41 36.42
CA GLU B 241 14.36 -53.85 36.68
C GLU B 241 14.05 -53.57 38.17
N SER B 242 13.04 -52.73 38.44
CA SER B 242 12.59 -52.36 39.80
C SER B 242 11.41 -53.26 40.20
N ALA B 243 10.36 -52.73 40.84
CA ALA B 243 9.17 -53.50 41.29
C ALA B 243 7.92 -52.93 40.63
N ALA B 244 6.86 -53.75 40.55
CA ALA B 244 5.56 -53.39 39.94
C ALA B 244 4.77 -52.54 40.93
N ILE B 245 3.87 -51.70 40.40
CA ILE B 245 3.01 -50.78 41.20
C ILE B 245 1.86 -51.61 41.78
N GLY B 246 1.50 -51.35 43.03
CA GLY B 246 0.59 -52.20 43.83
C GLY B 246 1.33 -53.00 44.90
N SER B 247 2.59 -53.40 44.64
CA SER B 247 3.47 -54.09 45.61
C SER B 247 4.05 -53.10 46.62
N ALA B 248 4.34 -53.60 47.83
CA ALA B 248 4.90 -52.80 48.96
C ALA B 248 6.32 -52.36 48.61
N GLU B 249 7.06 -53.17 47.85
CA GLU B 249 8.48 -52.91 47.45
C GLU B 249 8.53 -51.57 46.70
N ALA B 250 7.57 -51.32 45.81
CA ALA B 250 7.51 -50.14 44.94
C ALA B 250 7.68 -48.85 45.76
N ASN B 251 7.11 -48.84 46.97
CA ASN B 251 7.18 -47.68 47.90
C ASN B 251 8.63 -47.48 48.33
N ALA B 252 9.45 -48.54 48.39
CA ALA B 252 10.88 -48.48 48.75
C ALA B 252 11.64 -47.68 47.68
N PHE B 253 11.42 -48.03 46.41
CA PHE B 253 12.07 -47.39 45.24
C PHE B 253 11.73 -45.90 45.20
N SER B 254 10.48 -45.54 45.51
CA SER B 254 9.97 -44.13 45.51
C SER B 254 10.66 -43.29 46.59
N VAL B 255 11.03 -43.91 47.73
CA VAL B 255 11.79 -43.24 48.83
C VAL B 255 13.26 -43.11 48.40
N LEU B 256 13.87 -44.20 47.92
CA LEU B 256 15.26 -44.23 47.38
C LEU B 256 15.41 -43.12 46.31
N GLN B 257 14.43 -42.96 45.42
CA GLN B 257 14.42 -41.90 44.37
C GLN B 257 14.67 -40.54 45.05
N HIS B 258 13.88 -40.20 46.07
CA HIS B 258 13.86 -38.87 46.73
C HIS B 258 15.10 -38.69 47.63
N VAL B 259 15.72 -39.79 48.07
CA VAL B 259 17.04 -39.76 48.77
C VAL B 259 18.09 -39.26 47.79
N LEU B 260 18.18 -39.91 46.61
CA LEU B 260 19.19 -39.67 45.56
C LEU B 260 18.94 -38.29 44.91
N GLY B 261 17.68 -37.87 44.82
CA GLY B 261 17.28 -36.58 44.25
C GLY B 261 16.39 -36.73 43.03
N ALA B 262 15.13 -36.30 43.14
CA ALA B 262 14.12 -36.34 42.07
C ALA B 262 13.73 -34.91 41.71
N GLY B 263 14.64 -34.16 41.09
CA GLY B 263 14.32 -32.86 40.49
C GLY B 263 14.16 -31.76 41.53
N PRO B 264 14.01 -30.47 41.09
CA PRO B 264 14.36 -29.32 41.91
C PRO B 264 13.27 -28.84 42.89
N HIS B 265 13.61 -27.91 43.80
CA HIS B 265 12.70 -27.39 44.86
C HIS B 265 12.80 -25.86 44.98
N VAL B 266 13.99 -25.32 44.70
CA VAL B 266 14.32 -23.86 44.75
C VAL B 266 14.72 -23.42 43.35
N LYS B 267 14.08 -22.39 42.82
CA LYS B 267 14.41 -21.78 41.51
C LYS B 267 15.89 -21.38 41.50
N ARG B 268 16.61 -21.71 40.43
CA ARG B 268 18.02 -21.27 40.16
C ARG B 268 18.96 -21.76 41.26
N GLY B 269 18.60 -22.85 41.94
CA GLY B 269 19.33 -23.34 43.11
C GLY B 269 20.54 -24.18 42.73
N SER B 270 21.07 -24.90 43.74
CA SER B 270 22.20 -25.84 43.66
C SER B 270 21.78 -27.25 44.09
N ASN B 271 20.64 -27.41 44.78
CA ASN B 271 20.13 -28.73 45.28
C ASN B 271 21.06 -29.29 46.36
N ALA B 272 20.98 -28.73 47.57
CA ALA B 272 21.90 -29.02 48.69
C ALA B 272 21.55 -30.34 49.39
N THR B 273 20.36 -30.90 49.18
CA THR B 273 19.87 -32.16 49.81
C THR B 273 19.70 -33.27 48.75
N SER B 274 20.14 -33.04 47.52
CA SER B 274 20.14 -34.04 46.41
C SER B 274 21.48 -34.78 46.41
N SER B 275 21.47 -36.02 46.91
CA SER B 275 22.61 -36.97 46.98
C SER B 275 23.40 -36.96 45.65
N LEU B 276 22.72 -37.29 44.55
CA LEU B 276 23.29 -37.43 43.17
C LEU B 276 23.92 -36.11 42.72
N TYR B 277 23.14 -35.03 42.72
CA TYR B 277 23.57 -33.72 42.15
C TYR B 277 24.87 -33.29 42.83
N GLN B 278 24.97 -33.49 44.14
CA GLN B 278 26.16 -33.10 44.95
C GLN B 278 27.31 -34.08 44.66
N ALA B 279 27.01 -35.36 44.45
CA ALA B 279 27.99 -36.42 44.09
C ALA B 279 28.66 -36.07 42.75
N VAL B 280 27.87 -35.64 41.77
CA VAL B 280 28.35 -35.29 40.40
C VAL B 280 29.10 -33.96 40.46
N ALA B 281 28.54 -32.97 41.17
CA ALA B 281 29.04 -31.58 41.24
C ALA B 281 30.42 -31.51 41.91
N LYS B 282 30.74 -32.46 42.80
CA LYS B 282 32.10 -32.60 43.40
C LYS B 282 33.11 -32.60 42.24
N GLY B 283 32.96 -33.55 41.30
CA GLY B 283 33.97 -33.90 40.28
C GLY B 283 33.94 -33.07 39.00
N VAL B 284 32.86 -32.33 38.71
CA VAL B 284 32.71 -31.55 37.43
C VAL B 284 31.73 -30.37 37.65
N HIS B 285 32.13 -29.14 37.31
CA HIS B 285 31.42 -27.88 37.65
C HIS B 285 30.72 -27.25 36.43
N GLN B 286 31.07 -27.61 35.20
CA GLN B 286 30.49 -27.04 33.95
C GLN B 286 28.98 -27.34 33.95
N PRO B 287 28.21 -26.81 32.98
CA PRO B 287 26.78 -27.13 32.88
C PRO B 287 26.47 -28.64 32.99
N PHE B 288 25.45 -29.00 33.78
CA PHE B 288 24.91 -30.39 33.90
C PHE B 288 23.62 -30.42 34.71
N ASP B 289 22.94 -31.57 34.68
CA ASP B 289 21.74 -31.91 35.49
C ASP B 289 21.63 -33.45 35.57
N VAL B 290 21.27 -33.94 36.74
CA VAL B 290 21.11 -35.40 37.01
C VAL B 290 19.97 -35.57 38.02
N SER B 291 19.11 -36.56 37.78
CA SER B 291 17.98 -36.95 38.65
C SER B 291 17.79 -38.47 38.65
N ALA B 292 17.20 -39.00 39.72
CA ALA B 292 16.73 -40.38 39.82
C ALA B 292 15.51 -40.53 38.91
N PHE B 293 15.46 -41.65 38.18
CA PHE B 293 14.35 -42.06 37.28
C PHE B 293 13.63 -43.24 37.92
N ASN B 294 12.32 -43.12 38.09
CA ASN B 294 11.45 -44.18 38.66
C ASN B 294 10.14 -44.23 37.87
N ALA B 295 9.99 -45.25 37.01
CA ALA B 295 8.75 -45.66 36.31
C ALA B 295 8.28 -47.01 36.87
N SER B 296 7.01 -47.12 37.29
CA SER B 296 6.43 -48.36 37.89
C SER B 296 5.11 -48.72 37.22
N TYR B 297 5.02 -49.92 36.63
CA TYR B 297 3.88 -50.42 35.82
C TYR B 297 3.20 -51.60 36.53
N SER B 298 2.18 -52.19 35.89
CA SER B 298 1.39 -53.32 36.43
C SER B 298 2.28 -54.59 36.53
N ASP B 299 2.95 -54.95 35.43
CA ASP B 299 3.76 -56.19 35.30
C ASP B 299 5.19 -55.99 35.83
N SER B 300 5.72 -54.76 35.82
CA SER B 300 7.18 -54.51 35.91
C SER B 300 7.43 -53.06 36.27
N GLY B 301 8.70 -52.64 36.23
CA GLY B 301 9.13 -51.26 36.52
C GLY B 301 10.60 -51.07 36.21
N LEU B 302 11.02 -49.82 35.99
CA LEU B 302 12.44 -49.43 35.79
C LEU B 302 12.82 -48.37 36.82
N PHE B 303 13.93 -48.56 37.55
CA PHE B 303 14.52 -47.53 38.44
C PHE B 303 15.99 -47.30 38.10
N GLY B 304 16.41 -46.04 38.05
CA GLY B 304 17.82 -45.66 37.82
C GLY B 304 18.04 -44.17 37.98
N PHE B 305 18.78 -43.56 37.04
CA PHE B 305 19.03 -42.10 36.97
C PHE B 305 19.13 -41.66 35.51
N TYR B 306 19.10 -40.34 35.27
CA TYR B 306 19.19 -39.67 33.95
C TYR B 306 20.27 -38.57 34.06
N THR B 307 21.25 -38.56 33.17
CA THR B 307 22.34 -37.55 33.13
C THR B 307 22.24 -36.70 31.86
N ILE B 308 22.27 -35.38 32.03
CA ILE B 308 22.59 -34.40 30.96
C ILE B 308 23.95 -33.80 31.29
N SER B 309 24.90 -33.91 30.37
CA SER B 309 26.34 -33.62 30.59
C SER B 309 26.92 -33.02 29.32
N GLN B 310 28.13 -32.46 29.41
CA GLN B 310 28.94 -32.07 28.23
C GLN B 310 29.41 -33.35 27.52
N ALA B 311 29.62 -33.29 26.20
CA ALA B 311 29.98 -34.44 25.33
C ALA B 311 31.15 -35.23 25.93
N ALA B 312 32.20 -34.51 26.35
CA ALA B 312 33.52 -35.04 26.77
C ALA B 312 33.48 -35.55 28.21
N SER B 313 32.52 -35.06 29.01
CA SER B 313 32.37 -35.32 30.46
C SER B 313 31.25 -36.34 30.75
N ALA B 314 30.68 -36.96 29.72
CA ALA B 314 29.61 -37.99 29.84
C ALA B 314 30.15 -39.19 30.63
N GLY B 315 31.37 -39.62 30.31
CA GLY B 315 32.06 -40.71 31.01
C GLY B 315 32.12 -40.45 32.50
N ASP B 316 32.47 -39.23 32.90
CA ASP B 316 32.74 -38.84 34.32
C ASP B 316 31.42 -38.79 35.10
N VAL B 317 30.38 -38.16 34.55
CA VAL B 317 29.09 -37.83 35.23
C VAL B 317 28.31 -39.11 35.53
N ILE B 318 28.23 -40.02 34.57
CA ILE B 318 27.46 -41.30 34.67
C ILE B 318 28.08 -42.18 35.77
N LYS B 319 29.41 -42.28 35.79
CA LYS B 319 30.18 -43.10 36.76
C LYS B 319 30.02 -42.48 38.15
N ALA B 320 30.19 -41.16 38.28
CA ALA B 320 29.98 -40.40 39.53
C ALA B 320 28.60 -40.73 40.11
N ALA B 321 27.55 -40.64 39.31
CA ALA B 321 26.14 -40.86 39.69
C ALA B 321 25.87 -42.32 40.08
N TYR B 322 26.53 -43.28 39.42
CA TYR B 322 26.42 -44.75 39.65
C TYR B 322 27.09 -45.13 40.98
N ASN B 323 28.25 -44.53 41.26
CA ASN B 323 29.00 -44.61 42.53
C ASN B 323 28.11 -44.15 43.68
N GLN B 324 27.25 -43.17 43.46
CA GLN B 324 26.43 -42.57 44.55
C GLN B 324 25.33 -43.55 44.95
N VAL B 325 24.87 -44.40 44.04
CA VAL B 325 23.80 -45.41 44.34
C VAL B 325 24.47 -46.59 45.07
N LYS B 326 25.75 -46.84 44.78
CA LYS B 326 26.56 -47.98 45.31
C LYS B 326 26.79 -47.81 46.82
N THR B 327 27.15 -46.60 47.27
CA THR B 327 27.34 -46.31 48.71
C THR B 327 25.98 -46.39 49.43
N ILE B 328 24.86 -46.04 48.78
CA ILE B 328 23.49 -46.15 49.38
C ILE B 328 23.13 -47.62 49.54
N ALA B 329 23.65 -48.47 48.64
CA ALA B 329 23.42 -49.94 48.62
C ALA B 329 24.33 -50.64 49.64
N GLN B 330 25.52 -50.09 49.87
CA GLN B 330 26.50 -50.64 50.83
C GLN B 330 26.05 -50.35 52.27
N GLY B 331 25.37 -49.23 52.49
CA GLY B 331 24.64 -48.95 53.75
C GLY B 331 24.82 -47.55 54.28
N ASN B 332 25.42 -46.62 53.52
CA ASN B 332 25.66 -45.20 53.93
C ASN B 332 24.37 -44.40 53.77
N LEU B 333 23.52 -44.40 54.79
CA LEU B 333 22.15 -43.82 54.77
C LEU B 333 21.65 -43.60 56.20
N SER B 334 21.50 -42.35 56.63
CA SER B 334 21.03 -41.98 58.00
C SER B 334 19.52 -41.73 58.00
N ASN B 335 18.89 -41.77 59.18
CA ASN B 335 17.44 -41.50 59.38
C ASN B 335 17.09 -40.07 58.93
N PRO B 336 17.88 -39.03 59.25
CA PRO B 336 17.63 -37.69 58.70
C PRO B 336 17.50 -37.60 57.16
N ASP B 337 18.22 -38.45 56.43
CA ASP B 337 18.13 -38.55 54.94
C ASP B 337 16.77 -39.11 54.54
N VAL B 338 16.42 -40.28 55.08
CA VAL B 338 15.19 -41.06 54.77
C VAL B 338 13.96 -40.26 55.21
N GLN B 339 14.08 -39.46 56.28
CA GLN B 339 12.98 -38.63 56.83
C GLN B 339 12.72 -37.47 55.86
N ALA B 340 13.77 -36.78 55.42
CA ALA B 340 13.73 -35.65 54.47
C ALA B 340 13.18 -36.15 53.12
N ALA B 341 13.64 -37.32 52.68
CA ALA B 341 13.18 -38.01 51.46
C ALA B 341 11.67 -38.27 51.57
N LYS B 342 11.23 -38.90 52.67
CA LYS B 342 9.79 -39.25 52.91
C LYS B 342 8.95 -37.97 52.86
N ASN B 343 9.41 -36.91 53.53
CA ASN B 343 8.72 -35.60 53.57
C ASN B 343 8.52 -35.11 52.13
N LYS B 344 9.55 -35.14 51.29
CA LYS B 344 9.49 -34.67 49.87
C LYS B 344 8.38 -35.44 49.15
N LEU B 345 8.44 -36.78 49.20
CA LEU B 345 7.50 -37.73 48.54
C LEU B 345 6.06 -37.50 49.03
N LYS B 346 5.86 -37.44 50.35
CA LYS B 346 4.53 -37.22 51.00
C LYS B 346 3.94 -35.90 50.46
N ALA B 347 4.73 -34.82 50.48
CA ALA B 347 4.33 -33.48 50.01
C ALA B 347 4.05 -33.51 48.51
N GLY B 348 4.87 -34.25 47.76
CA GLY B 348 4.71 -34.46 46.30
C GLY B 348 3.35 -35.04 45.95
N TYR B 349 2.96 -36.15 46.57
CA TYR B 349 1.66 -36.84 46.35
C TYR B 349 0.50 -35.88 46.61
N LEU B 350 0.47 -35.23 47.78
CA LEU B 350 -0.67 -34.37 48.23
C LEU B 350 -0.81 -33.17 47.28
N MET B 351 0.32 -32.65 46.80
CA MET B 351 0.36 -31.48 45.88
C MET B 351 -0.09 -31.90 44.47
N SER B 352 0.09 -33.18 44.11
CA SER B 352 -0.24 -33.72 42.77
C SER B 352 -1.73 -34.07 42.67
N VAL B 353 -2.46 -34.09 43.79
CA VAL B 353 -3.94 -34.29 43.81
C VAL B 353 -4.59 -33.00 44.33
N GLU B 354 -3.81 -31.93 44.43
CA GLU B 354 -4.26 -30.60 44.92
C GLU B 354 -5.33 -30.06 43.97
N SER B 355 -5.00 -29.94 42.68
CA SER B 355 -5.90 -29.48 41.58
C SER B 355 -6.93 -30.56 41.25
N SER B 356 -8.12 -30.15 40.78
CA SER B 356 -9.24 -31.05 40.39
C SER B 356 -8.84 -31.94 39.21
N GLU B 357 -7.86 -31.52 38.39
CA GLU B 357 -7.35 -32.26 37.21
C GLU B 357 -6.51 -33.47 37.65
N GLY B 358 -5.59 -33.26 38.59
CA GLY B 358 -4.67 -34.27 39.13
C GLY B 358 -5.39 -35.27 40.02
N PHE B 359 -6.46 -34.82 40.70
CA PHE B 359 -7.37 -35.67 41.52
C PHE B 359 -8.05 -36.67 40.59
N LEU B 360 -8.74 -36.19 39.55
CA LEU B 360 -9.45 -37.05 38.56
C LEU B 360 -8.48 -38.13 38.06
N ASP B 361 -7.24 -37.75 37.75
CA ASP B 361 -6.21 -38.68 37.21
C ASP B 361 -5.92 -39.80 38.23
N GLU B 362 -5.77 -39.46 39.51
CA GLU B 362 -5.37 -40.42 40.58
C GLU B 362 -6.54 -41.35 40.91
N VAL B 363 -7.79 -40.89 40.81
CA VAL B 363 -9.01 -41.73 41.09
C VAL B 363 -9.16 -42.75 39.96
N GLY B 364 -9.07 -42.30 38.70
CA GLY B 364 -9.14 -43.16 37.50
C GLY B 364 -7.95 -44.11 37.43
N SER B 365 -6.74 -43.58 37.66
CA SER B 365 -5.46 -44.34 37.61
C SER B 365 -5.57 -45.57 38.53
N GLN B 366 -5.92 -45.34 39.80
CA GLN B 366 -6.07 -46.38 40.87
C GLN B 366 -7.19 -47.35 40.50
N ALA B 367 -8.30 -46.83 39.99
CA ALA B 367 -9.50 -47.60 39.58
C ALA B 367 -9.13 -48.70 38.58
N LEU B 368 -8.15 -48.46 37.70
CA LEU B 368 -7.76 -49.42 36.62
C LEU B 368 -6.73 -50.43 37.14
N ALA B 369 -5.67 -49.95 37.82
CA ALA B 369 -4.51 -50.76 38.25
C ALA B 369 -4.85 -51.57 39.50
N ALA B 370 -5.81 -51.08 40.31
CA ALA B 370 -6.26 -51.68 41.59
C ALA B 370 -7.78 -51.82 41.58
N GLY B 371 -8.36 -52.38 42.64
CA GLY B 371 -9.81 -52.65 42.78
C GLY B 371 -10.64 -51.39 43.03
N SER B 372 -10.18 -50.49 43.90
CA SER B 372 -10.92 -49.27 44.31
C SER B 372 -9.94 -48.16 44.71
N TYR B 373 -10.43 -47.14 45.44
CA TYR B 373 -9.73 -45.87 45.77
C TYR B 373 -9.14 -45.93 47.19
N THR B 374 -7.83 -45.74 47.32
CA THR B 374 -7.09 -45.60 48.61
C THR B 374 -7.03 -44.12 48.99
N PRO B 375 -7.61 -43.69 50.14
CA PRO B 375 -7.55 -42.28 50.56
C PRO B 375 -6.14 -41.75 50.85
N PRO B 376 -5.90 -40.42 50.72
CA PRO B 376 -4.59 -39.82 50.96
C PRO B 376 -3.92 -40.05 52.33
N SER B 377 -4.68 -40.31 53.40
CA SER B 377 -4.13 -40.62 54.75
C SER B 377 -3.44 -42.00 54.72
N THR B 378 -4.10 -43.00 54.13
CA THR B 378 -3.61 -44.42 54.02
C THR B 378 -2.32 -44.50 53.19
N VAL B 379 -2.12 -43.59 52.23
CA VAL B 379 -0.95 -43.56 51.31
C VAL B 379 0.26 -43.01 52.08
N LEU B 380 0.08 -41.93 52.85
CA LEU B 380 1.14 -41.31 53.68
C LEU B 380 1.64 -42.35 54.70
N GLN B 381 0.70 -43.11 55.28
CA GLN B 381 0.95 -44.20 56.27
C GLN B 381 1.84 -45.28 55.64
N GLN B 382 1.62 -45.58 54.34
CA GLN B 382 2.34 -46.64 53.58
C GLN B 382 3.74 -46.16 53.16
N ILE B 383 3.94 -44.84 53.01
CA ILE B 383 5.29 -44.24 52.79
C ILE B 383 6.08 -44.34 54.10
N ASP B 384 5.44 -44.06 55.26
CA ASP B 384 6.04 -44.19 56.61
C ASP B 384 6.48 -45.65 56.85
N ALA B 385 5.67 -46.63 56.40
CA ALA B 385 5.90 -48.08 56.59
C ALA B 385 7.27 -48.50 56.04
N VAL B 386 7.86 -47.73 55.12
CA VAL B 386 9.15 -48.06 54.47
C VAL B 386 10.27 -47.89 55.50
N ALA B 387 10.98 -48.98 55.80
CA ALA B 387 12.13 -49.03 56.74
C ALA B 387 13.42 -48.72 55.99
N ASP B 388 14.35 -48.00 56.64
CA ASP B 388 15.70 -47.65 56.12
C ASP B 388 16.31 -48.85 55.38
N ALA B 389 16.08 -50.07 55.89
CA ALA B 389 16.59 -51.35 55.32
C ALA B 389 15.97 -51.61 53.94
N ASP B 390 14.69 -51.28 53.75
CA ASP B 390 13.94 -51.50 52.49
C ASP B 390 14.54 -50.62 51.37
N VAL B 391 15.02 -49.41 51.71
CA VAL B 391 15.70 -48.45 50.79
C VAL B 391 17.03 -49.08 50.34
N ILE B 392 17.83 -49.56 51.29
CA ILE B 392 19.20 -50.12 51.05
C ILE B 392 19.08 -51.35 50.14
N ASN B 393 17.98 -52.11 50.25
CA ASN B 393 17.67 -53.31 49.41
C ASN B 393 17.38 -52.88 47.96
N ALA B 394 16.47 -51.93 47.79
CA ALA B 394 16.11 -51.34 46.48
C ALA B 394 17.40 -50.95 45.73
N ALA B 395 18.30 -50.25 46.41
CA ALA B 395 19.62 -49.83 45.88
C ALA B 395 20.44 -51.07 45.49
N LYS B 396 20.61 -52.01 46.43
CA LYS B 396 21.37 -53.27 46.23
C LYS B 396 20.83 -53.95 44.96
N LYS B 397 19.49 -54.05 44.83
CA LYS B 397 18.81 -54.66 43.65
C LYS B 397 19.30 -53.98 42.38
N PHE B 398 19.36 -52.65 42.39
CA PHE B 398 19.74 -51.81 41.22
C PHE B 398 21.21 -52.05 40.80
N VAL B 399 22.13 -52.26 41.75
CA VAL B 399 23.59 -52.37 41.47
C VAL B 399 23.88 -53.73 40.82
N SER B 400 23.17 -54.76 41.26
CA SER B 400 23.42 -56.18 40.87
C SER B 400 22.45 -56.57 39.75
N GLY B 401 21.41 -55.77 39.49
CA GLY B 401 20.40 -56.03 38.44
C GLY B 401 20.98 -55.90 37.04
N ARG B 402 20.45 -56.66 36.09
CA ARG B 402 20.77 -56.54 34.64
C ARG B 402 20.35 -55.13 34.21
N LYS B 403 21.24 -54.40 33.54
CA LYS B 403 21.08 -52.95 33.23
C LYS B 403 20.55 -52.73 31.81
N SER B 404 19.70 -51.72 31.65
CA SER B 404 19.30 -51.12 30.34
C SER B 404 19.78 -49.66 30.29
N MET B 405 20.30 -49.25 29.12
CA MET B 405 20.86 -47.89 28.89
C MET B 405 20.37 -47.35 27.54
N ALA B 406 20.25 -46.04 27.43
CA ALA B 406 19.85 -45.32 26.20
C ALA B 406 20.50 -43.93 26.22
N ALA B 407 21.16 -43.55 25.12
CA ALA B 407 21.88 -42.27 24.95
C ALA B 407 21.46 -41.58 23.65
N SER B 408 21.59 -40.25 23.67
CA SER B 408 21.51 -39.34 22.49
C SER B 408 22.50 -38.19 22.71
N GLY B 409 23.25 -37.83 21.67
CA GLY B 409 24.28 -36.78 21.73
C GLY B 409 25.52 -37.20 20.96
N ASN B 410 26.64 -36.50 21.13
CA ASN B 410 27.96 -36.93 20.61
C ASN B 410 28.60 -37.86 21.65
N LEU B 411 28.51 -39.19 21.37
CA LEU B 411 28.71 -40.28 22.35
C LEU B 411 30.17 -40.77 22.38
N GLY B 412 31.09 -40.06 21.73
CA GLY B 412 32.54 -40.34 21.71
C GLY B 412 33.14 -40.63 23.09
N HIS B 413 32.63 -40.03 24.17
CA HIS B 413 33.15 -40.23 25.55
C HIS B 413 32.08 -40.88 26.45
N THR B 414 30.93 -41.23 25.87
CA THR B 414 29.81 -41.93 26.56
C THR B 414 30.16 -43.41 26.61
N PRO B 415 30.28 -44.04 27.80
CA PRO B 415 30.64 -45.45 27.88
C PRO B 415 29.49 -46.38 27.45
N PHE B 416 29.81 -47.65 27.13
CA PHE B 416 28.82 -48.75 26.97
C PHE B 416 28.45 -49.27 28.36
N ILE B 417 27.47 -50.17 28.47
CA ILE B 417 27.03 -50.76 29.78
C ILE B 417 28.21 -51.52 30.40
N ASP B 418 28.97 -52.26 29.57
CA ASP B 418 30.07 -53.16 30.01
C ASP B 418 31.42 -52.41 30.10
N GLU B 419 31.40 -51.10 30.37
CA GLU B 419 32.62 -50.28 30.60
C GLU B 419 32.51 -49.55 31.95
N LEU B 420 31.40 -49.77 32.66
CA LEU B 420 30.90 -48.85 33.71
C LEU B 420 31.61 -49.19 35.04
N THR C 1 -7.05 -15.31 2.09
CA THR C 1 -7.47 -15.70 0.68
C THR C 1 -8.35 -14.58 0.07
N ASN C 2 -7.71 -13.47 -0.33
CA ASN C 2 -8.34 -12.27 -0.97
C ASN C 2 -8.72 -12.59 -2.42
N ILE C 3 -9.52 -11.71 -3.04
CA ILE C 3 -10.02 -11.80 -4.45
C ILE C 3 -9.37 -10.69 -5.27
N ARG C 4 -8.12 -10.36 -4.94
CA ARG C 4 -7.22 -9.49 -5.73
C ARG C 4 -6.22 -10.42 -6.46
N LYS C 5 -5.77 -11.47 -5.76
CA LYS C 5 -4.75 -12.45 -6.22
C LYS C 5 -5.43 -13.67 -6.85
N SER C 6 -6.76 -13.77 -6.76
CA SER C 6 -7.56 -14.97 -7.16
C SER C 6 -8.20 -14.75 -8.54
N HIS C 7 -9.11 -13.79 -8.64
CA HIS C 7 -9.86 -13.45 -9.89
C HIS C 7 -8.87 -13.32 -11.04
N PRO C 8 -9.06 -14.06 -12.16
CA PRO C 8 -8.16 -13.98 -13.31
C PRO C 8 -7.90 -12.57 -13.87
N LEU C 9 -8.88 -11.67 -13.86
CA LEU C 9 -8.71 -10.26 -14.34
C LEU C 9 -7.93 -9.46 -13.28
N MET C 10 -8.40 -9.46 -12.04
CA MET C 10 -7.83 -8.69 -10.90
C MET C 10 -6.35 -9.03 -10.72
N LYS C 11 -6.02 -10.32 -10.73
CA LYS C 11 -4.65 -10.91 -10.64
C LYS C 11 -3.67 -10.07 -11.48
N ILE C 12 -4.04 -9.76 -12.72
CA ILE C 12 -3.20 -9.02 -13.72
C ILE C 12 -2.99 -7.58 -13.25
N VAL C 13 -4.09 -6.90 -12.84
CA VAL C 13 -4.11 -5.50 -12.31
C VAL C 13 -3.39 -5.43 -10.94
N ASN C 14 -3.57 -6.45 -10.11
CA ASN C 14 -2.94 -6.52 -8.77
C ASN C 14 -1.42 -6.66 -8.95
N ASN C 15 -0.97 -7.46 -9.92
CA ASN C 15 0.46 -7.85 -10.05
C ASN C 15 1.24 -6.78 -10.83
N ALA C 16 0.56 -5.92 -11.57
CA ALA C 16 1.17 -4.97 -12.51
C ALA C 16 0.99 -3.53 -12.02
N PHE C 17 0.28 -3.30 -10.90
CA PHE C 17 -0.36 -1.98 -10.57
C PHE C 17 -0.52 -1.72 -9.06
N ILE C 18 -0.43 -2.75 -8.19
CA ILE C 18 -0.67 -2.64 -6.71
C ILE C 18 0.51 -3.25 -5.94
N ASP C 19 0.77 -4.54 -6.11
CA ASP C 19 1.74 -5.30 -5.28
C ASP C 19 3.09 -5.41 -6.01
N LEU C 20 3.21 -4.83 -7.20
CA LEU C 20 4.48 -4.75 -7.98
C LEU C 20 5.59 -4.24 -7.07
N PRO C 21 6.66 -5.03 -6.83
CA PRO C 21 7.80 -4.55 -6.07
C PRO C 21 8.53 -3.49 -6.91
N ALA C 22 8.69 -2.28 -6.34
CA ALA C 22 9.25 -1.07 -7.00
C ALA C 22 10.42 -0.52 -6.19
N PRO C 23 11.54 -0.08 -6.82
CA PRO C 23 12.69 0.43 -6.08
C PRO C 23 12.29 1.58 -5.14
N SER C 24 12.84 1.62 -3.93
CA SER C 24 12.56 2.70 -2.96
C SER C 24 12.81 4.06 -3.59
N ASN C 25 13.82 4.16 -4.48
CA ASN C 25 14.57 5.40 -4.75
C ASN C 25 14.30 5.95 -6.16
N ILE C 26 13.42 5.37 -6.96
CA ILE C 26 13.20 5.87 -8.36
C ILE C 26 12.84 7.36 -8.25
N SER C 27 13.35 8.18 -9.18
CA SER C 27 13.20 9.66 -9.17
C SER C 27 12.02 10.07 -10.06
N SER C 28 11.92 11.37 -10.39
CA SER C 28 10.78 12.01 -11.08
C SER C 28 10.83 11.70 -12.57
N TRP C 29 12.01 11.27 -13.05
CA TRP C 29 12.27 10.84 -14.44
C TRP C 29 11.66 9.45 -14.71
N TRP C 30 11.16 8.78 -13.67
CA TRP C 30 10.36 7.53 -13.78
C TRP C 30 8.86 7.84 -13.92
N ASN C 31 8.43 9.09 -13.74
CA ASN C 31 6.99 9.51 -13.81
C ASN C 31 6.52 9.69 -15.27
N PHE C 32 7.45 9.66 -16.24
CA PHE C 32 7.16 9.98 -17.66
C PHE C 32 6.52 8.78 -18.34
N GLY C 33 6.67 7.56 -17.79
CA GLY C 33 6.01 6.35 -18.31
C GLY C 33 4.49 6.46 -18.24
N SER C 34 3.95 6.78 -17.06
CA SER C 34 2.49 6.81 -16.76
C SER C 34 1.88 8.07 -17.36
N LEU C 35 2.69 9.11 -17.54
CA LEU C 35 2.30 10.38 -18.20
C LEU C 35 2.08 10.14 -19.70
N LEU C 36 2.96 9.35 -20.34
CA LEU C 36 2.80 8.91 -21.74
C LEU C 36 1.49 8.15 -21.88
N GLY C 37 1.22 7.24 -20.94
CA GLY C 37 -0.08 6.56 -20.84
C GLY C 37 -1.20 7.57 -20.93
N ILE C 38 -1.26 8.51 -19.99
CA ILE C 38 -2.34 9.55 -19.88
C ILE C 38 -2.49 10.32 -21.20
N CYS C 39 -1.39 10.76 -21.81
CA CYS C 39 -1.36 11.40 -23.16
C CYS C 39 -2.09 10.52 -24.16
N LEU C 40 -1.81 9.21 -24.19
CA LEU C 40 -2.36 8.27 -25.21
C LEU C 40 -3.88 8.18 -25.04
N ILE C 41 -4.38 8.00 -23.81
CA ILE C 41 -5.84 8.00 -23.50
C ILE C 41 -6.42 9.36 -23.92
N LEU C 42 -5.74 10.45 -23.57
CA LEU C 42 -6.25 11.84 -23.78
C LEU C 42 -6.46 12.09 -25.27
N GLN C 43 -5.45 11.78 -26.09
CA GLN C 43 -5.51 11.92 -27.57
C GLN C 43 -6.69 11.09 -28.09
N ILE C 44 -6.86 9.87 -27.60
CA ILE C 44 -7.89 8.93 -28.14
C ILE C 44 -9.27 9.50 -27.83
N LEU C 45 -9.47 10.08 -26.65
CA LEU C 45 -10.80 10.63 -26.24
C LEU C 45 -11.10 11.85 -27.07
N THR C 46 -10.32 12.92 -26.91
CA THR C 46 -10.43 14.17 -27.67
C THR C 46 -10.54 13.81 -29.17
N GLY C 47 -9.66 12.92 -29.64
CA GLY C 47 -9.59 12.45 -31.04
C GLY C 47 -10.92 11.91 -31.55
N LEU C 48 -11.52 10.99 -30.80
CA LEU C 48 -12.81 10.33 -31.16
C LEU C 48 -13.91 11.40 -31.24
N PHE C 49 -13.89 12.40 -30.36
CA PHE C 49 -14.94 13.45 -30.29
C PHE C 49 -14.81 14.37 -31.52
N LEU C 50 -13.58 14.64 -31.96
CA LEU C 50 -13.29 15.42 -33.19
C LEU C 50 -13.79 14.66 -34.42
N ALA C 51 -13.64 13.33 -34.43
CA ALA C 51 -14.01 12.45 -35.57
C ALA C 51 -15.53 12.35 -35.71
N MET C 52 -16.29 12.71 -34.67
CA MET C 52 -17.78 12.79 -34.70
C MET C 52 -18.23 14.00 -35.52
N HIS C 53 -17.31 14.91 -35.87
CA HIS C 53 -17.59 16.24 -36.44
C HIS C 53 -16.76 16.52 -37.70
N TYR C 54 -15.62 15.87 -37.90
CA TYR C 54 -14.65 16.17 -39.01
C TYR C 54 -15.04 15.42 -40.29
N THR C 55 -14.54 15.87 -41.46
CA THR C 55 -14.67 15.15 -42.76
C THR C 55 -13.36 15.25 -43.57
N SER C 56 -13.01 14.17 -44.28
CA SER C 56 -11.70 13.92 -44.94
C SER C 56 -11.74 14.22 -46.45
N ASP C 57 -12.83 14.84 -46.93
CA ASP C 57 -12.99 15.33 -48.34
C ASP C 57 -12.31 16.69 -48.46
N THR C 58 -11.41 16.86 -49.44
CA THR C 58 -10.50 18.04 -49.65
C THR C 58 -11.26 19.37 -49.67
N THR C 59 -12.54 19.37 -50.05
CA THR C 59 -13.40 20.59 -50.16
C THR C 59 -13.86 21.05 -48.77
N THR C 60 -14.35 20.15 -47.91
CA THR C 60 -15.02 20.50 -46.62
C THR C 60 -14.07 20.39 -45.41
N ALA C 61 -12.87 19.83 -45.61
CA ALA C 61 -11.95 19.39 -44.53
C ALA C 61 -11.63 20.56 -43.59
N PHE C 62 -10.88 21.54 -44.10
CA PHE C 62 -10.51 22.79 -43.40
C PHE C 62 -11.75 23.39 -42.72
N SER C 63 -12.88 23.41 -43.44
CA SER C 63 -14.17 24.02 -43.02
C SER C 63 -14.73 23.32 -41.78
N SER C 64 -14.68 21.98 -41.74
CA SER C 64 -15.18 21.14 -40.63
C SER C 64 -14.38 21.45 -39.35
N VAL C 65 -13.06 21.60 -39.46
CA VAL C 65 -12.14 21.87 -38.33
C VAL C 65 -12.49 23.22 -37.71
N THR C 66 -12.76 24.23 -38.53
CA THR C 66 -13.16 25.59 -38.07
C THR C 66 -14.60 25.56 -37.54
N HIS C 67 -15.45 24.69 -38.10
CA HIS C 67 -16.84 24.45 -37.62
C HIS C 67 -16.81 23.91 -36.19
N ILE C 68 -15.92 22.97 -35.89
CA ILE C 68 -15.74 22.38 -34.53
C ILE C 68 -15.44 23.54 -33.56
N CYS C 69 -14.47 24.39 -33.89
CA CYS C 69 -13.97 25.46 -33.00
C CYS C 69 -14.99 26.61 -32.86
N ARG C 70 -15.94 26.75 -33.78
CA ARG C 70 -16.89 27.90 -33.83
C ARG C 70 -18.32 27.48 -33.46
N ASP C 71 -18.81 26.33 -33.93
CA ASP C 71 -20.26 25.98 -33.84
C ASP C 71 -20.50 24.75 -32.94
N VAL C 72 -19.53 23.83 -32.80
CA VAL C 72 -19.65 22.64 -31.89
C VAL C 72 -19.44 23.09 -30.43
N ASN C 73 -20.29 22.63 -29.51
CA ASN C 73 -20.26 22.99 -28.07
C ASN C 73 -18.93 22.55 -27.45
N TYR C 74 -18.12 23.50 -26.99
CA TYR C 74 -16.78 23.26 -26.40
C TYR C 74 -15.88 22.54 -27.39
N GLY C 75 -16.22 22.55 -28.68
CA GLY C 75 -15.40 21.94 -29.74
C GLY C 75 -14.01 22.56 -29.75
N TRP C 76 -13.91 23.85 -29.45
CA TRP C 76 -12.62 24.60 -29.48
C TRP C 76 -11.67 24.00 -28.44
N ILE C 77 -12.08 23.91 -27.18
CA ILE C 77 -11.21 23.42 -26.07
C ILE C 77 -10.77 21.97 -26.39
N ILE C 78 -11.68 21.14 -26.88
CA ILE C 78 -11.39 19.73 -27.31
C ILE C 78 -10.28 19.77 -28.38
N ARG C 79 -10.43 20.61 -29.40
CA ARG C 79 -9.53 20.70 -30.59
C ARG C 79 -8.12 21.13 -30.19
N TYR C 80 -7.97 22.13 -29.31
CA TYR C 80 -6.67 22.74 -28.91
C TYR C 80 -6.05 21.90 -27.78
N MET C 81 -6.89 21.17 -27.04
CA MET C 81 -6.41 20.11 -26.11
C MET C 81 -5.67 19.06 -26.94
N HIS C 82 -6.26 18.63 -28.07
CA HIS C 82 -5.76 17.51 -28.91
C HIS C 82 -4.47 17.92 -29.60
N ALA C 83 -4.30 19.20 -29.94
CA ALA C 83 -3.12 19.73 -30.67
C ALA C 83 -2.00 19.97 -29.65
N ASN C 84 -2.31 20.59 -28.52
CA ASN C 84 -1.32 20.80 -27.44
C ASN C 84 -1.14 19.48 -26.66
N GLY C 85 -2.04 18.51 -26.84
CA GLY C 85 -1.89 17.14 -26.29
C GLY C 85 -0.78 16.39 -27.00
N ALA C 86 -0.65 16.59 -28.32
CA ALA C 86 0.39 16.00 -29.20
C ALA C 86 1.77 16.57 -28.85
N SER C 87 1.87 17.88 -28.55
CA SER C 87 3.08 18.53 -28.00
C SER C 87 3.49 17.89 -26.66
N MET C 88 2.55 17.82 -25.71
CA MET C 88 2.83 17.32 -24.34
C MET C 88 3.28 15.86 -24.42
N PHE C 89 2.75 15.10 -25.39
CA PHE C 89 3.15 13.70 -25.68
C PHE C 89 4.66 13.68 -25.97
N PHE C 90 5.10 14.49 -26.94
CA PHE C 90 6.50 14.47 -27.48
C PHE C 90 7.48 15.01 -26.44
N ILE C 91 7.06 16.01 -25.66
CA ILE C 91 7.88 16.46 -24.49
C ILE C 91 8.09 15.20 -23.65
N CYS C 92 7.01 14.56 -23.23
CA CYS C 92 7.06 13.35 -22.36
C CYS C 92 8.06 12.35 -22.96
N LEU C 93 7.92 12.02 -24.25
CA LEU C 93 8.70 10.95 -24.95
C LEU C 93 10.21 11.22 -24.83
N TYR C 94 10.66 12.43 -25.17
CA TYR C 94 12.09 12.81 -25.25
C TYR C 94 12.68 12.84 -23.83
N MET C 95 11.85 13.20 -22.84
CA MET C 95 12.21 13.17 -21.39
C MET C 95 12.31 11.71 -20.90
N HIS C 96 11.40 10.86 -21.39
CA HIS C 96 11.31 9.42 -21.03
C HIS C 96 12.53 8.68 -21.59
N VAL C 97 13.00 9.08 -22.78
CA VAL C 97 14.16 8.45 -23.48
C VAL C 97 15.44 8.91 -22.79
N GLY C 98 15.58 10.24 -22.60
CA GLY C 98 16.71 10.84 -21.88
C GLY C 98 17.02 10.08 -20.60
N ARG C 99 15.97 9.74 -19.84
CA ARG C 99 16.06 8.95 -18.59
C ARG C 99 16.74 7.62 -18.93
N GLY C 100 16.24 6.95 -19.97
CA GLY C 100 16.81 5.68 -20.47
C GLY C 100 18.31 5.78 -20.69
N LEU C 101 18.74 6.81 -21.41
CA LEU C 101 20.13 6.95 -21.93
C LEU C 101 21.10 7.27 -20.79
N TYR C 102 20.69 8.13 -19.85
CA TYR C 102 21.55 8.64 -18.76
C TYR C 102 21.73 7.54 -17.71
N TYR C 103 20.65 6.84 -17.35
CA TYR C 103 20.65 5.82 -16.27
C TYR C 103 20.87 4.42 -16.86
N GLY C 104 21.11 4.37 -18.18
CA GLY C 104 21.43 3.13 -18.92
C GLY C 104 20.35 2.07 -18.80
N SER C 105 19.06 2.46 -18.80
CA SER C 105 17.89 1.55 -18.70
C SER C 105 17.75 0.69 -19.96
N TYR C 106 18.39 1.11 -21.06
CA TYR C 106 18.35 0.42 -22.38
C TYR C 106 18.91 -1.00 -22.23
N THR C 107 19.78 -1.29 -21.26
CA THR C 107 20.36 -2.66 -21.06
C THR C 107 19.23 -3.71 -21.11
N PHE C 108 18.04 -3.39 -20.57
CA PHE C 108 16.78 -4.15 -20.79
C PHE C 108 16.42 -4.08 -22.29
N LEU C 109 16.96 -5.01 -23.08
CA LEU C 109 17.05 -4.86 -24.57
C LEU C 109 15.65 -4.84 -25.17
N GLU C 110 14.82 -5.82 -24.78
CA GLU C 110 13.47 -6.07 -25.37
C GLU C 110 12.61 -4.84 -25.06
N THR C 111 12.46 -4.55 -23.76
CA THR C 111 11.77 -3.34 -23.23
C THR C 111 12.20 -2.12 -24.05
N TRP C 112 13.52 -1.91 -24.20
CA TRP C 112 14.11 -0.79 -25.00
C TRP C 112 13.61 -0.83 -26.45
N ASN C 113 13.89 -1.92 -27.17
CA ASN C 113 13.65 -2.03 -28.64
C ASN C 113 12.17 -1.79 -28.94
N ILE C 114 11.26 -2.38 -28.15
CA ILE C 114 9.79 -2.12 -28.26
C ILE C 114 9.57 -0.60 -28.14
N GLY C 115 10.26 0.04 -27.20
CA GLY C 115 10.31 1.51 -27.06
C GLY C 115 10.50 2.18 -28.41
N VAL C 116 11.65 1.92 -29.06
CA VAL C 116 12.06 2.52 -30.37
C VAL C 116 10.89 2.41 -31.37
N ILE C 117 10.28 1.23 -31.45
CA ILE C 117 9.09 0.95 -32.29
C ILE C 117 7.95 1.88 -31.87
N LEU C 118 7.62 1.97 -30.58
CA LEU C 118 6.56 2.88 -30.06
C LEU C 118 6.85 4.32 -30.52
N LEU C 119 8.11 4.76 -30.44
CA LEU C 119 8.51 6.14 -30.82
C LEU C 119 8.25 6.38 -32.31
N LEU C 120 8.62 5.41 -33.14
CA LEU C 120 8.44 5.49 -34.61
C LEU C 120 6.94 5.48 -34.93
N THR C 121 6.13 4.75 -34.18
CA THR C 121 4.66 4.65 -34.42
C THR C 121 3.94 5.94 -34.03
N VAL C 122 4.31 6.55 -32.91
CA VAL C 122 3.73 7.86 -32.44
C VAL C 122 4.08 8.95 -33.47
N MET C 123 5.30 8.91 -34.03
CA MET C 123 5.81 9.86 -35.05
C MET C 123 4.95 9.78 -36.31
N ALA C 124 4.81 8.58 -36.87
CA ALA C 124 3.96 8.30 -38.05
C ALA C 124 2.55 8.87 -37.80
N THR C 125 2.03 8.68 -36.58
CA THR C 125 0.65 9.07 -36.19
C THR C 125 0.53 10.60 -36.29
N ALA C 126 1.41 11.33 -35.60
CA ALA C 126 1.40 12.80 -35.44
C ALA C 126 1.59 13.48 -36.81
N PHE C 127 2.52 12.96 -37.61
CA PHE C 127 2.84 13.46 -38.98
C PHE C 127 1.54 13.53 -39.78
N MET C 128 0.77 12.43 -39.75
CA MET C 128 -0.48 12.22 -40.52
C MET C 128 -1.63 13.02 -39.88
N GLY C 129 -1.58 13.22 -38.55
CA GLY C 129 -2.51 14.06 -37.80
C GLY C 129 -2.45 15.52 -38.23
N TYR C 130 -1.23 16.06 -38.40
CA TYR C 130 -0.98 17.48 -38.75
C TYR C 130 -1.35 17.78 -40.22
N VAL C 131 -1.74 16.77 -41.01
CA VAL C 131 -2.19 16.94 -42.43
C VAL C 131 -3.71 17.16 -42.45
N LEU C 132 -4.44 16.52 -41.52
CA LEU C 132 -5.92 16.43 -41.53
C LEU C 132 -6.59 17.80 -41.58
N PRO C 133 -6.07 18.85 -40.89
CA PRO C 133 -6.60 20.21 -41.04
C PRO C 133 -6.55 20.81 -42.46
N TRP C 134 -5.62 20.33 -43.28
CA TRP C 134 -5.51 20.70 -44.72
C TRP C 134 -5.32 22.22 -44.85
N GLY C 135 -4.49 22.79 -43.97
CA GLY C 135 -3.92 24.14 -44.11
C GLY C 135 -2.70 24.10 -45.02
N GLN C 136 -1.99 25.22 -45.12
CA GLN C 136 -0.79 25.38 -45.99
C GLN C 136 0.32 24.41 -45.51
N MET C 137 0.85 24.61 -44.30
CA MET C 137 1.97 23.80 -43.74
C MET C 137 1.57 22.32 -43.78
N SER C 138 0.34 21.99 -43.39
CA SER C 138 -0.26 20.62 -43.50
C SER C 138 0.07 20.00 -44.86
N PHE C 139 -0.26 20.70 -45.95
CA PHE C 139 -0.19 20.16 -47.34
C PHE C 139 1.25 20.22 -47.85
N TRP C 140 1.95 21.33 -47.60
CA TRP C 140 3.30 21.63 -48.18
C TRP C 140 4.36 20.82 -47.44
N GLY C 141 4.17 20.61 -46.14
CA GLY C 141 4.98 19.66 -45.36
C GLY C 141 4.87 18.25 -45.91
N ALA C 142 3.63 17.74 -45.99
CA ALA C 142 3.27 16.36 -46.39
C ALA C 142 3.85 16.02 -47.78
N THR C 143 3.94 17.02 -48.66
CA THR C 143 4.45 16.87 -50.05
C THR C 143 5.98 16.70 -49.98
N VAL C 144 6.69 17.63 -49.35
CA VAL C 144 8.19 17.68 -49.34
C VAL C 144 8.71 16.43 -48.65
N ILE C 145 8.15 16.12 -47.49
CA ILE C 145 8.57 15.00 -46.59
C ILE C 145 8.29 13.66 -47.29
N THR C 146 7.07 13.44 -47.77
CA THR C 146 6.69 12.20 -48.50
C THR C 146 7.65 12.02 -49.68
N ASN C 147 7.91 13.11 -50.42
CA ASN C 147 8.61 13.09 -51.73
C ASN C 147 10.11 12.85 -51.54
N LEU C 148 10.59 12.80 -50.31
CA LEU C 148 11.97 12.34 -50.00
C LEU C 148 12.14 10.88 -50.48
N LEU C 149 11.09 10.06 -50.41
CA LEU C 149 11.16 8.62 -50.76
C LEU C 149 11.51 8.42 -52.23
N SER C 150 11.34 9.46 -53.06
CA SER C 150 11.65 9.48 -54.51
C SER C 150 13.13 9.22 -54.77
N ALA C 151 13.99 9.62 -53.82
CA ALA C 151 15.47 9.53 -53.88
C ALA C 151 15.95 8.08 -53.93
N ILE C 152 15.17 7.14 -53.38
CA ILE C 152 15.46 5.67 -53.43
C ILE C 152 15.59 5.28 -54.90
N PRO C 153 16.76 4.74 -55.32
CA PRO C 153 16.92 4.27 -56.71
C PRO C 153 15.88 3.21 -57.12
N TYR C 154 15.65 3.07 -58.44
CA TYR C 154 14.82 2.01 -59.07
C TYR C 154 13.32 2.23 -58.76
N ILE C 155 12.92 2.17 -57.49
CA ILE C 155 11.49 2.09 -57.05
C ILE C 155 10.96 3.46 -56.58
N GLY C 156 11.82 4.25 -55.94
CA GLY C 156 11.45 5.46 -55.15
C GLY C 156 10.28 6.21 -55.73
N THR C 157 10.35 6.55 -57.02
CA THR C 157 9.36 7.41 -57.72
C THR C 157 7.97 6.73 -57.70
N ASN C 158 7.89 5.43 -58.00
CA ASN C 158 6.61 4.67 -57.94
C ASN C 158 6.03 4.73 -56.53
N LEU C 159 6.86 4.36 -55.54
CA LEU C 159 6.55 4.27 -54.09
C LEU C 159 5.75 5.50 -53.63
N VAL C 160 6.28 6.69 -53.91
CA VAL C 160 5.68 8.00 -53.50
C VAL C 160 4.25 8.09 -54.05
N GLU C 161 4.10 7.78 -55.34
CA GLU C 161 2.80 7.88 -56.08
C GLU C 161 1.81 6.86 -55.51
N TRP C 162 2.30 5.69 -55.11
CA TRP C 162 1.48 4.59 -54.52
C TRP C 162 0.90 5.03 -53.17
N ILE C 163 1.74 5.59 -52.29
CA ILE C 163 1.30 6.15 -50.98
C ILE C 163 0.21 7.19 -51.26
N TRP C 164 0.54 8.20 -52.09
CA TRP C 164 -0.34 9.34 -52.44
C TRP C 164 -1.68 8.82 -52.99
N GLY C 165 -1.62 7.84 -53.90
CA GLY C 165 -2.80 7.34 -54.64
C GLY C 165 -3.12 8.21 -55.84
N GLY C 166 -2.09 8.84 -56.42
CA GLY C 166 -2.19 9.88 -57.45
C GLY C 166 -0.83 10.44 -57.81
N PHE C 167 -0.80 11.59 -58.49
CA PHE C 167 0.43 12.25 -59.02
C PHE C 167 0.83 13.42 -58.11
N SER C 168 0.00 13.70 -57.08
CA SER C 168 0.22 14.72 -56.03
C SER C 168 -0.53 14.35 -54.75
N VAL C 169 -0.25 15.05 -53.66
CA VAL C 169 -1.02 14.96 -52.37
C VAL C 169 -2.39 15.58 -52.61
N ASP C 170 -3.44 14.76 -52.70
CA ASP C 170 -4.79 15.24 -53.10
C ASP C 170 -5.86 14.43 -52.34
N LYS C 171 -7.00 14.14 -52.98
CA LYS C 171 -8.24 13.69 -52.30
C LYS C 171 -8.01 12.32 -51.68
N ALA C 172 -7.34 11.42 -52.43
CA ALA C 172 -7.10 10.00 -52.07
C ALA C 172 -6.09 9.90 -50.92
N THR C 173 -5.16 10.86 -50.82
CA THR C 173 -4.14 10.92 -49.76
C THR C 173 -4.85 11.26 -48.44
N LEU C 174 -5.59 12.36 -48.40
CA LEU C 174 -6.19 12.90 -47.15
C LEU C 174 -7.18 11.91 -46.54
N THR C 175 -7.91 11.17 -47.36
CA THR C 175 -8.95 10.21 -46.87
C THR C 175 -8.25 9.02 -46.20
N ARG C 176 -7.14 8.53 -46.78
CA ARG C 176 -6.38 7.35 -46.27
C ARG C 176 -5.56 7.74 -45.04
N PHE C 177 -5.00 8.94 -45.01
CA PHE C 177 -4.31 9.51 -43.82
C PHE C 177 -5.30 9.56 -42.64
N PHE C 178 -6.59 9.85 -42.89
CA PHE C 178 -7.62 9.90 -41.83
C PHE C 178 -7.88 8.50 -41.28
N ALA C 179 -7.72 7.47 -42.12
CA ALA C 179 -7.91 6.05 -41.74
C ALA C 179 -6.68 5.55 -40.94
N PHE C 180 -5.47 5.76 -41.45
CA PHE C 180 -4.20 5.34 -40.79
C PHE C 180 -4.06 6.05 -39.44
N HIS C 181 -4.42 7.34 -39.38
CA HIS C 181 -4.32 8.19 -38.16
C HIS C 181 -5.26 7.69 -37.06
N PHE C 182 -6.42 7.13 -37.43
CA PHE C 182 -7.47 6.62 -36.51
C PHE C 182 -7.01 5.29 -35.91
N ILE C 183 -6.55 4.36 -36.76
CA ILE C 183 -6.22 2.97 -36.34
C ILE C 183 -4.94 2.97 -35.48
N LEU C 184 -3.87 3.66 -35.89
CA LEU C 184 -2.50 3.49 -35.32
C LEU C 184 -2.46 3.67 -33.81
N PRO C 185 -3.13 4.69 -33.23
CA PRO C 185 -3.16 4.85 -31.79
C PRO C 185 -3.56 3.55 -31.08
N PHE C 186 -4.51 2.78 -31.64
CA PHE C 186 -4.98 1.50 -31.05
C PHE C 186 -3.89 0.45 -31.19
N ILE C 187 -3.03 0.52 -32.21
CA ILE C 187 -1.89 -0.41 -32.42
C ILE C 187 -0.76 -0.04 -31.45
N ILE C 188 -0.55 1.26 -31.18
CA ILE C 188 0.37 1.77 -30.12
C ILE C 188 -0.08 1.22 -28.76
N MET C 189 -1.36 1.36 -28.45
CA MET C 189 -2.08 0.81 -27.27
C MET C 189 -1.62 -0.62 -26.97
N ALA C 190 -1.69 -1.52 -27.95
CA ALA C 190 -1.35 -2.94 -27.83
C ALA C 190 0.16 -3.08 -27.60
N ILE C 191 0.99 -2.40 -28.41
CA ILE C 191 2.48 -2.49 -28.36
C ILE C 191 3.00 -1.99 -27.02
N ALA C 192 2.43 -0.89 -26.51
CA ALA C 192 2.69 -0.34 -25.16
C ALA C 192 2.54 -1.45 -24.12
N MET C 193 1.54 -2.33 -24.28
CA MET C 193 1.25 -3.39 -23.28
C MET C 193 2.25 -4.52 -23.39
N VAL C 194 2.88 -4.72 -24.55
CA VAL C 194 4.00 -5.70 -24.69
C VAL C 194 5.26 -5.08 -24.05
N HIS C 195 5.46 -3.77 -24.22
CA HIS C 195 6.52 -2.94 -23.59
C HIS C 195 6.59 -3.24 -22.07
N LEU C 196 5.43 -3.22 -21.40
CA LEU C 196 5.29 -3.42 -19.93
C LEU C 196 5.47 -4.90 -19.58
N LEU C 197 4.80 -5.77 -20.32
CA LEU C 197 4.92 -7.25 -20.20
C LEU C 197 6.41 -7.60 -20.03
N PHE C 198 7.28 -7.02 -20.85
CA PHE C 198 8.75 -7.31 -20.87
C PHE C 198 9.44 -6.61 -19.70
N LEU C 199 8.99 -5.40 -19.35
CA LEU C 199 9.56 -4.66 -18.20
C LEU C 199 9.46 -5.51 -16.93
N HIS C 200 8.31 -6.18 -16.67
CA HIS C 200 8.02 -6.93 -15.41
C HIS C 200 8.73 -8.28 -15.39
N GLU C 201 9.56 -8.55 -16.41
CA GLU C 201 10.52 -9.67 -16.46
C GLU C 201 11.76 -9.32 -15.62
N THR C 202 12.05 -8.04 -15.39
CA THR C 202 13.16 -7.57 -14.50
C THR C 202 12.68 -6.50 -13.51
N GLY C 203 11.47 -5.96 -13.67
CA GLY C 203 11.08 -4.73 -12.97
C GLY C 203 11.96 -3.55 -13.37
N SER C 204 12.06 -2.56 -12.49
CA SER C 204 12.56 -1.21 -12.81
C SER C 204 14.05 -1.07 -12.50
N ASN C 205 14.78 -0.35 -13.35
CA ASN C 205 16.11 0.24 -13.04
C ASN C 205 15.87 1.38 -12.04
N ASN C 206 16.92 1.92 -11.42
CA ASN C 206 16.85 3.03 -10.43
C ASN C 206 18.06 3.92 -10.63
N PRO C 207 18.02 5.19 -10.16
CA PRO C 207 19.08 6.17 -10.46
C PRO C 207 20.55 5.77 -10.22
N THR C 208 20.82 4.89 -9.25
CA THR C 208 22.21 4.41 -8.93
C THR C 208 22.72 3.44 -10.00
N GLY C 209 21.83 2.80 -10.78
CA GLY C 209 22.21 1.75 -11.74
C GLY C 209 22.78 0.54 -11.02
N ILE C 210 22.61 0.51 -9.70
CA ILE C 210 22.89 -0.67 -8.84
C ILE C 210 21.55 -1.35 -8.58
N SER C 211 21.58 -2.67 -8.58
CA SER C 211 20.44 -3.56 -8.25
C SER C 211 19.77 -3.10 -6.94
N SER C 212 18.43 -3.12 -6.88
CA SER C 212 17.60 -2.58 -5.76
C SER C 212 16.64 -3.64 -5.21
N ASP C 213 17.01 -4.92 -5.23
CA ASP C 213 16.18 -6.04 -4.71
C ASP C 213 16.22 -6.03 -3.19
N VAL C 214 17.27 -5.46 -2.61
CA VAL C 214 17.43 -5.36 -1.13
C VAL C 214 16.57 -4.21 -0.58
N ASP C 215 15.93 -3.37 -1.42
CA ASP C 215 15.10 -2.20 -0.97
C ASP C 215 13.97 -1.89 -1.97
N LYS C 216 12.99 -2.80 -2.09
CA LYS C 216 11.75 -2.64 -2.88
C LYS C 216 10.61 -2.20 -1.97
N ILE C 217 9.71 -1.35 -2.48
CA ILE C 217 8.49 -0.88 -1.79
C ILE C 217 7.30 -1.25 -2.67
N PRO C 218 6.10 -1.53 -2.11
CA PRO C 218 4.94 -1.85 -2.91
C PRO C 218 4.44 -0.60 -3.66
N PHE C 219 4.15 -0.75 -4.96
CA PHE C 219 3.75 0.36 -5.87
C PHE C 219 2.65 1.20 -5.22
N HIS C 220 1.63 0.54 -4.67
CA HIS C 220 0.54 1.18 -3.88
C HIS C 220 0.90 1.09 -2.40
N PRO C 221 0.75 2.18 -1.59
CA PRO C 221 0.20 3.47 -2.04
C PRO C 221 1.25 4.48 -2.49
N TYR C 222 2.53 4.11 -2.39
CA TYR C 222 3.69 4.99 -2.62
C TYR C 222 3.62 5.57 -4.04
N TYR C 223 3.80 4.77 -5.09
CA TYR C 223 3.95 5.29 -6.47
C TYR C 223 2.59 5.53 -7.12
N THR C 224 1.46 5.05 -6.57
CA THR C 224 0.11 5.47 -7.02
C THR C 224 -0.13 6.93 -6.64
N ILE C 225 0.11 7.31 -5.38
CA ILE C 225 -0.10 8.71 -4.91
C ILE C 225 0.81 9.66 -5.69
N LYS C 226 2.02 9.24 -6.06
CA LYS C 226 3.00 10.09 -6.79
C LYS C 226 2.63 10.17 -8.28
N ASP C 227 2.11 9.10 -8.86
CA ASP C 227 1.61 9.11 -10.26
C ASP C 227 0.52 10.19 -10.39
N ILE C 228 -0.39 10.29 -9.42
CA ILE C 228 -1.54 11.27 -9.37
C ILE C 228 -0.96 12.69 -9.42
N LEU C 229 0.02 12.97 -8.57
CA LEU C 229 0.65 14.32 -8.45
C LEU C 229 1.20 14.69 -9.83
N GLY C 230 1.91 13.74 -10.48
CA GLY C 230 2.47 13.90 -11.83
C GLY C 230 1.40 14.23 -12.87
N ALA C 231 0.34 13.40 -12.93
CA ALA C 231 -0.84 13.56 -13.81
C ALA C 231 -1.40 14.97 -13.61
N LEU C 232 -1.49 15.42 -12.35
CA LEU C 232 -2.00 16.77 -12.01
C LEU C 232 -1.12 17.83 -12.69
N LEU C 233 0.21 17.75 -12.50
CA LEU C 233 1.20 18.69 -13.11
C LEU C 233 1.14 18.61 -14.65
N LEU C 234 0.95 17.44 -15.25
CA LEU C 234 0.80 17.30 -16.72
C LEU C 234 -0.44 18.06 -17.19
N ILE C 235 -1.54 18.01 -16.43
CA ILE C 235 -2.81 18.73 -16.79
C ILE C 235 -2.54 20.23 -16.78
N LEU C 236 -1.86 20.73 -15.74
CA LEU C 236 -1.51 22.17 -15.59
C LEU C 236 -0.78 22.65 -16.85
N ALA C 237 0.33 22.00 -17.18
CA ALA C 237 1.18 22.28 -18.38
C ALA C 237 0.32 22.32 -19.65
N LEU C 238 -0.59 21.35 -19.82
CA LEU C 238 -1.50 21.22 -21.00
C LEU C 238 -2.48 22.39 -21.02
N MET C 239 -3.14 22.66 -19.89
CA MET C 239 -4.23 23.67 -19.79
C MET C 239 -3.65 25.09 -19.75
N LEU C 240 -2.43 25.28 -19.26
CA LEU C 240 -1.74 26.60 -19.39
C LEU C 240 -1.68 26.93 -20.88
N LEU C 241 -1.16 26.02 -21.70
CA LEU C 241 -1.10 26.18 -23.17
C LEU C 241 -2.51 26.42 -23.76
N VAL C 242 -3.47 25.55 -23.45
CA VAL C 242 -4.81 25.55 -24.13
C VAL C 242 -5.56 26.83 -23.77
N LEU C 243 -5.46 27.30 -22.52
CA LEU C 243 -6.30 28.39 -22.00
C LEU C 243 -5.55 29.73 -21.97
N PHE C 244 -4.24 29.75 -22.23
CA PHE C 244 -3.43 31.01 -22.21
C PHE C 244 -2.53 31.17 -23.44
N ALA C 245 -2.30 30.15 -24.27
CA ALA C 245 -1.39 30.27 -25.45
C ALA C 245 -1.58 29.12 -26.44
N PRO C 246 -2.81 28.83 -26.90
CA PRO C 246 -3.08 27.59 -27.63
C PRO C 246 -2.36 27.51 -28.98
N ASP C 247 -1.87 28.64 -29.51
CA ASP C 247 -1.19 28.73 -30.84
C ASP C 247 0.32 28.97 -30.68
N LEU C 248 0.87 28.94 -29.46
CA LEU C 248 2.29 29.27 -29.22
C LEU C 248 3.20 28.30 -30.00
N LEU C 249 2.90 27.00 -29.99
CA LEU C 249 3.81 25.92 -30.48
C LEU C 249 3.50 25.52 -31.93
N GLY C 250 2.53 26.15 -32.57
CA GLY C 250 2.14 25.89 -33.97
C GLY C 250 2.78 26.88 -34.94
N ASP C 251 2.14 27.11 -36.09
CA ASP C 251 2.61 27.99 -37.18
C ASP C 251 1.42 28.70 -37.79
N PRO C 252 1.43 30.04 -37.93
CA PRO C 252 0.30 30.79 -38.46
C PRO C 252 -0.25 30.27 -39.80
N ASP C 253 0.62 29.83 -40.71
CA ASP C 253 0.29 29.50 -42.12
C ASP C 253 -0.78 28.40 -42.20
N ASN C 254 -1.04 27.67 -41.11
CA ASN C 254 -2.01 26.53 -41.08
C ASN C 254 -3.40 27.03 -40.68
N TYR C 255 -3.62 28.34 -40.79
CA TYR C 255 -4.94 29.00 -40.62
C TYR C 255 -5.47 29.52 -41.98
N THR C 256 -4.67 29.44 -43.06
CA THR C 256 -5.07 29.74 -44.47
C THR C 256 -5.16 28.42 -45.25
N PRO C 257 -6.30 28.10 -45.88
CA PRO C 257 -6.49 26.81 -46.57
C PRO C 257 -5.36 26.41 -47.53
N ALA C 258 -5.27 25.12 -47.84
CA ALA C 258 -4.18 24.54 -48.65
C ALA C 258 -4.32 25.06 -50.09
N ASN C 259 -3.22 25.52 -50.70
CA ASN C 259 -3.20 26.12 -52.06
C ASN C 259 -2.01 25.57 -52.85
N PRO C 260 -2.25 24.70 -53.87
CA PRO C 260 -1.15 24.04 -54.59
C PRO C 260 -0.33 24.95 -55.52
N LEU C 261 -0.73 26.22 -55.67
CA LEU C 261 0.06 27.24 -56.42
C LEU C 261 0.91 28.03 -55.43
N ASN C 262 0.24 28.80 -54.55
CA ASN C 262 0.82 29.75 -53.56
C ASN C 262 1.62 28.96 -52.50
N THR C 263 2.94 29.13 -52.43
CA THR C 263 3.83 28.40 -51.50
C THR C 263 4.09 29.27 -50.27
N PRO C 264 4.07 28.72 -49.03
CA PRO C 264 4.48 29.46 -47.83
C PRO C 264 5.96 29.78 -47.84
N PRO C 265 6.38 30.86 -47.14
CA PRO C 265 7.77 31.33 -47.20
C PRO C 265 8.78 30.25 -46.77
N HIS C 266 8.79 29.86 -45.50
CA HIS C 266 9.77 28.90 -44.94
C HIS C 266 9.02 27.68 -44.41
N ILE C 267 8.93 26.65 -45.25
CA ILE C 267 8.19 25.37 -45.03
C ILE C 267 9.02 24.49 -44.08
N LYS C 268 8.41 23.99 -43.00
CA LYS C 268 9.09 23.22 -41.93
C LYS C 268 8.08 22.34 -41.20
N PRO C 269 8.49 21.17 -40.64
CA PRO C 269 7.58 20.30 -39.92
C PRO C 269 7.40 20.86 -38.50
N GLU C 270 6.60 20.19 -37.66
CA GLU C 270 6.27 20.69 -36.29
C GLU C 270 7.51 20.53 -35.38
N TRP C 271 7.56 21.26 -34.27
CA TRP C 271 8.79 21.50 -33.45
C TRP C 271 9.50 20.19 -33.05
N TYR C 272 8.77 19.08 -32.95
CA TYR C 272 9.30 17.79 -32.45
C TYR C 272 9.95 16.99 -33.58
N PHE C 273 9.97 17.50 -34.82
CA PHE C 273 10.71 16.87 -35.94
C PHE C 273 11.91 17.73 -36.36
N LEU C 274 11.97 18.99 -35.93
CA LEU C 274 12.94 19.99 -36.45
C LEU C 274 14.37 19.48 -36.30
N PHE C 275 14.68 18.74 -35.23
CA PHE C 275 16.07 18.27 -34.97
C PHE C 275 16.54 17.40 -36.15
N ALA C 276 15.64 16.56 -36.67
CA ALA C 276 15.94 15.57 -37.73
C ALA C 276 15.83 16.23 -39.11
N TYR C 277 14.95 17.22 -39.23
CA TYR C 277 14.78 18.05 -40.45
C TYR C 277 16.07 18.81 -40.76
N ALA C 278 16.79 19.24 -39.70
CA ALA C 278 18.08 19.97 -39.77
C ALA C 278 19.20 19.04 -40.24
N ILE C 279 19.25 17.80 -39.72
CA ILE C 279 20.27 16.76 -40.05
C ILE C 279 20.12 16.40 -41.54
N LEU C 280 18.89 16.20 -41.98
CA LEU C 280 18.49 15.99 -43.40
C LEU C 280 19.18 17.02 -44.29
N ARG C 281 19.03 18.31 -43.97
CA ARG C 281 19.50 19.47 -44.77
C ARG C 281 21.03 19.61 -44.66
N SER C 282 21.65 19.02 -43.63
CA SER C 282 23.13 19.00 -43.45
C SER C 282 23.78 18.45 -44.72
N ILE C 283 23.45 17.20 -45.07
CA ILE C 283 24.03 16.50 -46.26
C ILE C 283 23.48 17.16 -47.51
N PRO C 284 24.34 17.65 -48.43
CA PRO C 284 23.88 18.25 -49.68
C PRO C 284 23.19 17.28 -50.66
N ASN C 285 23.63 16.00 -50.73
CA ASN C 285 23.05 14.97 -51.62
C ASN C 285 21.74 14.44 -51.01
N LYS C 286 20.67 14.33 -51.80
CA LYS C 286 19.28 14.16 -51.29
C LYS C 286 19.05 12.75 -50.74
N LEU C 287 19.58 11.71 -51.38
CA LEU C 287 19.42 10.30 -50.89
C LEU C 287 20.23 10.14 -49.60
N GLY C 288 21.46 10.68 -49.58
CA GLY C 288 22.32 10.71 -48.39
C GLY C 288 21.56 11.25 -47.19
N GLY C 289 20.92 12.41 -47.36
CA GLY C 289 20.15 13.13 -46.34
C GLY C 289 18.97 12.32 -45.81
N VAL C 290 18.40 11.41 -46.62
CA VAL C 290 17.26 10.55 -46.21
C VAL C 290 17.82 9.36 -45.39
N LEU C 291 19.03 8.91 -45.71
CA LEU C 291 19.74 7.84 -44.95
C LEU C 291 20.20 8.41 -43.60
N ALA C 292 20.57 9.69 -43.55
CA ALA C 292 20.95 10.38 -42.30
C ALA C 292 19.72 10.64 -41.43
N LEU C 293 18.64 11.16 -42.02
CA LEU C 293 17.35 11.42 -41.32
C LEU C 293 16.79 10.11 -40.75
N ALA C 294 16.97 9.00 -41.46
CA ALA C 294 16.54 7.65 -41.01
C ALA C 294 17.44 7.17 -39.86
N PHE C 295 18.76 7.36 -39.98
CA PHE C 295 19.79 6.85 -39.03
C PHE C 295 19.78 7.70 -37.74
N SER C 296 19.35 8.97 -37.81
CA SER C 296 19.23 9.89 -36.64
C SER C 296 18.22 9.37 -35.60
N ILE C 297 17.26 8.50 -35.99
CA ILE C 297 16.22 7.88 -35.11
C ILE C 297 16.59 6.42 -34.84
N LEU C 298 16.96 5.66 -35.88
CA LEU C 298 17.27 4.21 -35.80
C LEU C 298 18.56 3.97 -35.01
N ILE C 299 19.40 5.00 -34.83
CA ILE C 299 20.66 4.87 -34.05
C ILE C 299 20.31 4.56 -32.58
N LEU C 300 19.07 4.82 -32.15
CA LEU C 300 18.55 4.42 -30.81
C LEU C 300 18.73 2.91 -30.60
N ALA C 301 18.51 2.11 -31.64
CA ALA C 301 18.63 0.64 -31.62
C ALA C 301 20.09 0.22 -31.43
N LEU C 302 21.04 1.12 -31.72
CA LEU C 302 22.50 0.83 -31.67
C LEU C 302 23.12 1.25 -30.32
N ILE C 303 22.39 1.96 -29.45
CA ILE C 303 22.90 2.58 -28.18
C ILE C 303 23.34 1.52 -27.18
N PRO C 304 22.59 0.41 -26.97
CA PRO C 304 23.04 -0.69 -26.10
C PRO C 304 24.39 -1.30 -26.51
N LEU C 305 24.61 -1.47 -27.81
CA LEU C 305 25.84 -2.07 -28.36
C LEU C 305 27.04 -1.12 -28.20
N LEU C 306 26.83 0.17 -27.90
CA LEU C 306 27.91 1.18 -27.76
C LEU C 306 28.25 1.45 -26.28
N HIS C 307 27.70 0.65 -25.35
CA HIS C 307 27.89 0.80 -23.87
C HIS C 307 29.19 0.13 -23.44
N THR C 308 30.13 0.92 -22.90
CA THR C 308 31.52 0.50 -22.62
C THR C 308 31.77 0.43 -21.11
N SER C 309 31.16 1.35 -20.35
CA SER C 309 31.42 1.57 -18.90
C SER C 309 31.04 0.33 -18.11
N LYS C 310 31.78 0.03 -17.03
CA LYS C 310 31.54 -1.13 -16.12
C LYS C 310 30.47 -0.74 -15.08
N GLN C 311 30.17 0.56 -14.98
CA GLN C 311 29.02 1.08 -14.21
C GLN C 311 27.85 1.30 -15.19
N ARG C 312 26.63 1.01 -14.76
CA ARG C 312 25.41 1.06 -15.63
C ARG C 312 24.87 2.50 -15.76
N SER C 313 24.80 3.25 -14.66
CA SER C 313 24.24 4.63 -14.58
C SER C 313 25.35 5.67 -14.80
N MET C 314 24.95 6.89 -15.19
CA MET C 314 25.88 8.05 -15.32
C MET C 314 25.95 8.83 -13.99
N MET C 315 25.29 8.33 -12.94
CA MET C 315 25.31 8.96 -11.60
C MET C 315 26.77 9.20 -11.17
N PHE C 316 27.60 8.16 -11.23
CA PHE C 316 28.99 8.16 -10.70
C PHE C 316 30.00 8.32 -11.86
N ARG C 317 29.58 8.96 -12.95
CA ARG C 317 30.38 9.11 -14.20
C ARG C 317 30.36 10.55 -14.67
N PRO C 318 31.26 11.41 -14.13
CA PRO C 318 31.32 12.82 -14.51
C PRO C 318 31.57 13.16 -15.99
N LEU C 319 32.57 12.54 -16.64
CA LEU C 319 32.89 12.74 -18.09
C LEU C 319 31.63 12.52 -18.94
N SER C 320 31.00 11.36 -18.78
CA SER C 320 29.77 10.93 -19.50
C SER C 320 28.66 11.96 -19.26
N GLN C 321 28.46 12.35 -18.00
CA GLN C 321 27.46 13.38 -17.58
C GLN C 321 27.56 14.62 -18.48
N CYS C 322 28.78 15.17 -18.63
CA CYS C 322 29.04 16.40 -19.43
C CYS C 322 28.64 16.13 -20.88
N LEU C 323 29.31 15.19 -21.54
CA LEU C 323 29.04 14.74 -22.93
C LEU C 323 27.53 14.50 -23.15
N PHE C 324 26.83 13.92 -22.16
CA PHE C 324 25.36 13.68 -22.23
C PHE C 324 24.65 15.03 -22.29
N TRP C 325 24.98 15.93 -21.37
CA TRP C 325 24.39 17.29 -21.29
C TRP C 325 24.82 18.13 -22.49
N ALA C 326 25.90 17.75 -23.19
CA ALA C 326 26.31 18.32 -24.49
C ALA C 326 25.35 17.82 -25.59
N LEU C 327 25.08 16.52 -25.63
CA LEU C 327 24.13 15.91 -26.61
C LEU C 327 22.76 16.59 -26.48
N VAL C 328 22.30 16.91 -25.26
CA VAL C 328 20.98 17.56 -25.01
C VAL C 328 21.02 18.99 -25.56
N ALA C 329 22.08 19.74 -25.28
CA ALA C 329 22.27 21.13 -25.75
C ALA C 329 22.41 21.15 -27.29
N ASP C 330 23.06 20.14 -27.87
CA ASP C 330 23.28 20.02 -29.34
C ASP C 330 21.94 19.74 -30.04
N LEU C 331 21.06 18.97 -29.40
CA LEU C 331 19.70 18.67 -29.92
C LEU C 331 18.83 19.92 -29.85
N LEU C 332 18.94 20.71 -28.78
CA LEU C 332 18.26 22.02 -28.67
C LEU C 332 18.72 22.92 -29.83
N THR C 333 19.99 22.81 -30.26
CA THR C 333 20.60 23.61 -31.35
C THR C 333 20.10 23.13 -32.72
N LEU C 334 19.95 21.82 -32.91
CA LEU C 334 19.42 21.24 -34.17
C LEU C 334 17.96 21.66 -34.36
N THR C 335 17.21 21.87 -33.26
CA THR C 335 15.78 22.28 -33.30
C THR C 335 15.69 23.72 -33.78
N TRP C 336 16.51 24.60 -33.21
CA TRP C 336 16.64 26.02 -33.62
C TRP C 336 16.97 26.07 -35.12
N ILE C 337 18.11 25.48 -35.51
CA ILE C 337 18.64 25.43 -36.90
C ILE C 337 17.63 24.76 -37.84
N GLY C 338 16.75 23.90 -37.32
CA GLY C 338 15.66 23.29 -38.11
C GLY C 338 14.62 24.32 -38.51
N GLY C 339 14.32 25.27 -37.62
CA GLY C 339 13.30 26.31 -37.83
C GLY C 339 13.88 27.62 -38.36
N GLN C 340 14.96 27.55 -39.14
CA GLN C 340 15.61 28.73 -39.81
C GLN C 340 15.64 28.51 -41.32
N PRO C 341 15.71 29.61 -42.11
CA PRO C 341 15.93 29.50 -43.57
C PRO C 341 17.37 29.10 -43.91
N VAL C 342 17.54 28.41 -45.05
CA VAL C 342 18.85 27.85 -45.50
C VAL C 342 19.74 29.00 -45.98
N GLU C 343 20.61 29.52 -45.11
CA GLU C 343 21.53 30.65 -45.40
C GLU C 343 22.67 30.67 -44.39
N HIS C 344 23.72 31.46 -44.64
CA HIS C 344 24.80 31.74 -43.66
C HIS C 344 24.19 32.52 -42.50
N PRO C 345 24.58 32.27 -41.22
CA PRO C 345 25.47 31.16 -40.85
C PRO C 345 24.80 29.81 -40.53
N TYR C 346 23.48 29.69 -40.77
CA TYR C 346 22.63 28.56 -40.32
C TYR C 346 22.94 27.26 -41.09
N ILE C 347 23.63 27.34 -42.23
CA ILE C 347 24.04 26.14 -43.02
C ILE C 347 25.22 25.46 -42.31
N THR C 348 26.20 26.26 -41.88
CA THR C 348 27.48 25.81 -41.26
C THR C 348 27.24 25.37 -39.82
N ILE C 349 26.41 26.11 -39.07
CA ILE C 349 26.00 25.74 -37.68
C ILE C 349 25.25 24.39 -37.73
N GLY C 350 24.29 24.23 -38.65
CA GLY C 350 23.52 23.00 -38.85
C GLY C 350 24.40 21.81 -39.19
N GLN C 351 25.41 22.01 -40.05
CA GLN C 351 26.41 20.97 -40.44
C GLN C 351 27.22 20.56 -39.21
N LEU C 352 27.81 21.53 -38.50
CA LEU C 352 28.65 21.29 -37.30
C LEU C 352 27.82 20.58 -36.22
N ALA C 353 26.57 21.02 -36.01
CA ALA C 353 25.64 20.46 -35.00
C ALA C 353 25.30 19.00 -35.33
N SER C 354 25.08 18.69 -36.61
CA SER C 354 24.78 17.33 -37.13
C SER C 354 26.00 16.43 -36.93
N VAL C 355 27.19 16.88 -37.34
CA VAL C 355 28.48 16.13 -37.19
C VAL C 355 28.64 15.78 -35.71
N LEU C 356 28.37 16.72 -34.80
CA LEU C 356 28.59 16.58 -33.34
C LEU C 356 27.61 15.57 -32.71
N TYR C 357 26.35 15.54 -33.17
CA TYR C 357 25.28 14.58 -32.71
C TYR C 357 25.77 13.14 -32.90
N PHE C 358 26.16 12.80 -34.12
CA PHE C 358 26.64 11.45 -34.53
C PHE C 358 28.02 11.18 -33.91
N LEU C 359 28.87 12.21 -33.80
CA LEU C 359 30.24 12.10 -33.21
C LEU C 359 30.13 11.75 -31.71
N LEU C 360 29.22 12.43 -30.99
CA LEU C 360 28.98 12.20 -29.54
C LEU C 360 28.62 10.73 -29.29
N ILE C 361 27.69 10.17 -30.05
CA ILE C 361 27.06 8.82 -29.79
C ILE C 361 28.01 7.68 -30.21
N LEU C 362 28.67 7.77 -31.37
CA LEU C 362 29.42 6.63 -31.97
C LEU C 362 30.88 6.62 -31.48
N VAL C 363 31.46 7.73 -31.08
CA VAL C 363 32.91 7.81 -30.74
C VAL C 363 33.09 8.33 -29.32
N LEU C 364 32.76 9.60 -29.06
CA LEU C 364 33.14 10.32 -27.82
C LEU C 364 32.60 9.59 -26.57
N MET C 365 31.30 9.31 -26.50
CA MET C 365 30.64 8.79 -25.26
C MET C 365 31.03 7.35 -24.98
N PRO C 366 31.25 6.48 -25.99
CA PRO C 366 31.95 5.21 -25.79
C PRO C 366 33.39 5.33 -25.23
N THR C 367 34.21 6.23 -25.79
CA THR C 367 35.61 6.50 -25.35
C THR C 367 35.62 6.92 -23.87
N ALA C 368 34.76 7.88 -23.52
CA ALA C 368 34.60 8.45 -22.17
C ALA C 368 34.34 7.32 -21.18
N GLY C 369 33.44 6.39 -21.52
CA GLY C 369 33.13 5.22 -20.69
C GLY C 369 34.38 4.44 -20.34
N THR C 370 35.22 4.17 -21.35
CA THR C 370 36.49 3.40 -21.23
C THR C 370 37.47 4.18 -20.37
N ILE C 371 37.73 5.45 -20.70
CA ILE C 371 38.68 6.33 -19.93
C ILE C 371 38.31 6.28 -18.44
N GLU C 372 37.03 6.50 -18.12
CA GLU C 372 36.48 6.36 -16.75
C GLU C 372 36.88 5.00 -16.15
N ASN C 373 36.72 3.91 -16.91
CA ASN C 373 37.00 2.52 -16.43
C ASN C 373 38.47 2.40 -16.02
N LYS C 374 39.39 2.89 -16.85
CA LYS C 374 40.87 2.77 -16.63
C LYS C 374 41.30 3.74 -15.53
N LEU C 375 40.51 4.80 -15.26
CA LEU C 375 40.74 5.72 -14.11
C LEU C 375 40.34 5.06 -12.81
N LEU C 376 39.49 4.01 -12.83
CA LEU C 376 39.03 3.27 -11.63
C LEU C 376 39.76 1.92 -11.50
N LYS C 377 40.78 1.68 -12.33
CA LYS C 377 41.56 0.41 -12.36
C LYS C 377 40.60 -0.74 -12.69
N TRP C 378 39.98 -0.67 -13.88
CA TRP C 378 38.96 -1.63 -14.35
C TRP C 378 39.32 -2.12 -15.75
N ASP D 1 15.66 42.99 -49.46
CA ASP D 1 14.71 42.09 -48.72
C ASP D 1 15.06 42.04 -47.21
N LEU D 2 15.17 43.22 -46.57
CA LEU D 2 15.25 43.37 -45.08
C LEU D 2 13.84 43.11 -44.50
N GLU D 3 13.65 43.26 -43.19
CA GLU D 3 12.30 43.13 -42.58
C GLU D 3 12.16 44.07 -41.37
N LEU D 4 11.01 44.75 -41.27
CA LEU D 4 10.62 45.62 -40.12
C LEU D 4 9.41 45.00 -39.41
N HIS D 5 9.67 44.28 -38.31
CA HIS D 5 8.65 43.54 -37.51
C HIS D 5 7.90 44.54 -36.63
N PRO D 6 6.60 44.32 -36.31
CA PRO D 6 5.77 45.34 -35.65
C PRO D 6 6.15 45.52 -34.17
N PRO D 7 5.87 46.69 -33.57
CA PRO D 7 5.98 46.87 -32.12
C PRO D 7 4.69 46.41 -31.40
N SER D 8 4.79 45.96 -30.15
CA SER D 8 3.65 45.40 -29.38
C SER D 8 2.89 46.52 -28.67
N TYR D 9 1.75 46.91 -29.25
CA TYR D 9 0.84 47.98 -28.75
C TYR D 9 0.13 47.46 -27.51
N PRO D 10 -0.17 48.33 -26.50
CA PRO D 10 -0.84 47.90 -25.28
C PRO D 10 -2.36 47.79 -25.49
N TRP D 11 -2.80 46.64 -26.01
CA TRP D 11 -4.23 46.31 -26.27
C TRP D 11 -4.93 46.06 -24.92
N SER D 12 -6.23 46.43 -24.86
CA SER D 12 -7.10 46.25 -23.66
C SER D 12 -7.32 44.77 -23.38
N HIS D 13 -7.04 43.90 -24.36
CA HIS D 13 -7.06 42.41 -24.24
C HIS D 13 -5.63 41.85 -24.28
N ARG D 14 -4.62 42.63 -23.89
CA ARG D 14 -3.20 42.19 -23.85
C ARG D 14 -3.07 41.12 -22.75
N GLY D 15 -3.45 41.45 -21.51
CA GLY D 15 -3.14 40.69 -20.27
C GLY D 15 -3.78 39.30 -20.20
N LEU D 16 -3.27 38.45 -19.32
CA LEU D 16 -3.71 37.04 -19.21
C LEU D 16 -5.23 36.95 -18.98
N LEU D 17 -5.78 37.80 -18.11
CA LEU D 17 -7.20 37.75 -17.68
C LEU D 17 -7.99 38.91 -18.30
N SER D 18 -7.45 39.53 -19.34
CA SER D 18 -8.04 40.72 -20.01
C SER D 18 -8.98 40.27 -21.13
N SER D 19 -10.26 40.64 -21.02
CA SER D 19 -11.30 40.36 -22.03
C SER D 19 -11.15 41.31 -23.22
N LEU D 20 -11.86 41.03 -24.31
CA LEU D 20 -12.00 41.94 -25.47
C LEU D 20 -12.90 43.12 -25.06
N ASP D 21 -12.56 44.31 -25.55
CA ASP D 21 -13.40 45.55 -25.45
C ASP D 21 -14.52 45.41 -26.48
N HIS D 22 -15.73 45.06 -26.03
CA HIS D 22 -16.89 44.65 -26.90
C HIS D 22 -17.50 45.87 -27.61
N THR D 23 -17.47 47.06 -26.97
CA THR D 23 -17.89 48.34 -27.62
C THR D 23 -16.91 48.62 -28.77
N SER D 24 -15.63 48.31 -28.58
CA SER D 24 -14.53 48.42 -29.57
C SER D 24 -14.75 47.40 -30.71
N ILE D 25 -15.38 46.25 -30.42
CA ILE D 25 -15.76 45.22 -31.43
C ILE D 25 -16.89 45.79 -32.29
N ARG D 26 -17.91 46.39 -31.66
CA ARG D 26 -19.13 46.94 -32.32
C ARG D 26 -18.73 48.03 -33.34
N ARG D 27 -17.69 48.80 -33.03
CA ARG D 27 -17.10 49.80 -33.94
C ARG D 27 -16.37 49.06 -35.06
N GLY D 28 -15.42 48.19 -34.71
CA GLY D 28 -14.60 47.40 -35.66
C GLY D 28 -15.42 46.70 -36.73
N PHE D 29 -16.59 46.17 -36.38
CA PHE D 29 -17.53 45.50 -37.33
C PHE D 29 -17.87 46.50 -38.44
N GLN D 30 -18.35 47.67 -38.03
CA GLN D 30 -18.78 48.75 -38.95
C GLN D 30 -17.64 49.08 -39.92
N VAL D 31 -16.39 49.04 -39.46
CA VAL D 31 -15.19 49.33 -40.29
C VAL D 31 -15.00 48.23 -41.34
N TYR D 32 -15.39 46.98 -41.05
CA TYR D 32 -15.45 45.91 -42.08
C TYR D 32 -16.62 46.21 -43.02
N LYS D 33 -17.80 46.51 -42.45
CA LYS D 33 -19.09 46.66 -43.18
C LYS D 33 -19.02 47.82 -44.19
N GLN D 34 -18.46 48.95 -43.76
CA GLN D 34 -18.44 50.20 -44.58
C GLN D 34 -17.25 50.16 -45.55
N VAL D 35 -16.11 49.63 -45.12
CA VAL D 35 -14.80 49.81 -45.83
C VAL D 35 -14.37 48.52 -46.51
N CYS D 36 -14.29 47.40 -45.78
CA CYS D 36 -13.66 46.16 -46.28
C CYS D 36 -14.62 45.31 -47.12
N SER D 37 -15.89 45.17 -46.71
CA SER D 37 -16.84 44.12 -47.21
C SER D 37 -17.33 44.41 -48.64
N SER D 38 -16.57 45.18 -49.43
CA SER D 38 -16.73 45.33 -50.90
C SER D 38 -15.46 44.86 -51.64
N CYS D 39 -14.49 44.26 -50.92
CA CYS D 39 -13.23 43.72 -51.47
C CYS D 39 -12.87 42.39 -50.81
N HIS D 40 -12.94 42.31 -49.47
CA HIS D 40 -12.60 41.11 -48.66
C HIS D 40 -13.87 40.34 -48.28
N SER D 41 -13.84 39.01 -48.40
CA SER D 41 -14.88 38.12 -47.83
C SER D 41 -14.55 37.88 -46.36
N MET D 42 -15.48 37.29 -45.62
CA MET D 42 -15.28 36.80 -44.23
C MET D 42 -16.27 35.64 -43.98
N ASP D 43 -15.98 34.47 -44.58
CA ASP D 43 -16.97 33.42 -44.93
C ASP D 43 -17.39 32.60 -43.69
N TYR D 44 -16.73 32.77 -42.53
CA TYR D 44 -16.95 31.96 -41.31
C TYR D 44 -17.63 32.79 -40.20
N VAL D 45 -18.11 33.98 -40.51
CA VAL D 45 -18.86 34.86 -39.57
C VAL D 45 -20.26 35.05 -40.11
N ALA D 46 -21.29 34.68 -39.35
CA ALA D 46 -22.72 34.84 -39.71
C ALA D 46 -23.33 35.96 -38.88
N TYR D 47 -24.49 36.46 -39.30
CA TYR D 47 -25.21 37.61 -38.68
C TYR D 47 -25.66 37.18 -37.27
N ARG D 48 -25.88 35.88 -37.05
CA ARG D 48 -26.27 35.30 -35.74
C ARG D 48 -25.09 35.32 -34.78
N HIS D 49 -23.84 35.38 -35.29
CA HIS D 49 -22.59 35.36 -34.47
C HIS D 49 -22.45 36.65 -33.66
N LEU D 50 -23.06 37.75 -34.14
CA LEU D 50 -22.91 39.10 -33.52
C LEU D 50 -23.77 39.19 -32.26
N VAL D 51 -24.84 38.40 -32.17
CA VAL D 51 -25.83 38.44 -31.05
C VAL D 51 -25.12 38.06 -29.75
N GLY D 52 -25.33 38.84 -28.68
CA GLY D 52 -24.75 38.59 -27.34
C GLY D 52 -23.26 38.91 -27.26
N VAL D 53 -22.73 39.61 -28.28
CA VAL D 53 -21.31 40.04 -28.39
C VAL D 53 -21.25 41.56 -28.58
N CYS D 54 -21.74 42.09 -29.71
CA CYS D 54 -21.71 43.54 -30.02
C CYS D 54 -23.06 44.05 -30.56
N TYR D 55 -24.07 43.17 -30.69
CA TYR D 55 -25.44 43.53 -31.15
C TYR D 55 -26.46 42.60 -30.49
N THR D 56 -27.70 43.07 -30.31
CA THR D 56 -28.83 42.24 -29.81
C THR D 56 -29.35 41.41 -30.99
N GLU D 57 -30.30 40.51 -30.71
CA GLU D 57 -30.98 39.67 -31.74
C GLU D 57 -31.70 40.60 -32.73
N ASP D 58 -32.43 41.60 -32.21
CA ASP D 58 -33.27 42.52 -33.03
C ASP D 58 -32.37 43.43 -33.88
N GLU D 59 -31.18 43.80 -33.37
CA GLU D 59 -30.17 44.61 -34.11
C GLU D 59 -29.56 43.77 -35.25
N ALA D 60 -29.17 42.54 -34.93
CA ALA D 60 -28.51 41.61 -35.88
C ALA D 60 -29.48 41.22 -37.00
N LYS D 61 -30.77 41.05 -36.68
CA LYS D 61 -31.84 40.73 -37.67
C LYS D 61 -31.96 41.87 -38.69
N ALA D 62 -31.78 43.12 -38.26
CA ALA D 62 -31.83 44.32 -39.14
C ALA D 62 -30.59 44.35 -40.05
N LEU D 63 -29.40 44.09 -39.50
CA LEU D 63 -28.10 44.11 -40.24
C LEU D 63 -28.10 43.05 -41.35
N ALA D 64 -28.88 41.98 -41.14
CA ALA D 64 -28.98 40.78 -42.01
C ALA D 64 -30.01 41.04 -43.11
N GLU D 65 -31.13 41.68 -42.78
CA GLU D 65 -32.23 42.05 -43.72
C GLU D 65 -31.71 43.08 -44.74
N GLU D 66 -30.66 43.83 -44.37
CA GLU D 66 -30.09 44.96 -45.16
C GLU D 66 -29.31 44.50 -46.40
N VAL D 67 -29.09 43.19 -46.60
CA VAL D 67 -28.22 42.69 -47.72
C VAL D 67 -28.95 41.57 -48.49
N GLU D 68 -28.68 41.48 -49.80
CA GLU D 68 -29.24 40.46 -50.72
C GLU D 68 -28.57 39.11 -50.43
N VAL D 69 -29.18 38.00 -50.88
CA VAL D 69 -28.52 36.66 -50.91
C VAL D 69 -29.38 35.70 -51.75
N GLN D 70 -28.73 34.81 -52.50
CA GLN D 70 -29.38 33.80 -53.39
C GLN D 70 -29.98 32.70 -52.51
N ASP D 71 -31.00 31.99 -53.00
CA ASP D 71 -31.68 30.86 -52.32
C ASP D 71 -32.37 30.00 -53.39
N GLY D 72 -33.05 28.92 -52.99
CA GLY D 72 -33.85 28.07 -53.90
C GLY D 72 -33.18 26.71 -54.12
N PRO D 73 -33.56 25.94 -55.16
CA PRO D 73 -34.59 26.35 -56.13
C PRO D 73 -36.04 26.36 -55.61
N ASN D 74 -36.93 27.16 -56.23
CA ASN D 74 -38.40 27.15 -56.00
C ASN D 74 -39.04 26.12 -56.94
N GLU D 75 -40.35 25.84 -56.78
CA GLU D 75 -41.09 24.73 -57.45
C GLU D 75 -40.89 24.81 -58.98
N ASP D 76 -40.72 26.02 -59.53
CA ASP D 76 -40.50 26.30 -60.98
C ASP D 76 -39.12 25.80 -61.41
N GLY D 77 -38.15 25.78 -60.49
CA GLY D 77 -36.74 25.36 -60.73
C GLY D 77 -35.79 26.55 -60.87
N GLU D 78 -36.20 27.74 -60.41
CA GLU D 78 -35.50 29.03 -60.63
C GLU D 78 -34.84 29.48 -59.33
N MET D 79 -33.61 29.99 -59.42
CA MET D 79 -32.82 30.48 -58.26
C MET D 79 -33.11 31.98 -58.07
N PHE D 80 -33.84 32.33 -57.00
CA PHE D 80 -34.28 33.72 -56.70
C PHE D 80 -33.28 34.42 -55.78
N MET D 81 -33.56 35.68 -55.46
CA MET D 81 -32.80 36.49 -54.48
C MET D 81 -33.78 36.91 -53.38
N ARG D 82 -33.32 36.93 -52.12
CA ARG D 82 -34.16 37.28 -50.94
C ARG D 82 -33.35 38.14 -49.97
N PRO D 83 -34.03 38.88 -49.07
CA PRO D 83 -33.38 39.56 -47.96
C PRO D 83 -32.82 38.52 -46.99
N GLY D 84 -31.73 38.86 -46.30
CA GLY D 84 -31.03 37.95 -45.38
C GLY D 84 -31.77 37.77 -44.07
N LYS D 85 -31.43 36.70 -43.34
CA LYS D 85 -31.84 36.47 -41.93
C LYS D 85 -30.56 36.18 -41.13
N LEU D 86 -30.71 35.82 -39.85
CA LEU D 86 -29.58 35.53 -38.91
C LEU D 86 -28.79 34.31 -39.40
N SER D 87 -29.46 33.26 -39.91
CA SER D 87 -28.82 31.98 -40.31
C SER D 87 -27.84 32.19 -41.47
N ASP D 88 -27.95 33.30 -42.20
CA ASP D 88 -27.07 33.62 -43.36
C ASP D 88 -25.69 34.09 -42.86
N TYR D 89 -24.66 33.78 -43.65
CA TYR D 89 -23.26 34.21 -43.44
C TYR D 89 -23.08 35.60 -44.06
N PHE D 90 -21.94 36.25 -43.78
CA PHE D 90 -21.48 37.52 -44.37
C PHE D 90 -21.17 37.29 -45.84
N PRO D 91 -21.73 38.09 -46.77
CA PRO D 91 -21.70 37.73 -48.19
C PRO D 91 -20.37 38.09 -48.85
N LYS D 92 -19.95 37.25 -49.79
CA LYS D 92 -18.67 37.38 -50.54
C LYS D 92 -18.84 38.49 -51.59
N PRO D 93 -17.86 39.39 -51.74
CA PRO D 93 -17.95 40.46 -52.74
C PRO D 93 -18.08 39.91 -54.17
N TYR D 94 -17.24 38.95 -54.58
CA TYR D 94 -17.24 38.39 -55.97
C TYR D 94 -17.72 36.94 -55.94
N PRO D 95 -18.19 36.38 -57.07
CA PRO D 95 -18.63 34.99 -57.13
C PRO D 95 -17.53 33.92 -57.08
N ASN D 96 -16.25 34.32 -57.13
CA ASN D 96 -15.09 33.38 -57.04
C ASN D 96 -13.79 34.15 -56.89
N PRO D 97 -12.65 33.45 -56.68
CA PRO D 97 -11.34 34.11 -56.64
C PRO D 97 -10.91 34.72 -57.99
N GLU D 98 -11.19 34.05 -59.10
CA GLU D 98 -10.76 34.45 -60.47
C GLU D 98 -11.38 35.81 -60.84
N ALA D 99 -12.64 36.04 -60.47
CA ALA D 99 -13.34 37.35 -60.59
C ALA D 99 -12.64 38.39 -59.72
N ALA D 100 -12.40 38.07 -58.44
CA ALA D 100 -11.76 38.93 -57.41
C ALA D 100 -10.45 39.51 -57.93
N ARG D 101 -9.62 38.67 -58.58
CA ARG D 101 -8.27 39.02 -59.08
C ARG D 101 -8.39 40.14 -60.12
N ALA D 102 -9.26 39.95 -61.12
CA ALA D 102 -9.58 40.94 -62.18
C ALA D 102 -9.79 42.31 -61.55
N ALA D 103 -10.66 42.36 -60.52
CA ALA D 103 -11.16 43.59 -59.89
C ALA D 103 -10.05 44.37 -59.18
N ASN D 104 -8.92 43.73 -58.84
CA ASN D 104 -7.82 44.35 -58.08
C ASN D 104 -6.49 44.28 -58.85
N ASN D 105 -6.54 43.89 -60.13
CA ASN D 105 -5.34 43.68 -61.00
C ASN D 105 -4.49 42.56 -60.42
N GLY D 106 -4.84 41.31 -60.70
CA GLY D 106 -4.00 40.11 -60.50
C GLY D 106 -3.99 39.65 -59.05
N ALA D 107 -3.79 40.59 -58.12
CA ALA D 107 -3.74 40.33 -56.66
C ALA D 107 -5.13 39.96 -56.15
N LEU D 108 -5.24 38.82 -55.43
CA LEU D 108 -6.45 38.33 -54.72
C LEU D 108 -6.46 38.87 -53.29
N PRO D 109 -7.48 39.66 -52.87
CA PRO D 109 -7.65 40.08 -51.48
C PRO D 109 -8.02 38.90 -50.58
N PRO D 110 -7.21 38.59 -49.54
CA PRO D 110 -7.44 37.41 -48.71
C PRO D 110 -8.79 37.49 -47.97
N ASP D 111 -9.33 36.33 -47.57
CA ASP D 111 -10.50 36.26 -46.65
C ASP D 111 -10.02 36.71 -45.28
N LEU D 112 -10.81 37.48 -44.52
CA LEU D 112 -10.34 38.13 -43.27
C LEU D 112 -10.70 37.31 -42.02
N SER D 113 -11.53 36.26 -42.14
CA SER D 113 -12.03 35.42 -41.02
C SER D 113 -10.90 35.22 -39.99
N TYR D 114 -9.77 34.69 -40.45
CA TYR D 114 -8.66 34.18 -39.63
C TYR D 114 -7.38 35.01 -39.84
N ILE D 115 -7.47 36.24 -40.37
CA ILE D 115 -6.27 36.97 -40.87
C ILE D 115 -5.38 37.35 -39.69
N VAL D 116 -5.98 37.68 -38.55
CA VAL D 116 -5.22 37.93 -37.29
C VAL D 116 -4.36 36.69 -37.01
N ARG D 117 -4.99 35.51 -36.95
CA ARG D 117 -4.34 34.23 -36.58
C ARG D 117 -3.38 33.78 -37.69
N ALA D 118 -3.64 34.13 -38.96
CA ALA D 118 -2.90 33.60 -40.13
C ALA D 118 -1.65 34.46 -40.42
N ARG D 119 -1.42 35.53 -39.66
CA ARG D 119 -0.25 36.43 -39.86
C ARG D 119 0.54 36.52 -38.55
N HIS D 120 1.87 36.46 -38.65
CA HIS D 120 2.86 36.77 -37.57
C HIS D 120 2.65 38.20 -37.05
N GLY D 121 2.35 38.34 -35.75
CA GLY D 121 2.15 39.64 -35.08
C GLY D 121 0.67 39.92 -34.83
N GLY D 122 -0.25 39.26 -35.54
CA GLY D 122 -1.70 39.36 -35.34
C GLY D 122 -2.20 40.79 -35.46
N GLU D 123 -2.89 41.29 -34.42
CA GLU D 123 -3.51 42.64 -34.41
C GLU D 123 -2.40 43.71 -34.38
N ASP D 124 -1.28 43.44 -33.72
CA ASP D 124 -0.07 44.30 -33.75
C ASP D 124 0.31 44.52 -35.22
N TYR D 125 0.49 43.43 -35.97
CA TYR D 125 0.89 43.45 -37.42
C TYR D 125 -0.11 44.31 -38.21
N VAL D 126 -1.38 43.91 -38.22
CA VAL D 126 -2.46 44.52 -39.08
C VAL D 126 -2.55 46.02 -38.83
N PHE D 127 -2.50 46.46 -37.56
CA PHE D 127 -2.55 47.88 -37.15
C PHE D 127 -1.38 48.65 -37.78
N SER D 128 -0.18 48.06 -37.71
CA SER D 128 1.09 48.62 -38.24
C SER D 128 1.01 48.78 -39.75
N LEU D 129 0.34 47.85 -40.43
CA LEU D 129 0.14 47.87 -41.90
C LEU D 129 -0.77 49.04 -42.28
N LEU D 130 -1.95 49.11 -41.67
CA LEU D 130 -3.04 50.06 -42.01
C LEU D 130 -2.55 51.51 -41.77
N THR D 131 -1.89 51.77 -40.66
CA THR D 131 -1.43 53.12 -40.23
C THR D 131 -0.08 53.47 -40.87
N GLY D 132 0.72 52.48 -41.27
CA GLY D 132 2.15 52.64 -41.59
C GLY D 132 2.42 52.96 -43.05
N TYR D 133 1.38 53.12 -43.87
CA TYR D 133 1.48 53.49 -45.30
C TYR D 133 2.18 54.83 -45.45
N CYS D 134 3.38 54.85 -46.04
CA CYS D 134 4.24 56.06 -46.16
C CYS D 134 4.78 56.19 -47.59
N GLU D 135 5.41 57.34 -47.89
CA GLU D 135 5.98 57.67 -49.23
C GLU D 135 7.33 56.97 -49.40
N PRO D 136 7.58 56.33 -50.58
CA PRO D 136 8.79 55.52 -50.77
C PRO D 136 10.09 56.28 -50.50
N PRO D 137 11.19 55.57 -50.18
CA PRO D 137 12.50 56.21 -50.05
C PRO D 137 13.20 56.37 -51.41
N THR D 138 14.28 57.16 -51.43
CA THR D 138 15.10 57.47 -52.65
C THR D 138 15.75 56.17 -53.18
N GLY D 139 15.59 55.92 -54.49
CA GLY D 139 16.18 54.78 -55.23
C GLY D 139 15.18 53.69 -55.57
N VAL D 140 13.92 53.89 -55.18
CA VAL D 140 12.84 52.85 -55.11
C VAL D 140 11.71 53.23 -56.08
N SER D 141 10.90 52.26 -56.50
CA SER D 141 9.68 52.46 -57.33
C SER D 141 9.17 51.10 -57.81
N LEU D 142 7.87 50.83 -57.59
CA LEU D 142 7.19 49.55 -57.97
C LEU D 142 6.16 49.83 -59.07
N ARG D 143 5.63 48.77 -59.71
CA ARG D 143 4.72 48.81 -60.88
C ARG D 143 3.45 49.61 -60.55
N GLU D 144 2.98 50.42 -61.51
CA GLU D 144 1.83 51.36 -61.33
C GLU D 144 0.62 50.58 -60.80
N GLY D 145 0.43 50.58 -59.47
CA GLY D 145 -0.65 49.85 -58.79
C GLY D 145 -0.19 49.18 -57.50
N LEU D 146 1.13 48.96 -57.35
CA LEU D 146 1.78 48.35 -56.16
C LEU D 146 2.41 49.45 -55.27
N TYR D 147 1.76 49.76 -54.14
CA TYR D 147 2.11 50.84 -53.18
C TYR D 147 3.24 50.40 -52.24
N PHE D 148 3.85 51.35 -51.52
CA PHE D 148 4.97 51.11 -50.55
C PHE D 148 4.45 51.05 -49.10
N ASN D 149 4.60 49.88 -48.47
CA ASN D 149 4.33 49.67 -47.01
C ASN D 149 5.55 49.01 -46.37
N PRO D 150 6.23 49.67 -45.41
CA PRO D 150 7.45 49.14 -44.81
C PRO D 150 7.24 47.89 -43.93
N TYR D 151 6.00 47.60 -43.54
CA TYR D 151 5.62 46.45 -42.66
C TYR D 151 5.27 45.22 -43.50
N PHE D 152 4.95 45.39 -44.79
CA PHE D 152 4.64 44.27 -45.72
C PHE D 152 5.94 43.59 -46.13
N PRO D 153 5.96 42.23 -46.21
CA PRO D 153 7.15 41.50 -46.66
C PRO D 153 7.52 41.79 -48.11
N GLY D 154 8.78 42.15 -48.36
CA GLY D 154 9.27 42.60 -49.68
C GLY D 154 8.97 44.08 -49.92
N GLN D 155 8.49 44.80 -48.88
CA GLN D 155 8.37 46.28 -48.80
C GLN D 155 7.34 46.85 -49.80
N ALA D 156 6.67 46.02 -50.62
CA ALA D 156 5.71 46.46 -51.67
C ALA D 156 4.43 45.61 -51.62
N ILE D 157 3.27 46.28 -51.49
CA ILE D 157 1.92 45.66 -51.38
C ILE D 157 1.04 46.19 -52.51
N GLY D 158 0.07 45.37 -52.95
CA GLY D 158 -0.92 45.72 -53.98
C GLY D 158 -2.28 46.03 -53.36
N MET D 159 -2.29 46.85 -52.31
CA MET D 159 -3.53 47.36 -51.67
C MET D 159 -3.38 48.87 -51.46
N ALA D 160 -4.36 49.63 -51.96
CA ALA D 160 -4.45 51.08 -51.75
C ALA D 160 -4.74 51.34 -50.27
N PRO D 161 -4.00 52.25 -49.62
CA PRO D 161 -4.28 52.66 -48.24
C PRO D 161 -5.79 52.75 -48.02
N PRO D 162 -6.40 51.87 -47.20
CA PRO D 162 -7.85 51.74 -47.17
C PRO D 162 -8.58 52.65 -46.17
N ILE D 163 -7.85 53.20 -45.19
CA ILE D 163 -8.44 54.06 -44.12
C ILE D 163 -7.75 55.44 -44.13
N TYR D 164 -8.47 56.47 -43.68
CA TYR D 164 -8.02 57.89 -43.51
C TYR D 164 -9.00 58.56 -42.54
N ASN D 165 -8.78 59.83 -42.19
CA ASN D 165 -9.54 60.50 -41.11
C ASN D 165 -11.00 60.73 -41.54
N GLU D 166 -11.94 60.23 -40.76
CA GLU D 166 -13.42 60.33 -40.99
C GLU D 166 -13.84 59.50 -42.21
N VAL D 167 -13.30 58.29 -42.38
CA VAL D 167 -13.67 57.37 -43.51
C VAL D 167 -15.07 56.80 -43.28
N LEU D 168 -15.64 56.96 -42.09
CA LEU D 168 -17.05 56.56 -41.79
C LEU D 168 -17.53 57.30 -40.54
N GLU D 169 -18.83 57.25 -40.27
CA GLU D 169 -19.47 57.84 -39.05
C GLU D 169 -19.90 56.70 -38.11
N PHE D 170 -19.28 56.58 -36.93
CA PHE D 170 -19.53 55.50 -35.93
C PHE D 170 -20.88 55.72 -35.23
N ASP D 171 -21.58 54.64 -34.89
CA ASP D 171 -22.96 54.66 -34.33
C ASP D 171 -22.97 55.30 -32.92
N ASP D 172 -21.85 55.28 -32.18
CA ASP D 172 -21.76 55.85 -30.81
C ASP D 172 -21.11 57.24 -30.86
N GLY D 173 -20.72 57.69 -32.05
CA GLY D 173 -20.22 59.05 -32.30
C GLY D 173 -18.82 59.27 -31.75
N THR D 174 -17.90 58.31 -31.99
CA THR D 174 -16.47 58.43 -31.65
C THR D 174 -15.79 59.27 -32.74
N PRO D 175 -14.84 60.15 -32.38
CA PRO D 175 -14.04 60.85 -33.39
C PRO D 175 -13.24 59.85 -34.23
N ALA D 176 -13.58 59.72 -35.52
CA ALA D 176 -13.09 58.66 -36.44
C ALA D 176 -11.75 59.04 -37.07
N THR D 177 -10.69 59.19 -36.26
CA THR D 177 -9.27 59.39 -36.70
C THR D 177 -8.79 58.10 -37.37
N MET D 178 -7.77 58.17 -38.23
CA MET D 178 -7.21 56.99 -38.92
C MET D 178 -6.87 55.91 -37.89
N SER D 179 -6.08 56.27 -36.86
CA SER D 179 -5.56 55.36 -35.81
C SER D 179 -6.70 54.67 -35.04
N GLN D 180 -7.76 55.42 -34.70
CA GLN D 180 -8.95 54.92 -33.96
C GLN D 180 -9.67 53.87 -34.82
N VAL D 181 -9.80 54.14 -36.12
CA VAL D 181 -10.48 53.25 -37.12
C VAL D 181 -9.67 51.94 -37.24
N ALA D 182 -8.33 52.01 -37.17
CA ALA D 182 -7.40 50.86 -37.28
C ALA D 182 -7.43 50.02 -35.99
N LYS D 183 -7.46 50.71 -34.83
CA LYS D 183 -7.53 50.11 -33.47
C LYS D 183 -8.78 49.26 -33.36
N ASP D 184 -9.94 49.81 -33.74
CA ASP D 184 -11.29 49.19 -33.57
C ASP D 184 -11.43 47.98 -34.51
N VAL D 185 -11.04 48.12 -35.79
CA VAL D 185 -11.18 47.04 -36.81
C VAL D 185 -10.27 45.85 -36.42
N CYS D 186 -9.05 46.13 -35.95
CA CYS D 186 -8.11 45.09 -35.43
C CYS D 186 -8.75 44.33 -34.26
N THR D 187 -9.41 45.04 -33.35
CA THR D 187 -10.12 44.48 -32.17
C THR D 187 -11.23 43.53 -32.65
N PHE D 188 -11.95 43.86 -33.73
CA PHE D 188 -13.03 43.02 -34.32
C PHE D 188 -12.42 41.77 -34.98
N LEU D 189 -11.33 41.96 -35.74
CA LEU D 189 -10.64 40.89 -36.52
C LEU D 189 -10.08 39.82 -35.58
N ARG D 190 -9.73 40.24 -34.36
CA ARG D 190 -9.27 39.37 -33.26
C ARG D 190 -10.41 38.43 -32.86
N TRP D 191 -11.56 39.02 -32.54
CA TRP D 191 -12.80 38.29 -32.16
C TRP D 191 -13.25 37.40 -33.33
N ALA D 192 -13.10 37.89 -34.57
CA ALA D 192 -13.44 37.18 -35.81
C ALA D 192 -12.79 35.79 -35.79
N ALA D 193 -11.46 35.78 -35.67
CA ALA D 193 -10.56 34.60 -35.73
C ALA D 193 -10.64 33.77 -34.45
N GLU D 194 -10.80 34.40 -33.28
CA GLU D 194 -10.78 33.72 -31.95
C GLU D 194 -12.00 34.15 -31.13
N PRO D 195 -13.22 33.67 -31.47
CA PRO D 195 -14.41 34.00 -30.69
C PRO D 195 -14.31 33.55 -29.22
N GLU D 196 -13.61 32.43 -28.97
CA GLU D 196 -13.50 31.80 -27.63
C GLU D 196 -12.67 32.65 -26.64
N HIS D 197 -12.07 33.75 -27.12
CA HIS D 197 -11.12 34.61 -26.35
C HIS D 197 -11.58 34.79 -24.90
N ASP D 198 -12.81 35.24 -24.65
CA ASP D 198 -13.29 35.69 -23.30
C ASP D 198 -13.70 34.48 -22.44
N HIS D 199 -14.30 33.44 -23.03
CA HIS D 199 -14.63 32.18 -22.32
C HIS D 199 -13.33 31.49 -21.90
N ARG D 200 -12.36 31.41 -22.81
CA ARG D 200 -11.02 30.77 -22.60
C ARG D 200 -10.37 31.34 -21.34
N LYS D 201 -10.35 32.66 -21.20
CA LYS D 201 -9.65 33.39 -20.10
C LYS D 201 -10.44 33.25 -18.79
N ARG D 202 -11.77 33.20 -18.85
CA ARG D 202 -12.65 32.95 -17.66
C ARG D 202 -12.31 31.58 -17.09
N MET D 203 -12.16 30.59 -17.98
CA MET D 203 -11.72 29.21 -17.63
C MET D 203 -10.30 29.27 -17.05
N GLY D 204 -9.41 30.05 -17.66
CA GLY D 204 -8.00 30.21 -17.27
C GLY D 204 -7.87 30.60 -15.80
N LEU D 205 -8.64 31.59 -15.38
CA LEU D 205 -8.73 32.05 -13.98
C LEU D 205 -9.12 30.86 -13.09
N LYS D 206 -10.18 30.15 -13.46
CA LYS D 206 -10.80 29.06 -12.64
C LYS D 206 -9.89 27.84 -12.60
N MET D 207 -9.02 27.65 -13.61
CA MET D 207 -8.03 26.55 -13.65
C MET D 207 -6.86 26.88 -12.72
N LEU D 208 -6.26 28.07 -12.87
CA LEU D 208 -5.16 28.57 -12.02
C LEU D 208 -5.58 28.47 -10.55
N LEU D 209 -6.79 28.89 -10.23
CA LEU D 209 -7.32 28.88 -8.84
C LEU D 209 -7.41 27.42 -8.37
N MET D 210 -8.25 26.60 -9.00
CA MET D 210 -8.47 25.18 -8.61
C MET D 210 -7.13 24.44 -8.45
N MET D 211 -6.18 24.65 -9.37
CA MET D 211 -4.81 24.09 -9.33
C MET D 211 -4.09 24.61 -8.08
N GLY D 212 -4.11 25.93 -7.86
CA GLY D 212 -3.56 26.57 -6.65
C GLY D 212 -4.00 25.85 -5.38
N LEU D 213 -5.24 25.35 -5.36
CA LEU D 213 -5.82 24.58 -4.22
C LEU D 213 -5.30 23.12 -4.25
N LEU D 214 -5.45 22.42 -5.38
CA LEU D 214 -5.30 20.94 -5.48
C LEU D 214 -3.82 20.53 -5.41
N LEU D 215 -2.90 21.32 -5.97
CA LEU D 215 -1.46 20.96 -6.12
C LEU D 215 -0.79 20.82 -4.74
N PRO D 216 -0.86 21.82 -3.84
CA PRO D 216 -0.31 21.67 -2.50
C PRO D 216 -1.09 20.65 -1.66
N LEU D 217 -2.41 20.52 -1.86
CA LEU D 217 -3.26 19.52 -1.14
C LEU D 217 -2.82 18.09 -1.47
N VAL D 218 -2.61 17.77 -2.76
CA VAL D 218 -2.18 16.43 -3.26
C VAL D 218 -0.71 16.20 -2.84
N TYR D 219 0.11 17.26 -2.85
CA TYR D 219 1.56 17.23 -2.50
C TYR D 219 1.68 16.86 -1.01
N ALA D 220 0.77 17.37 -0.18
CA ALA D 220 0.69 17.10 1.27
C ALA D 220 0.31 15.63 1.52
N MET D 221 -0.65 15.10 0.75
CA MET D 221 -1.08 13.68 0.84
C MET D 221 0.11 12.77 0.51
N LYS D 222 0.91 13.18 -0.47
CA LYS D 222 2.08 12.43 -1.01
C LYS D 222 3.12 12.30 0.10
N ARG D 223 3.50 13.44 0.69
CA ARG D 223 4.50 13.57 1.79
C ARG D 223 4.00 12.81 3.02
N HIS D 224 2.69 12.86 3.29
CA HIS D 224 2.03 12.13 4.40
C HIS D 224 2.27 10.63 4.23
N LYS D 225 2.00 10.12 3.03
CA LYS D 225 2.13 8.66 2.75
C LYS D 225 3.60 8.25 2.87
N TRP D 226 4.49 8.98 2.18
CA TRP D 226 5.94 8.66 2.08
C TRP D 226 6.62 8.84 3.44
N SER D 227 6.07 9.71 4.29
CA SER D 227 6.56 10.04 5.65
C SER D 227 7.13 8.79 6.34
N VAL D 228 6.50 7.63 6.18
CA VAL D 228 6.92 6.35 6.84
C VAL D 228 8.37 6.01 6.43
N LEU D 229 8.71 6.20 5.15
CA LEU D 229 10.02 5.83 4.54
C LEU D 229 11.05 6.94 4.74
N LYS D 230 10.67 8.22 4.55
CA LYS D 230 11.58 9.39 4.73
C LYS D 230 12.18 9.39 6.16
N SER D 231 11.39 9.01 7.17
CA SER D 231 11.72 9.09 8.63
C SER D 231 12.49 7.85 9.09
N ARG D 232 12.38 6.70 8.42
CA ARG D 232 12.88 5.38 8.91
C ARG D 232 14.39 5.42 9.20
N LYS D 233 14.87 4.60 10.13
CA LYS D 233 16.31 4.46 10.50
C LYS D 233 16.74 3.00 10.31
N LEU D 234 17.89 2.77 9.68
CA LEU D 234 18.47 1.42 9.43
C LEU D 234 19.53 1.11 10.50
N ALA D 235 19.74 -0.17 10.83
CA ALA D 235 20.77 -0.64 11.78
C ALA D 235 21.33 -1.97 11.29
N TYR D 236 22.66 -2.14 11.32
CA TYR D 236 23.40 -3.36 10.88
C TYR D 236 24.06 -4.03 12.09
N ARG D 237 23.55 -5.19 12.50
CA ARG D 237 23.89 -5.88 13.78
C ARG D 237 24.38 -7.30 13.51
N PRO D 238 25.49 -7.48 12.76
CA PRO D 238 26.05 -8.81 12.54
C PRO D 238 26.44 -9.49 13.84
N PRO D 239 26.62 -10.82 13.87
CA PRO D 239 26.81 -11.54 15.14
C PRO D 239 27.94 -10.98 16.02
N SER E 1 23.05 -8.87 23.51
CA SER E 1 21.64 -9.31 23.73
C SER E 1 20.72 -8.44 22.88
N HIS E 2 19.57 -8.99 22.50
CA HIS E 2 18.51 -8.20 21.83
C HIS E 2 17.98 -7.13 22.78
N THR E 3 18.37 -7.12 24.06
CA THR E 3 17.96 -6.09 25.06
C THR E 3 18.85 -4.83 24.96
N ASP E 4 19.91 -4.88 24.14
CA ASP E 4 20.87 -3.78 23.90
C ASP E 4 20.34 -2.84 22.82
N ILE E 5 19.38 -3.28 22.01
CA ILE E 5 18.66 -2.42 21.01
C ILE E 5 17.83 -1.42 21.81
N LYS E 6 17.83 -0.15 21.42
CA LYS E 6 16.87 0.86 21.94
C LYS E 6 16.40 1.68 20.74
N VAL E 7 15.10 1.95 20.64
CA VAL E 7 14.52 2.65 19.45
C VAL E 7 15.12 4.06 19.40
N PRO E 8 15.59 4.54 18.22
CA PRO E 8 16.08 5.91 18.10
C PRO E 8 15.01 6.96 18.42
N ASP E 9 15.46 8.19 18.70
CA ASP E 9 14.61 9.38 18.97
C ASP E 9 14.03 9.89 17.64
N PHE E 10 12.72 10.13 17.59
CA PHE E 10 12.00 10.55 16.35
C PHE E 10 11.43 11.97 16.51
N SER E 11 11.88 12.68 17.54
CA SER E 11 11.36 13.99 17.98
C SER E 11 11.27 14.95 16.80
N ASP E 12 12.33 15.03 15.99
CA ASP E 12 12.50 15.96 14.84
C ASP E 12 11.34 15.80 13.84
N TYR E 13 10.74 14.61 13.81
CA TYR E 13 9.73 14.15 12.82
C TYR E 13 8.32 14.09 13.42
N ARG E 14 8.19 13.93 14.74
CA ARG E 14 6.88 13.83 15.45
C ARG E 14 6.04 15.07 15.18
N ARG E 15 4.72 14.96 15.31
CA ARG E 15 3.79 16.10 15.42
C ARG E 15 3.96 16.72 16.80
N PRO E 16 3.89 18.06 16.95
CA PRO E 16 3.81 18.68 18.28
C PRO E 16 3.00 17.87 19.29
N GLU E 17 1.76 17.49 18.93
CA GLU E 17 0.73 16.88 19.83
C GLU E 17 1.20 15.56 20.46
N VAL E 18 2.35 14.98 20.06
CA VAL E 18 2.83 13.65 20.56
C VAL E 18 4.30 13.73 20.99
N LEU E 19 4.83 14.93 21.27
CA LEU E 19 6.24 15.11 21.69
C LEU E 19 6.38 14.69 23.16
N ASP E 20 5.37 14.99 23.98
CA ASP E 20 5.36 14.77 25.46
C ASP E 20 5.31 13.26 25.72
N SER E 21 6.43 12.67 26.13
CA SER E 21 6.59 11.19 26.26
C SER E 21 5.99 10.68 27.57
N THR E 22 5.32 11.55 28.36
CA THR E 22 4.73 11.23 29.69
C THR E 22 3.20 11.34 29.66
N LYS E 23 2.61 11.71 28.53
CA LYS E 23 1.14 11.92 28.38
C LYS E 23 0.62 10.96 27.31
N SER E 24 -0.67 10.62 27.37
CA SER E 24 -1.34 9.65 26.46
C SER E 24 -1.57 10.30 25.10
N SER E 25 -1.21 9.63 24.00
CA SER E 25 -1.42 10.08 22.60
C SER E 25 -2.91 10.02 22.23
N LYS E 26 -3.77 9.41 23.07
CA LYS E 26 -5.19 9.07 22.74
C LYS E 26 -6.06 10.33 22.67
N GLU E 27 -5.79 11.33 23.52
CA GLU E 27 -6.47 12.65 23.44
C GLU E 27 -6.33 13.16 22.00
N SER E 28 -5.10 13.34 21.55
CA SER E 28 -4.76 13.98 20.25
C SER E 28 -5.14 13.10 19.05
N SER E 29 -5.38 11.80 19.24
CA SER E 29 -5.65 10.84 18.13
C SER E 29 -6.81 11.37 17.28
N GLU E 30 -7.98 11.58 17.90
CA GLU E 30 -9.21 12.17 17.28
C GLU E 30 -8.85 13.34 16.34
N ALA E 31 -7.99 14.25 16.79
CA ALA E 31 -7.65 15.53 16.12
C ALA E 31 -6.74 15.28 14.92
N ARG E 32 -5.63 14.56 15.14
CA ARG E 32 -4.55 14.32 14.16
C ARG E 32 -5.10 13.62 12.91
N LYS E 33 -5.99 12.64 13.11
CA LYS E 33 -6.72 11.94 12.02
C LYS E 33 -7.62 12.95 11.30
N GLY E 34 -8.36 13.76 12.06
CA GLY E 34 -9.26 14.81 11.56
C GLY E 34 -8.57 15.68 10.51
N PHE E 35 -7.38 16.18 10.85
CA PHE E 35 -6.58 17.11 9.99
C PHE E 35 -6.19 16.42 8.68
N SER E 36 -5.53 15.25 8.76
CA SER E 36 -5.00 14.53 7.58
C SER E 36 -6.16 14.08 6.68
N TYR E 37 -7.28 13.66 7.26
CA TYR E 37 -8.47 13.18 6.51
C TYR E 37 -9.27 14.35 5.92
N LEU E 38 -9.16 15.56 6.50
CA LEU E 38 -9.77 16.81 5.95
C LEU E 38 -9.11 17.17 4.61
N VAL E 39 -7.79 16.98 4.52
CA VAL E 39 -6.96 17.24 3.30
C VAL E 39 -7.49 16.37 2.16
N THR E 40 -7.67 15.08 2.41
CA THR E 40 -8.22 14.10 1.43
C THR E 40 -9.63 14.53 1.02
N ALA E 41 -10.49 14.87 1.99
CA ALA E 41 -11.93 15.15 1.80
C ALA E 41 -12.09 16.41 0.93
N THR E 42 -11.29 17.45 1.20
CA THR E 42 -11.20 18.72 0.42
C THR E 42 -10.78 18.40 -1.02
N THR E 43 -9.60 17.81 -1.18
CA THR E 43 -9.02 17.31 -2.46
C THR E 43 -10.11 16.65 -3.32
N THR E 44 -10.84 15.66 -2.79
CA THR E 44 -11.93 14.94 -3.50
C THR E 44 -12.99 15.94 -3.99
N VAL E 45 -13.46 16.86 -3.11
CA VAL E 45 -14.53 17.89 -3.42
C VAL E 45 -14.08 18.79 -4.56
N GLY E 46 -12.78 19.10 -4.60
CA GLY E 46 -12.12 19.86 -5.68
C GLY E 46 -12.20 19.10 -6.99
N VAL E 47 -11.69 17.87 -7.00
CA VAL E 47 -11.62 16.99 -8.21
C VAL E 47 -13.04 16.67 -8.68
N ALA E 48 -14.00 16.59 -7.76
CA ALA E 48 -15.44 16.36 -8.06
C ALA E 48 -16.00 17.52 -8.88
N TYR E 49 -15.61 18.75 -8.55
CA TYR E 49 -15.95 19.97 -9.33
C TYR E 49 -15.30 19.89 -10.72
N ALA E 50 -14.05 19.45 -10.77
CA ALA E 50 -13.22 19.42 -12.00
C ALA E 50 -13.83 18.46 -13.02
N ALA E 51 -14.04 17.21 -12.62
CA ALA E 51 -14.53 16.09 -13.47
C ALA E 51 -15.96 16.37 -13.94
N LYS E 52 -16.77 17.03 -13.11
CA LYS E 52 -18.17 17.40 -13.44
C LYS E 52 -18.19 18.39 -14.62
N ASN E 53 -17.19 19.26 -14.67
CA ASN E 53 -17.01 20.23 -15.77
C ASN E 53 -16.57 19.46 -17.03
N VAL E 54 -15.43 18.77 -16.97
CA VAL E 54 -14.86 18.01 -18.13
C VAL E 54 -15.95 17.15 -18.75
N VAL E 55 -16.55 16.25 -17.95
CA VAL E 55 -17.57 15.27 -18.44
C VAL E 55 -18.75 16.05 -19.06
N SER E 56 -19.36 16.92 -18.25
CA SER E 56 -20.58 17.68 -18.61
C SER E 56 -20.35 18.45 -19.92
N GLN E 57 -19.13 18.93 -20.16
CA GLN E 57 -18.71 19.59 -21.45
C GLN E 57 -18.76 18.55 -22.57
N PHE E 58 -17.97 17.48 -22.46
CA PHE E 58 -17.85 16.41 -23.49
C PHE E 58 -19.24 15.94 -23.90
N VAL E 59 -20.15 15.74 -22.93
CA VAL E 59 -21.58 15.36 -23.15
C VAL E 59 -22.23 16.45 -24.02
N SER E 60 -22.08 17.71 -23.63
CA SER E 60 -22.65 18.89 -24.36
C SER E 60 -22.31 18.81 -25.86
N SER E 61 -21.04 18.50 -26.18
CA SER E 61 -20.49 18.36 -27.55
C SER E 61 -21.46 17.60 -28.46
N MET E 62 -21.92 16.44 -28.01
CA MET E 62 -22.76 15.51 -28.81
C MET E 62 -24.13 16.12 -29.09
N SER E 63 -24.62 17.00 -28.21
CA SER E 63 -25.91 17.73 -28.35
C SER E 63 -25.79 18.77 -29.48
N ALA E 64 -26.93 19.21 -30.01
CA ALA E 64 -27.03 20.03 -31.23
C ALA E 64 -26.06 21.22 -31.18
N SER E 65 -25.32 21.45 -32.27
CA SER E 65 -24.39 22.58 -32.51
C SER E 65 -25.22 23.83 -32.85
N ALA E 66 -24.62 25.02 -32.70
CA ALA E 66 -25.27 26.35 -32.88
C ALA E 66 -25.92 26.47 -34.26
N ASP E 67 -25.23 25.99 -35.30
CA ASP E 67 -25.63 26.17 -36.72
C ASP E 67 -26.85 25.29 -37.05
N VAL E 68 -27.06 24.23 -36.26
CA VAL E 68 -28.23 23.30 -36.39
C VAL E 68 -29.40 23.88 -35.60
N LEU E 69 -29.12 24.58 -34.49
CA LEU E 69 -30.14 25.27 -33.65
C LEU E 69 -30.60 26.54 -34.37
N ALA E 70 -29.71 27.13 -35.18
CA ALA E 70 -30.03 28.29 -36.05
C ALA E 70 -31.24 27.94 -36.91
N MET E 71 -31.26 26.75 -37.52
CA MET E 71 -32.30 26.30 -38.49
C MET E 71 -33.47 25.62 -37.74
N SER E 72 -33.35 25.45 -36.42
CA SER E 72 -34.35 24.75 -35.56
C SER E 72 -35.73 25.36 -35.80
N LYS E 73 -35.82 26.69 -35.71
CA LYS E 73 -37.10 27.45 -35.76
C LYS E 73 -37.12 28.36 -37.00
N ILE E 74 -38.32 28.61 -37.53
CA ILE E 74 -38.59 29.50 -38.70
C ILE E 74 -39.73 30.44 -38.32
N GLU E 75 -39.50 31.76 -38.42
CA GLU E 75 -40.49 32.85 -38.20
C GLU E 75 -41.36 33.03 -39.45
N ILE E 76 -42.67 33.17 -39.25
CA ILE E 76 -43.65 33.43 -40.34
C ILE E 76 -44.56 34.60 -39.92
N LYS E 77 -44.82 35.53 -40.85
CA LYS E 77 -45.65 36.76 -40.65
C LYS E 77 -47.08 36.47 -41.09
N LEU E 78 -48.04 36.61 -40.18
CA LEU E 78 -49.45 36.14 -40.34
C LEU E 78 -50.25 37.11 -41.22
N SER E 79 -49.74 38.33 -41.39
CA SER E 79 -50.33 39.38 -42.28
C SER E 79 -49.94 39.13 -43.74
N ASP E 80 -49.08 38.13 -44.02
CA ASP E 80 -48.61 37.75 -45.38
C ASP E 80 -49.26 36.42 -45.82
N ILE E 81 -50.43 36.08 -45.27
CA ILE E 81 -51.25 34.91 -45.69
C ILE E 81 -52.73 35.29 -45.60
N PRO E 82 -53.41 35.59 -46.74
CA PRO E 82 -54.81 36.02 -46.71
C PRO E 82 -55.80 34.86 -46.47
N GLU E 83 -57.04 35.22 -46.08
CA GLU E 83 -58.08 34.31 -45.55
C GLU E 83 -58.56 33.35 -46.64
N GLY E 84 -58.20 32.06 -46.52
CA GLY E 84 -58.48 30.99 -47.50
C GLY E 84 -57.18 30.41 -48.03
N LYS E 85 -56.28 31.28 -48.49
CA LYS E 85 -55.02 30.92 -49.18
C LYS E 85 -54.06 30.17 -48.23
N ASN E 86 -53.50 29.06 -48.70
CA ASN E 86 -52.31 28.37 -48.11
C ASN E 86 -51.05 29.20 -48.47
N MET E 87 -49.95 29.00 -47.75
CA MET E 87 -48.61 29.57 -48.07
C MET E 87 -47.54 28.55 -47.62
N ALA E 88 -46.76 27.98 -48.55
CA ALA E 88 -45.75 26.91 -48.30
C ALA E 88 -44.42 27.54 -47.86
N PHE E 89 -43.60 26.76 -47.13
CA PHE E 89 -42.30 27.18 -46.54
C PHE E 89 -41.35 25.95 -46.48
N LYS E 90 -40.02 26.19 -46.54
CA LYS E 90 -38.97 25.17 -46.24
C LYS E 90 -38.70 25.18 -44.74
N TRP E 91 -38.77 24.03 -44.07
CA TRP E 91 -38.52 23.87 -42.61
C TRP E 91 -37.86 22.52 -42.34
N ARG E 92 -36.61 22.53 -41.86
CA ARG E 92 -35.79 21.33 -41.52
C ARG E 92 -35.67 20.44 -42.76
N GLY E 93 -35.60 21.05 -43.95
CA GLY E 93 -35.49 20.39 -45.26
C GLY E 93 -36.82 19.82 -45.74
N LYS E 94 -37.94 20.33 -45.21
CA LYS E 94 -39.32 19.86 -45.53
C LYS E 94 -40.17 21.06 -45.94
N PRO E 95 -41.23 20.86 -46.77
CA PRO E 95 -42.32 21.83 -46.88
C PRO E 95 -43.06 22.00 -45.54
N LEU E 96 -43.66 23.18 -45.33
CA LEU E 96 -44.46 23.50 -44.12
C LEU E 96 -45.64 24.39 -44.58
N PHE E 97 -46.87 23.89 -44.45
CA PHE E 97 -48.12 24.55 -44.92
C PHE E 97 -48.80 25.30 -43.76
N VAL E 98 -48.80 26.63 -43.84
CA VAL E 98 -49.60 27.56 -42.97
C VAL E 98 -50.78 28.08 -43.78
N ARG E 99 -51.99 28.02 -43.23
CA ARG E 99 -53.25 28.33 -43.96
C ARG E 99 -54.16 29.19 -43.08
N HIS E 100 -54.56 30.36 -43.59
CA HIS E 100 -55.65 31.19 -43.03
C HIS E 100 -56.96 30.48 -43.39
N ARG E 101 -57.84 30.24 -42.41
CA ARG E 101 -59.12 29.50 -42.58
C ARG E 101 -60.30 30.45 -42.36
N THR E 102 -61.32 30.37 -43.22
CA THR E 102 -62.51 31.25 -43.22
C THR E 102 -63.50 30.82 -42.12
N LYS E 103 -64.37 31.73 -41.68
CA LYS E 103 -65.48 31.46 -40.71
C LYS E 103 -66.32 30.30 -41.24
N LYS E 104 -66.34 30.09 -42.57
CA LYS E 104 -66.96 28.93 -43.26
C LYS E 104 -66.18 27.65 -42.92
N GLU E 105 -64.87 27.64 -43.16
CA GLU E 105 -63.99 26.43 -43.03
C GLU E 105 -63.93 25.96 -41.56
N ILE E 106 -64.00 26.88 -40.59
CA ILE E 106 -63.97 26.60 -39.13
C ILE E 106 -65.23 25.81 -38.74
N ASP E 107 -66.41 26.30 -39.14
CA ASP E 107 -67.75 25.74 -38.81
C ASP E 107 -67.96 24.38 -39.50
N GLN E 108 -67.38 24.20 -40.69
CA GLN E 108 -67.58 23.01 -41.56
C GLN E 108 -66.66 21.87 -41.12
N GLU E 109 -65.54 22.19 -40.45
CA GLU E 109 -64.57 21.20 -39.90
C GLU E 109 -64.81 21.00 -38.39
N ALA E 110 -65.72 21.77 -37.80
CA ALA E 110 -66.12 21.69 -36.37
C ALA E 110 -67.14 20.56 -36.17
N ALA E 111 -68.13 20.43 -37.06
CA ALA E 111 -69.32 19.55 -36.92
C ALA E 111 -69.17 18.25 -37.74
N VAL E 112 -67.94 17.91 -38.14
CA VAL E 112 -67.62 16.64 -38.87
C VAL E 112 -67.87 15.47 -37.91
N GLU E 113 -68.04 14.27 -38.46
CA GLU E 113 -68.11 13.02 -37.67
C GLU E 113 -66.69 12.63 -37.23
N VAL E 114 -66.48 12.41 -35.93
CA VAL E 114 -65.16 12.10 -35.32
C VAL E 114 -64.83 10.62 -35.58
N SER E 115 -65.84 9.73 -35.43
CA SER E 115 -65.71 8.26 -35.52
C SER E 115 -65.44 7.81 -36.97
N GLN E 116 -66.13 8.38 -37.96
CA GLN E 116 -66.04 8.01 -39.40
C GLN E 116 -64.59 8.13 -39.89
N LEU E 117 -63.82 9.09 -39.35
CA LEU E 117 -62.39 9.34 -39.66
C LEU E 117 -61.58 8.07 -39.43
N ARG E 118 -60.51 7.85 -40.21
CA ARG E 118 -59.53 6.77 -39.98
C ARG E 118 -58.72 7.08 -38.71
N ASP E 119 -58.24 8.33 -38.55
CA ASP E 119 -57.52 8.83 -37.34
C ASP E 119 -58.43 9.80 -36.59
N PRO E 120 -59.27 9.31 -35.65
CA PRO E 120 -60.22 10.16 -34.92
C PRO E 120 -59.56 11.28 -34.11
N GLN E 121 -59.69 12.51 -34.60
CA GLN E 121 -59.36 13.76 -33.87
C GLN E 121 -60.48 14.77 -34.13
N HIS E 122 -60.77 15.62 -33.15
CA HIS E 122 -61.59 16.85 -33.34
C HIS E 122 -60.65 17.98 -33.80
N ASP E 123 -61.20 19.13 -34.17
CA ASP E 123 -60.46 20.27 -34.79
C ASP E 123 -59.84 21.15 -33.70
N LEU E 124 -60.56 21.44 -32.60
CA LEU E 124 -60.16 22.40 -31.54
C LEU E 124 -58.94 21.91 -30.74
N GLU E 125 -58.48 20.66 -30.96
CA GLU E 125 -57.25 20.06 -30.35
C GLU E 125 -56.25 19.63 -31.43
N ARG E 126 -56.40 20.12 -32.67
CA ARG E 126 -55.41 19.97 -33.78
C ARG E 126 -54.71 21.32 -34.06
N VAL E 127 -55.23 22.41 -33.47
CA VAL E 127 -54.66 23.78 -33.56
C VAL E 127 -54.84 24.46 -32.20
N LYS E 128 -54.20 25.63 -32.03
CA LYS E 128 -54.26 26.43 -30.79
C LYS E 128 -55.15 27.66 -31.05
N LYS E 129 -55.12 28.23 -32.25
CA LYS E 129 -56.09 29.27 -32.69
C LYS E 129 -57.07 28.64 -33.69
N PRO E 130 -58.37 29.04 -33.68
CA PRO E 130 -59.36 28.53 -34.65
C PRO E 130 -59.12 28.85 -36.14
N GLU E 131 -58.58 30.03 -36.45
CA GLU E 131 -58.54 30.59 -37.83
C GLU E 131 -57.21 30.25 -38.53
N TRP E 132 -56.28 29.58 -37.83
CA TRP E 132 -54.94 29.18 -38.35
C TRP E 132 -54.71 27.69 -38.14
N VAL E 133 -54.21 26.99 -39.16
CA VAL E 133 -53.79 25.56 -39.11
C VAL E 133 -52.38 25.44 -39.70
N ILE E 134 -51.41 25.00 -38.89
CA ILE E 134 -50.01 24.77 -39.33
C ILE E 134 -49.75 23.26 -39.35
N LEU E 135 -49.22 22.79 -40.48
CA LEU E 135 -49.00 21.37 -40.85
C LEU E 135 -47.68 21.25 -41.62
N ILE E 136 -47.02 20.10 -41.49
CA ILE E 136 -45.89 19.67 -42.38
C ILE E 136 -46.53 19.34 -43.75
N GLY E 137 -45.79 19.53 -44.84
CA GLY E 137 -46.28 19.28 -46.22
C GLY E 137 -45.77 17.95 -46.76
N VAL E 138 -45.88 16.88 -45.97
CA VAL E 138 -45.41 15.50 -46.28
C VAL E 138 -46.59 14.53 -46.12
N CYS E 139 -46.88 13.74 -47.17
CA CYS E 139 -47.94 12.69 -47.19
C CYS E 139 -47.50 11.50 -46.33
N THR E 140 -48.35 11.08 -45.39
CA THR E 140 -48.00 10.18 -44.26
C THR E 140 -47.77 8.74 -44.76
N HIS E 141 -48.40 8.35 -45.88
CA HIS E 141 -48.32 6.96 -46.42
C HIS E 141 -46.88 6.65 -46.86
N LEU E 142 -46.44 7.20 -48.01
CA LEU E 142 -45.10 6.92 -48.59
C LEU E 142 -44.38 8.21 -49.01
N GLY E 143 -44.83 9.39 -48.54
CA GLY E 143 -44.08 10.65 -48.69
C GLY E 143 -44.26 11.30 -50.05
N CYS E 144 -45.20 12.26 -50.13
CA CYS E 144 -45.43 13.18 -51.27
C CYS E 144 -45.81 14.56 -50.72
N VAL E 145 -45.69 15.64 -51.51
CA VAL E 145 -45.94 17.06 -51.09
C VAL E 145 -47.32 17.49 -51.59
N PRO E 146 -48.40 17.31 -50.79
CA PRO E 146 -49.77 17.55 -51.24
C PRO E 146 -50.04 18.97 -51.82
N ILE E 147 -50.95 19.03 -52.80
CA ILE E 147 -51.34 20.25 -53.58
C ILE E 147 -52.55 20.91 -52.93
N ALA E 148 -52.43 22.19 -52.58
CA ALA E 148 -53.41 23.00 -51.81
C ALA E 148 -54.57 23.46 -52.69
N ASN E 149 -55.80 23.49 -52.14
CA ASN E 149 -57.03 24.02 -52.78
C ASN E 149 -57.49 23.04 -53.90
N ALA E 150 -57.55 21.75 -53.57
CA ALA E 150 -57.90 20.65 -54.51
C ALA E 150 -58.38 19.42 -53.71
N GLY E 151 -58.77 18.35 -54.40
CA GLY E 151 -59.24 17.09 -53.79
C GLY E 151 -60.76 17.07 -53.63
N ASP E 152 -61.29 15.94 -53.16
CA ASP E 152 -62.76 15.71 -52.96
C ASP E 152 -63.24 16.49 -51.73
N PHE E 153 -62.45 16.49 -50.65
CA PHE E 153 -62.85 17.07 -49.33
C PHE E 153 -62.27 18.47 -49.18
N GLY E 154 -61.92 19.12 -50.30
CA GLY E 154 -61.62 20.55 -50.40
C GLY E 154 -60.59 20.99 -49.38
N GLY E 155 -59.32 20.68 -49.64
CA GLY E 155 -58.17 21.04 -48.77
C GLY E 155 -56.85 20.70 -49.42
N TYR E 156 -56.42 19.45 -49.27
CA TYR E 156 -55.15 18.91 -49.84
C TYR E 156 -55.47 17.57 -50.52
N TYR E 157 -54.77 17.26 -51.64
CA TYR E 157 -54.97 16.04 -52.46
C TYR E 157 -53.64 15.62 -53.10
N CYS E 158 -53.38 14.30 -53.09
CA CYS E 158 -52.09 13.65 -53.46
C CYS E 158 -52.26 12.86 -54.76
N PRO E 159 -51.61 13.26 -55.88
CA PRO E 159 -51.60 12.45 -57.10
C PRO E 159 -50.54 11.33 -57.16
N CYS E 160 -50.21 10.71 -56.02
CA CYS E 160 -49.19 9.63 -55.89
C CYS E 160 -49.85 8.25 -55.84
N HIS E 161 -50.74 8.04 -54.86
CA HIS E 161 -51.47 6.76 -54.61
C HIS E 161 -52.99 7.00 -54.68
N GLY E 162 -53.52 7.97 -53.92
CA GLY E 162 -54.92 8.42 -54.02
C GLY E 162 -55.48 8.84 -52.67
N SER E 163 -54.83 9.80 -52.00
CA SER E 163 -55.21 10.32 -50.67
C SER E 163 -56.04 11.60 -50.83
N HIS E 164 -56.96 11.84 -49.88
CA HIS E 164 -57.81 13.06 -49.80
C HIS E 164 -57.81 13.60 -48.36
N TYR E 165 -57.30 14.82 -48.15
CA TYR E 165 -57.25 15.52 -46.83
C TYR E 165 -58.26 16.67 -46.83
N ASP E 166 -59.00 16.84 -45.72
CA ASP E 166 -59.97 17.93 -45.51
C ASP E 166 -59.19 19.22 -45.20
N ALA E 167 -59.88 20.28 -44.77
CA ALA E 167 -59.31 21.62 -44.50
C ALA E 167 -58.50 21.63 -43.20
N SER E 168 -58.85 20.74 -42.25
CA SER E 168 -58.19 20.57 -40.92
C SER E 168 -56.93 19.69 -41.04
N GLY E 169 -56.74 19.00 -42.18
CA GLY E 169 -55.54 18.19 -42.49
C GLY E 169 -55.76 16.70 -42.27
N ARG E 170 -56.96 16.30 -41.79
CA ARG E 170 -57.29 14.89 -41.42
C ARG E 170 -57.58 14.07 -42.69
N ILE E 171 -56.98 12.88 -42.80
CA ILE E 171 -57.21 11.95 -43.95
C ILE E 171 -58.67 11.48 -43.90
N ARG E 172 -59.39 11.65 -45.01
CA ARG E 172 -60.82 11.27 -45.18
C ARG E 172 -60.90 10.01 -46.05
N LYS E 173 -60.60 10.12 -47.36
CA LYS E 173 -60.69 9.00 -48.35
C LYS E 173 -59.32 8.77 -49.02
N GLY E 174 -58.59 7.73 -48.58
CA GLY E 174 -57.31 7.32 -49.19
C GLY E 174 -56.55 6.29 -48.37
N PRO E 175 -55.37 5.82 -48.86
CA PRO E 175 -54.54 4.86 -48.15
C PRO E 175 -53.73 5.34 -46.92
N ALA E 176 -53.48 6.64 -46.76
CA ALA E 176 -52.68 7.22 -45.65
C ALA E 176 -53.26 6.78 -44.31
N PRO E 177 -52.43 6.23 -43.39
CA PRO E 177 -52.92 5.81 -42.09
C PRO E 177 -53.19 7.06 -41.25
N LEU E 178 -52.13 7.73 -40.77
CA LEU E 178 -52.21 8.93 -39.90
C LEU E 178 -52.52 10.16 -40.75
N ASN E 179 -53.11 11.17 -40.12
CA ASN E 179 -53.40 12.49 -40.72
C ASN E 179 -52.07 13.22 -40.95
N LEU E 180 -52.09 14.39 -41.59
CA LEU E 180 -50.90 15.27 -41.78
C LEU E 180 -50.37 15.69 -40.39
N GLU E 181 -49.05 15.76 -40.23
CA GLU E 181 -48.37 15.93 -38.92
C GLU E 181 -48.51 17.38 -38.43
N VAL E 182 -48.95 17.55 -37.18
CA VAL E 182 -49.09 18.88 -36.50
C VAL E 182 -47.77 19.21 -35.79
N PRO E 183 -46.95 20.14 -36.30
CA PRO E 183 -45.72 20.52 -35.61
C PRO E 183 -45.99 21.27 -34.29
N SER E 184 -44.95 21.36 -33.46
CA SER E 184 -44.96 22.12 -32.19
C SER E 184 -44.75 23.60 -32.55
N TYR E 185 -45.57 24.49 -31.97
CA TYR E 185 -45.47 25.96 -32.17
C TYR E 185 -46.21 26.67 -31.04
N GLU E 186 -46.09 28.00 -31.02
CA GLU E 186 -46.98 28.90 -30.25
C GLU E 186 -46.99 30.24 -30.99
N PHE E 187 -48.00 31.08 -30.75
CA PHE E 187 -48.12 32.46 -31.29
C PHE E 187 -47.39 33.39 -30.31
N THR E 188 -46.49 34.22 -30.85
CA THR E 188 -45.72 35.25 -30.08
C THR E 188 -46.59 36.49 -29.98
N SER E 189 -46.26 37.52 -30.75
CA SER E 189 -47.14 38.70 -30.93
C SER E 189 -48.40 38.25 -31.68
N ASP E 190 -49.36 39.17 -31.85
CA ASP E 190 -50.62 38.96 -32.62
C ASP E 190 -50.28 38.72 -34.10
N ASP E 191 -49.22 39.37 -34.62
CA ASP E 191 -48.86 39.43 -36.06
C ASP E 191 -47.95 38.26 -36.47
N MET E 192 -47.19 37.67 -35.54
CA MET E 192 -46.08 36.71 -35.82
C MET E 192 -46.32 35.36 -35.16
N VAL E 193 -45.95 34.28 -35.86
CA VAL E 193 -45.90 32.87 -35.36
C VAL E 193 -44.48 32.31 -35.55
N ILE E 194 -44.02 31.52 -34.56
CA ILE E 194 -42.72 30.78 -34.57
C ILE E 194 -43.03 29.28 -34.48
N VAL E 195 -42.46 28.51 -35.40
CA VAL E 195 -42.65 27.03 -35.52
C VAL E 195 -41.33 26.33 -35.15
N GLY E 196 -41.32 25.47 -34.12
CA GLY E 196 -40.16 24.58 -33.86
C GLY E 196 -40.08 24.04 -32.44
N ARG F 1 51.56 6.03 -10.89
CA ARG F 1 52.69 6.90 -10.47
C ARG F 1 52.33 8.38 -10.70
N TRP F 2 52.12 8.76 -11.97
CA TRP F 2 51.96 10.17 -12.43
C TRP F 2 50.50 10.47 -12.76
N LEU F 3 49.69 9.42 -12.99
CA LEU F 3 48.23 9.51 -13.24
C LEU F 3 47.45 9.27 -11.94
N GLU F 4 48.16 8.98 -10.84
CA GLU F 4 47.57 8.73 -9.49
C GLU F 4 46.88 10.02 -9.00
N GLY F 5 47.40 11.17 -9.42
CA GLY F 5 46.83 12.50 -9.10
C GLY F 5 45.41 12.60 -9.62
N ILE F 6 45.22 12.21 -10.88
CA ILE F 6 43.90 12.30 -11.59
C ILE F 6 42.97 11.22 -11.03
N ARG F 7 43.49 10.00 -10.81
CA ARG F 7 42.74 8.85 -10.22
C ARG F 7 42.08 9.26 -8.90
N LYS F 8 42.83 9.93 -8.02
CA LYS F 8 42.35 10.39 -6.68
C LYS F 8 41.25 11.44 -6.89
N TRP F 9 41.45 12.38 -7.82
CA TRP F 9 40.47 13.44 -8.16
C TRP F 9 39.17 12.80 -8.67
N TYR F 10 39.25 12.01 -9.75
CA TYR F 10 38.08 11.34 -10.36
C TYR F 10 37.29 10.60 -9.28
N TYR F 11 37.96 9.94 -8.33
CA TYR F 11 37.32 9.09 -7.29
C TYR F 11 36.28 9.91 -6.54
N ASN F 12 36.60 11.16 -6.20
CA ASN F 12 35.74 12.07 -5.40
C ASN F 12 34.75 12.82 -6.30
N ALA F 13 35.13 13.11 -7.54
CA ALA F 13 34.21 13.63 -8.58
C ALA F 13 33.03 12.65 -8.66
N ALA F 14 33.31 11.43 -9.12
CA ALA F 14 32.39 10.27 -9.25
C ALA F 14 31.49 10.17 -8.01
N GLY F 15 32.10 10.12 -6.83
CA GLY F 15 31.43 10.46 -5.55
C GLY F 15 30.46 9.40 -5.07
N PHE F 16 30.69 8.12 -5.37
CA PHE F 16 29.83 7.03 -4.83
C PHE F 16 30.19 6.88 -3.35
N ASN F 17 31.43 7.23 -3.01
CA ASN F 17 31.96 7.28 -1.62
C ASN F 17 31.04 8.12 -0.71
N LYS F 18 30.34 9.11 -1.25
CA LYS F 18 29.50 10.01 -0.41
C LYS F 18 28.28 9.24 0.10
N LEU F 19 27.92 8.11 -0.52
CA LEU F 19 26.79 7.24 -0.13
C LEU F 19 27.27 6.02 0.69
N GLY F 20 28.54 6.00 1.11
CA GLY F 20 29.12 4.86 1.84
C GLY F 20 29.08 3.59 1.01
N LEU F 21 29.63 3.67 -0.21
CA LEU F 21 29.80 2.54 -1.15
C LEU F 21 31.29 2.42 -1.50
N MET F 22 31.75 1.19 -1.76
CA MET F 22 33.04 0.91 -2.44
C MET F 22 32.78 0.69 -3.94
N ARG F 23 33.82 0.84 -4.76
CA ARG F 23 33.79 0.69 -6.24
C ARG F 23 33.03 -0.60 -6.60
N ASP F 24 33.46 -1.77 -6.07
CA ASP F 24 32.91 -3.10 -6.46
C ASP F 24 31.43 -3.22 -6.10
N ASP F 25 30.89 -2.28 -5.31
CA ASP F 25 29.43 -2.20 -5.03
C ASP F 25 28.71 -1.66 -6.26
N THR F 26 29.38 -0.84 -7.06
CA THR F 26 28.76 -0.11 -8.21
C THR F 26 28.88 -0.91 -9.50
N ILE F 27 29.56 -2.07 -9.51
CA ILE F 27 29.75 -2.87 -10.77
C ILE F 27 28.39 -3.39 -11.28
N HIS F 28 28.12 -3.18 -12.58
CA HIS F 28 26.92 -3.67 -13.30
C HIS F 28 26.90 -5.21 -13.26
N GLU F 29 25.81 -5.79 -12.73
CA GLU F 29 25.65 -7.26 -12.53
C GLU F 29 25.34 -7.95 -13.86
N ASN F 30 26.36 -8.34 -14.64
CA ASN F 30 26.24 -9.31 -15.77
C ASN F 30 26.20 -10.73 -15.18
N ASP F 31 26.10 -11.76 -16.03
CA ASP F 31 26.02 -13.18 -15.59
C ASP F 31 27.28 -13.56 -14.77
N ASP F 32 28.46 -12.99 -15.06
CA ASP F 32 29.73 -13.30 -14.36
C ASP F 32 29.74 -12.70 -12.95
N VAL F 33 29.32 -11.45 -12.80
CA VAL F 33 29.31 -10.75 -11.48
C VAL F 33 28.29 -11.44 -10.58
N LYS F 34 27.11 -11.79 -11.10
CA LYS F 34 26.07 -12.55 -10.35
C LYS F 34 26.77 -13.72 -9.65
N GLU F 35 27.43 -14.59 -10.41
CA GLU F 35 28.14 -15.80 -9.92
C GLU F 35 29.18 -15.43 -8.86
N ALA F 36 30.02 -14.43 -9.16
CA ALA F 36 31.07 -13.93 -8.23
C ALA F 36 30.44 -13.54 -6.89
N ILE F 37 29.26 -12.90 -6.92
CA ILE F 37 28.50 -12.47 -5.70
C ILE F 37 28.03 -13.73 -4.97
N ARG F 38 27.52 -14.71 -5.71
CA ARG F 38 26.94 -15.97 -5.17
C ARG F 38 28.03 -16.76 -4.43
N ARG F 39 29.29 -16.55 -4.79
CA ARG F 39 30.47 -17.29 -4.23
C ARG F 39 31.07 -16.58 -3.01
N LEU F 40 30.56 -15.39 -2.64
CA LEU F 40 31.11 -14.58 -1.52
C LEU F 40 30.84 -15.28 -0.20
N PRO F 41 31.75 -15.13 0.79
CA PRO F 41 31.50 -15.58 2.16
C PRO F 41 30.54 -14.68 2.94
N GLU F 42 29.77 -15.28 3.87
CA GLU F 42 28.66 -14.62 4.62
C GLU F 42 29.02 -13.16 4.89
N ASN F 43 30.09 -12.93 5.66
CA ASN F 43 30.53 -11.59 6.13
C ASN F 43 30.53 -10.61 4.95
N LEU F 44 31.33 -10.90 3.91
CA LEU F 44 31.50 -10.01 2.71
C LEU F 44 30.14 -9.71 2.06
N TYR F 45 29.31 -10.75 1.86
CA TYR F 45 27.97 -10.63 1.22
C TYR F 45 27.06 -9.70 2.02
N ASN F 46 26.88 -9.94 3.33
CA ASN F 46 25.94 -9.16 4.19
C ASN F 46 26.38 -7.70 4.33
N ASP F 47 27.70 -7.44 4.27
CA ASP F 47 28.28 -6.07 4.27
C ASP F 47 27.87 -5.36 2.97
N ARG F 48 28.17 -5.97 1.81
CA ARG F 48 27.72 -5.46 0.49
C ARG F 48 26.23 -5.11 0.56
N VAL F 49 25.42 -6.01 1.13
CA VAL F 49 23.93 -5.88 1.17
C VAL F 49 23.52 -4.68 2.04
N PHE F 50 24.21 -4.42 3.14
CA PHE F 50 23.88 -3.24 3.98
C PHE F 50 24.28 -1.98 3.24
N ARG F 51 25.56 -1.92 2.82
CA ARG F 51 26.17 -0.77 2.13
C ARG F 51 25.24 -0.22 1.02
N ILE F 52 24.71 -1.13 0.19
CA ILE F 52 23.79 -0.81 -0.94
C ILE F 52 22.45 -0.34 -0.35
N LYS F 53 21.85 -1.12 0.56
CA LYS F 53 20.58 -0.75 1.25
C LYS F 53 20.69 0.65 1.86
N ARG F 54 21.90 1.05 2.29
CA ARG F 54 22.22 2.37 2.93
C ARG F 54 22.29 3.47 1.88
N ALA F 55 22.85 3.16 0.70
CA ALA F 55 22.97 4.05 -0.47
C ALA F 55 21.57 4.35 -1.06
N LEU F 56 20.80 3.30 -1.37
CA LEU F 56 19.44 3.40 -1.96
C LEU F 56 18.53 4.23 -1.06
N ASP F 57 18.61 4.04 0.25
CA ASP F 57 17.84 4.84 1.23
C ASP F 57 18.27 6.31 1.15
N LEU F 58 19.58 6.59 1.00
CA LEU F 58 20.14 7.96 0.90
C LEU F 58 19.64 8.60 -0.41
N SER F 59 19.82 7.90 -1.54
CA SER F 59 19.32 8.28 -2.89
C SER F 59 17.83 8.66 -2.81
N MET F 60 17.04 7.89 -2.06
CA MET F 60 15.58 8.09 -1.85
C MET F 60 15.31 9.47 -1.23
N ARG F 61 16.22 9.95 -0.38
CA ARG F 61 16.07 11.22 0.38
C ARG F 61 16.89 12.34 -0.29
N GLN F 62 17.66 12.01 -1.34
CA GLN F 62 18.45 12.96 -2.17
C GLN F 62 19.55 13.59 -1.31
N GLN F 63 20.11 12.80 -0.38
CA GLN F 63 21.09 13.25 0.64
C GLN F 63 22.38 12.44 0.50
N ILE F 64 23.41 12.84 1.23
CA ILE F 64 24.73 12.14 1.34
C ILE F 64 25.04 11.88 2.81
N LEU F 65 26.14 11.21 3.12
CA LEU F 65 26.63 10.99 4.52
C LEU F 65 27.49 12.17 4.94
N PRO F 66 27.71 12.38 6.26
CA PRO F 66 28.82 13.21 6.73
C PRO F 66 30.18 12.86 6.10
N LYS F 67 31.03 13.86 5.87
CA LYS F 67 32.36 13.75 5.19
C LYS F 67 33.28 12.81 5.98
N GLU F 68 33.19 12.86 7.32
CA GLU F 68 33.91 11.96 8.26
C GLU F 68 33.53 10.50 7.95
N GLN F 69 32.36 10.25 7.33
CA GLN F 69 31.78 8.89 7.08
C GLN F 69 31.97 8.43 5.62
N TRP F 70 32.52 9.27 4.74
CA TRP F 70 32.75 8.95 3.30
C TRP F 70 33.87 7.90 3.16
N THR F 71 33.68 6.92 2.28
CA THR F 71 34.69 5.89 1.91
C THR F 71 35.99 6.58 1.45
N LYS F 72 37.10 6.33 2.17
CA LYS F 72 38.44 6.89 1.83
C LYS F 72 38.97 6.14 0.61
N TYR F 73 39.53 6.87 -0.36
CA TYR F 73 40.14 6.30 -1.61
C TYR F 73 41.09 5.16 -1.24
N GLU F 74 41.91 5.38 -0.21
CA GLU F 74 43.00 4.47 0.27
C GLU F 74 42.39 3.23 0.94
N GLU F 75 41.20 3.35 1.56
CA GLU F 75 40.53 2.28 2.36
C GLU F 75 39.49 1.52 1.52
N ASP F 76 39.50 1.68 0.19
CA ASP F 76 38.54 1.04 -0.76
C ASP F 76 39.10 -0.33 -1.20
N LYS F 77 38.84 -1.36 -0.39
CA LYS F 77 39.22 -2.76 -0.70
C LYS F 77 38.55 -3.17 -2.02
N SER F 78 39.26 -3.94 -2.85
CA SER F 78 38.76 -4.48 -4.14
C SER F 78 38.20 -5.89 -3.89
N TYR F 79 37.17 -6.00 -3.02
CA TYR F 79 36.74 -7.25 -2.35
C TYR F 79 36.29 -8.32 -3.37
N LEU F 80 35.77 -7.90 -4.52
CA LEU F 80 35.15 -8.81 -5.53
C LEU F 80 36.21 -9.33 -6.52
N GLU F 81 37.39 -8.71 -6.60
CA GLU F 81 38.44 -9.02 -7.63
C GLU F 81 38.68 -10.53 -7.72
N PRO F 82 39.13 -11.23 -6.65
CA PRO F 82 39.55 -12.63 -6.78
C PRO F 82 38.44 -13.60 -7.22
N TYR F 83 37.20 -13.41 -6.77
CA TYR F 83 36.03 -14.26 -7.11
C TYR F 83 35.67 -14.06 -8.59
N LEU F 84 35.60 -12.80 -9.04
CA LEU F 84 35.20 -12.41 -10.42
C LEU F 84 36.30 -12.79 -11.43
N LYS F 85 37.57 -12.58 -11.08
CA LYS F 85 38.74 -12.92 -11.92
C LYS F 85 38.65 -14.40 -12.33
N GLU F 86 38.42 -15.28 -11.34
CA GLU F 86 38.32 -16.75 -11.53
C GLU F 86 37.11 -17.06 -12.41
N VAL F 87 35.92 -16.61 -12.01
CA VAL F 87 34.62 -16.87 -12.71
C VAL F 87 34.81 -16.63 -14.22
N ILE F 88 35.51 -15.54 -14.58
CA ILE F 88 35.82 -15.17 -15.99
C ILE F 88 36.85 -16.15 -16.57
N ARG F 89 37.97 -16.36 -15.85
CA ARG F 89 39.05 -17.31 -16.23
C ARG F 89 38.43 -18.69 -16.53
N GLU F 90 37.46 -19.10 -15.70
CA GLU F 90 36.75 -20.41 -15.83
C GLU F 90 36.00 -20.43 -17.16
N ARG F 91 35.17 -19.41 -17.42
CA ARG F 91 34.28 -19.34 -18.61
C ARG F 91 35.12 -19.42 -19.89
N LYS F 92 36.19 -18.63 -19.98
CA LYS F 92 37.09 -18.56 -21.17
C LYS F 92 37.77 -19.91 -21.42
N GLU F 93 37.83 -20.79 -20.41
CA GLU F 93 38.32 -22.19 -20.55
C GLU F 93 37.26 -23.06 -21.23
N ARG F 94 35.98 -22.91 -20.88
CA ARG F 94 34.85 -23.70 -21.43
C ARG F 94 34.54 -23.27 -22.87
N GLU F 95 34.72 -21.98 -23.13
CA GLU F 95 34.58 -21.37 -24.48
C GLU F 95 35.68 -21.94 -25.39
N GLU F 96 36.92 -21.97 -24.90
CA GLU F 96 38.11 -22.54 -25.60
C GLU F 96 37.86 -24.02 -25.93
N TRP F 97 37.31 -24.79 -25.00
CA TRP F 97 37.14 -26.26 -25.13
C TRP F 97 36.06 -26.56 -26.19
N ALA F 98 35.06 -25.69 -26.28
CA ALA F 98 33.90 -25.82 -27.18
C ALA F 98 34.30 -25.64 -28.66
N LYS F 99 35.58 -25.35 -28.96
CA LYS F 99 36.06 -25.05 -30.33
C LYS F 99 37.33 -25.85 -30.63
N ARG G 1 8.87 -10.87 -9.83
CA ARG G 1 8.84 -11.92 -8.77
C ARG G 1 8.11 -11.37 -7.53
N GLN G 2 7.36 -12.24 -6.82
CA GLN G 2 6.57 -11.92 -5.60
C GLN G 2 7.47 -11.30 -4.49
N PHE G 3 6.89 -10.52 -3.55
CA PHE G 3 7.50 -10.20 -2.23
C PHE G 3 7.63 -11.50 -1.41
N GLY G 4 8.85 -11.78 -0.93
CA GLY G 4 9.23 -13.04 -0.25
C GLY G 4 10.15 -13.91 -1.10
N HIS G 5 10.53 -13.41 -2.29
CA HIS G 5 11.33 -14.13 -3.31
C HIS G 5 12.39 -13.22 -3.96
N LEU G 6 12.50 -11.97 -3.52
CA LEU G 6 13.32 -10.98 -4.24
C LEU G 6 14.82 -11.31 -4.07
N THR G 7 15.34 -11.35 -2.85
CA THR G 7 16.78 -11.59 -2.57
C THR G 7 16.97 -12.00 -1.11
N ARG G 8 18.19 -12.37 -0.70
CA ARG G 8 18.55 -12.77 0.69
C ARG G 8 19.21 -11.61 1.43
N VAL G 9 18.74 -11.32 2.66
CA VAL G 9 19.23 -10.21 3.53
C VAL G 9 19.37 -10.73 4.95
N ARG G 10 20.41 -10.34 5.68
CA ARG G 10 20.57 -10.85 7.07
C ARG G 10 20.93 -9.72 8.05
N HIS G 11 20.35 -9.79 9.24
CA HIS G 11 20.67 -8.92 10.41
C HIS G 11 20.58 -7.44 10.03
N VAL G 12 19.42 -6.95 9.60
CA VAL G 12 19.20 -5.51 9.26
C VAL G 12 17.87 -5.08 9.88
N ILE G 13 17.92 -4.23 10.91
CA ILE G 13 16.70 -3.73 11.59
C ILE G 13 16.27 -2.40 10.93
N THR G 14 14.96 -2.17 10.85
CA THR G 14 14.34 -0.91 10.37
C THR G 14 13.32 -0.49 11.40
N TYR G 15 13.47 0.71 11.97
CA TYR G 15 12.46 1.41 12.82
C TYR G 15 11.75 2.45 11.94
N SER G 16 10.45 2.68 12.15
CA SER G 16 9.66 3.69 11.39
C SER G 16 8.40 4.16 12.16
N LEU G 17 7.85 5.31 11.77
CA LEU G 17 6.69 5.96 12.47
C LEU G 17 5.48 6.05 11.54
N SER G 18 4.29 5.73 12.08
CA SER G 18 2.96 5.96 11.46
C SER G 18 2.93 7.38 10.92
N PRO G 19 2.29 7.61 9.76
CA PRO G 19 2.19 8.96 9.22
C PRO G 19 1.31 9.86 10.09
N PHE G 20 0.34 9.27 10.83
CA PHE G 20 -0.60 9.97 11.74
C PHE G 20 0.11 10.41 13.02
N GLU G 21 1.31 9.92 13.27
CA GLU G 21 2.11 10.31 14.46
C GLU G 21 3.10 11.41 14.08
N GLN G 22 3.39 11.62 12.78
CA GLN G 22 4.51 12.51 12.39
C GLN G 22 4.04 13.63 11.45
N ARG G 23 4.93 14.59 11.15
CA ARG G 23 4.69 15.77 10.29
C ARG G 23 5.05 15.44 8.85
N ALA G 24 4.33 16.04 7.90
CA ALA G 24 4.50 15.88 6.44
C ALA G 24 5.65 16.77 5.95
N PHE G 25 5.91 17.90 6.61
CA PHE G 25 6.96 18.87 6.21
C PHE G 25 7.87 19.18 7.40
N PRO G 26 8.62 18.20 7.94
CA PRO G 26 9.56 18.47 9.02
C PRO G 26 10.70 19.33 8.44
N HIS G 27 10.93 20.50 9.02
CA HIS G 27 12.06 21.43 8.73
C HIS G 27 12.20 21.64 7.21
N TYR G 28 11.08 21.97 6.54
CA TYR G 28 10.92 21.98 5.06
C TYR G 28 11.74 23.08 4.39
N PHE G 29 11.84 24.25 5.04
CA PHE G 29 12.67 25.41 4.60
C PHE G 29 14.01 25.38 5.33
N SER G 30 13.98 25.16 6.66
CA SER G 30 15.15 25.03 7.59
C SER G 30 16.25 24.17 6.97
N LYS G 31 15.92 22.92 6.59
CA LYS G 31 16.86 21.88 6.07
C LYS G 31 16.74 21.76 4.55
N GLY G 32 15.62 22.22 3.97
CA GLY G 32 15.30 22.08 2.53
C GLY G 32 16.20 22.95 1.67
N ILE G 33 16.25 24.24 1.97
CA ILE G 33 17.03 25.26 1.21
C ILE G 33 18.48 24.77 1.09
N PRO G 34 19.21 24.51 2.20
CA PRO G 34 20.61 24.11 2.11
C PRO G 34 20.82 22.83 1.29
N ASN G 35 19.95 21.81 1.46
CA ASN G 35 19.99 20.53 0.70
C ASN G 35 19.84 20.84 -0.80
N VAL G 36 19.00 21.81 -1.16
CA VAL G 36 18.78 22.25 -2.58
C VAL G 36 20.07 22.86 -3.12
N LEU G 37 20.63 23.86 -2.43
CA LEU G 37 21.89 24.55 -2.81
C LEU G 37 23.01 23.53 -3.02
N ARG G 38 23.18 22.60 -2.07
CA ARG G 38 24.19 21.51 -2.13
C ARG G 38 24.02 20.75 -3.44
N ARG G 39 22.80 20.26 -3.71
CA ARG G 39 22.43 19.46 -4.91
C ARG G 39 22.70 20.27 -6.18
N THR G 40 22.38 21.57 -6.17
CA THR G 40 22.53 22.48 -7.33
C THR G 40 24.02 22.74 -7.61
N ARG G 41 24.79 23.06 -6.58
CA ARG G 41 26.26 23.28 -6.65
C ARG G 41 26.91 22.03 -7.26
N ALA G 42 26.48 20.84 -6.83
CA ALA G 42 27.10 19.55 -7.19
C ALA G 42 27.11 19.36 -8.71
N CYS G 43 25.99 19.63 -9.38
CA CYS G 43 25.73 19.25 -10.80
C CYS G 43 25.97 20.45 -11.74
N ILE G 44 26.14 21.66 -11.21
CA ILE G 44 25.97 22.93 -11.99
C ILE G 44 26.93 22.95 -13.19
N LEU G 45 28.23 22.71 -12.97
CA LEU G 45 29.25 22.86 -14.05
C LEU G 45 29.50 21.51 -14.73
N ARG G 46 28.50 20.63 -14.68
CA ARG G 46 28.26 19.51 -15.66
C ARG G 46 27.12 19.91 -16.59
N VAL G 47 26.01 20.37 -16.01
CA VAL G 47 24.71 20.72 -16.67
C VAL G 47 24.83 22.05 -17.43
N ALA G 48 25.27 23.12 -16.77
CA ALA G 48 25.17 24.53 -17.22
C ALA G 48 26.06 24.84 -18.41
N PRO G 49 27.35 24.38 -18.45
CA PRO G 49 28.27 24.77 -19.53
C PRO G 49 27.72 24.58 -20.95
N PRO G 50 27.15 23.41 -21.35
CA PRO G 50 26.61 23.23 -22.69
C PRO G 50 25.51 24.23 -23.09
N PHE G 51 24.61 24.54 -22.17
CA PHE G 51 23.49 25.49 -22.37
C PHE G 51 24.00 26.94 -22.47
N VAL G 52 25.16 27.26 -21.86
CA VAL G 52 25.87 28.57 -22.05
C VAL G 52 26.33 28.66 -23.51
N ALA G 53 27.05 27.63 -23.97
CA ALA G 53 27.58 27.52 -25.36
C ALA G 53 26.43 27.69 -26.35
N PHE G 54 25.31 26.97 -26.17
CA PHE G 54 24.09 27.06 -27.01
C PHE G 54 23.68 28.53 -27.13
N TYR G 55 23.54 29.21 -25.98
CA TYR G 55 23.12 30.64 -25.87
C TYR G 55 24.04 31.54 -26.70
N LEU G 56 25.36 31.25 -26.70
CA LEU G 56 26.41 32.07 -27.36
C LEU G 56 26.43 31.78 -28.86
N VAL G 57 26.28 30.52 -29.27
CA VAL G 57 26.20 30.13 -30.71
C VAL G 57 24.87 30.60 -31.28
N TYR G 58 23.85 30.80 -30.43
CA TYR G 58 22.49 31.25 -30.85
C TYR G 58 22.52 32.76 -31.11
N THR G 59 22.89 33.57 -30.11
CA THR G 59 22.91 35.05 -30.22
C THR G 59 23.92 35.48 -31.29
N TRP G 60 25.10 34.84 -31.36
CA TRP G 60 26.13 35.10 -32.41
C TRP G 60 25.53 34.85 -33.80
N GLY G 61 24.88 33.71 -34.00
CA GLY G 61 24.31 33.31 -35.29
C GLY G 61 23.13 34.18 -35.71
N THR G 62 22.36 34.70 -34.75
CA THR G 62 21.12 35.47 -34.99
C THR G 62 21.49 36.86 -35.56
N GLN G 63 22.41 37.58 -34.90
CA GLN G 63 22.79 38.97 -35.28
C GLN G 63 24.02 38.95 -36.20
N GLU G 64 24.40 37.77 -36.71
CA GLU G 64 25.27 37.59 -37.91
C GLU G 64 24.37 37.58 -39.14
N PHE G 65 23.21 36.92 -39.04
CA PHE G 65 22.15 36.83 -40.09
C PHE G 65 21.64 38.24 -40.40
N GLU G 66 21.33 39.02 -39.36
CA GLU G 66 20.82 40.41 -39.50
C GLU G 66 21.87 41.23 -40.26
N LYS G 67 23.08 41.36 -39.71
CA LYS G 67 24.22 42.10 -40.32
C LYS G 67 24.39 41.69 -41.80
N SER G 68 24.40 40.40 -42.10
CA SER G 68 24.66 39.83 -43.44
C SER G 68 23.58 40.25 -44.44
N LYS G 69 22.36 40.58 -43.97
CA LYS G 69 21.24 41.02 -44.83
C LYS G 69 21.20 42.55 -44.94
N ARG G 70 22.08 43.28 -44.23
CA ARG G 70 22.32 44.74 -44.42
C ARG G 70 23.20 44.94 -45.67
N LYS G 71 23.35 46.19 -46.11
CA LYS G 71 24.10 46.54 -47.34
C LYS G 71 25.53 46.94 -46.96
N ASN G 72 26.49 46.53 -47.80
CA ASN G 72 27.96 46.66 -47.59
C ASN G 72 28.44 47.98 -48.19
N PRO G 73 29.20 48.84 -47.46
CA PRO G 73 29.64 50.14 -47.99
C PRO G 73 30.70 50.07 -49.10
N ALA G 74 30.30 49.63 -50.31
CA ALA G 74 31.13 49.54 -51.54
C ALA G 74 30.23 49.26 -52.75
N LEU H 1 -10.00 68.36 -36.88
CA LEU H 1 -9.74 67.01 -36.26
C LEU H 1 -8.29 66.58 -36.54
N VAL H 2 -7.40 66.80 -35.57
CA VAL H 2 -6.00 66.29 -35.58
C VAL H 2 -6.00 64.84 -35.07
N ASP H 3 -5.26 63.95 -35.76
CA ASP H 3 -5.11 62.51 -35.43
C ASP H 3 -4.07 62.36 -34.31
N PRO H 4 -4.45 61.90 -33.10
CA PRO H 4 -3.46 61.72 -32.03
C PRO H 4 -2.17 61.08 -32.57
N LEU H 5 -2.30 60.16 -33.55
CA LEU H 5 -1.17 59.42 -34.18
C LEU H 5 -0.11 60.39 -34.71
N THR H 6 -0.49 61.26 -35.66
CA THR H 6 0.44 62.17 -36.37
C THR H 6 0.96 63.27 -35.43
N THR H 7 0.35 63.44 -34.23
CA THR H 7 0.86 64.31 -33.15
C THR H 7 2.01 63.61 -32.42
N VAL H 8 1.83 62.34 -32.05
CA VAL H 8 2.80 61.55 -31.21
C VAL H 8 3.99 61.13 -32.09
N ARG H 9 3.76 60.84 -33.38
CA ARG H 9 4.85 60.53 -34.36
C ARG H 9 5.83 61.71 -34.44
N GLU H 10 5.37 62.93 -34.16
CA GLU H 10 6.21 64.16 -34.04
C GLU H 10 6.95 64.13 -32.69
N GLN H 11 6.22 64.00 -31.58
CA GLN H 11 6.77 64.04 -30.20
C GLN H 11 7.98 63.11 -30.11
N CYS H 12 7.81 61.85 -30.54
CA CYS H 12 8.80 60.74 -30.49
C CYS H 12 9.94 60.98 -31.48
N GLU H 13 9.66 61.70 -32.58
CA GLU H 13 10.64 62.00 -33.67
C GLU H 13 11.76 62.90 -33.12
N GLN H 14 11.49 63.70 -32.07
CA GLN H 14 12.48 64.60 -31.44
C GLN H 14 13.03 63.94 -30.18
N LEU H 15 13.51 62.70 -30.32
CA LEU H 15 14.35 61.97 -29.32
C LEU H 15 15.69 61.62 -29.97
N GLU H 16 16.71 61.32 -29.15
CA GLU H 16 18.15 61.28 -29.53
C GLU H 16 18.39 60.27 -30.66
N LYS H 17 17.95 59.02 -30.47
CA LYS H 17 18.22 57.91 -31.43
C LYS H 17 17.36 58.09 -32.68
N CYS H 18 16.21 58.79 -32.57
CA CYS H 18 15.32 59.13 -33.71
C CYS H 18 16.02 60.14 -34.63
N VAL H 19 16.44 61.28 -34.07
CA VAL H 19 17.06 62.43 -34.82
C VAL H 19 18.44 62.01 -35.35
N LYS H 20 19.12 61.10 -34.63
CA LYS H 20 20.42 60.47 -35.05
C LYS H 20 20.17 59.61 -36.30
N ALA H 21 19.06 58.87 -36.32
CA ALA H 21 18.65 57.97 -37.42
C ALA H 21 18.04 58.78 -38.58
N ARG H 22 17.44 59.94 -38.27
CA ARG H 22 16.87 60.88 -39.27
C ARG H 22 18.00 61.57 -40.04
N GLU H 23 19.20 61.64 -39.44
CA GLU H 23 20.42 62.21 -40.07
C GLU H 23 21.11 61.15 -40.94
N ARG H 24 21.19 59.91 -40.46
CA ARG H 24 21.72 58.74 -41.22
C ARG H 24 20.88 58.56 -42.51
N LEU H 25 19.58 58.82 -42.42
CA LEU H 25 18.62 58.72 -43.55
C LEU H 25 18.91 59.84 -44.57
N GLU H 26 19.23 61.04 -44.09
CA GLU H 26 19.42 62.23 -44.96
C GLU H 26 20.78 62.16 -45.66
N LEU H 27 21.76 61.47 -45.06
CA LEU H 27 23.12 61.27 -45.65
C LEU H 27 22.98 60.56 -47.00
N CYS H 28 22.30 59.39 -47.04
CA CYS H 28 22.15 58.56 -48.27
C CYS H 28 21.07 59.17 -49.19
N ASP H 29 20.15 59.98 -48.65
CA ASP H 29 19.18 60.78 -49.43
C ASP H 29 19.94 61.66 -50.43
N GLU H 30 20.87 62.50 -49.92
CA GLU H 30 21.76 63.36 -50.75
C GLU H 30 23.12 62.67 -50.91
N ARG H 31 23.12 61.37 -51.18
CA ARG H 31 24.25 60.57 -51.71
C ARG H 31 23.83 59.96 -53.05
N VAL H 32 22.68 59.26 -53.05
CA VAL H 32 22.09 58.60 -54.25
C VAL H 32 21.37 59.66 -55.12
N SER H 33 20.69 60.64 -54.49
CA SER H 33 19.91 61.69 -55.19
C SER H 33 20.83 62.83 -55.65
N SER H 34 22.13 62.71 -55.41
CA SER H 34 23.19 63.59 -55.96
C SER H 34 23.98 62.85 -57.05
N ARG H 35 24.30 61.57 -56.83
CA ARG H 35 25.10 60.73 -57.78
C ARG H 35 24.20 60.22 -58.91
N SER H 36 24.83 59.73 -59.98
CA SER H 36 24.18 59.23 -61.22
C SER H 36 24.65 57.80 -61.49
N GLN H 37 23.71 56.90 -61.78
CA GLN H 37 23.89 55.46 -62.15
C GLN H 37 24.76 54.69 -61.13
N THR H 38 24.20 54.36 -59.96
CA THR H 38 24.41 53.08 -59.21
C THR H 38 23.03 52.65 -58.71
N GLU H 39 22.73 51.35 -58.76
CA GLU H 39 21.36 50.81 -58.50
C GLU H 39 21.11 50.69 -56.99
N GLU H 40 21.94 51.33 -56.16
CA GLU H 40 21.83 51.30 -54.67
C GLU H 40 20.72 52.28 -54.23
N ASP H 41 19.85 51.86 -53.30
CA ASP H 41 18.68 52.64 -52.79
C ASP H 41 18.84 52.81 -51.27
N CYS H 42 17.79 53.27 -50.57
CA CYS H 42 17.86 53.74 -49.16
C CYS H 42 16.75 53.13 -48.28
N THR H 43 16.23 51.94 -48.60
CA THR H 43 15.16 51.28 -47.79
C THR H 43 15.66 51.04 -46.36
N GLU H 44 16.87 50.48 -46.22
CA GLU H 44 17.54 50.13 -44.95
C GLU H 44 17.43 51.31 -43.96
N GLU H 45 17.89 52.50 -44.36
CA GLU H 45 17.99 53.69 -43.48
C GLU H 45 16.61 54.09 -42.95
N LEU H 46 15.58 54.06 -43.81
CA LEU H 46 14.18 54.43 -43.45
C LEU H 46 13.66 53.47 -42.38
N LEU H 47 13.89 52.18 -42.57
CA LEU H 47 13.40 51.10 -41.68
C LEU H 47 14.05 51.23 -40.30
N ASP H 48 15.35 51.52 -40.24
CA ASP H 48 16.09 51.81 -38.98
C ASP H 48 15.34 52.89 -38.20
N PHE H 49 15.04 54.02 -38.87
CA PHE H 49 14.39 55.22 -38.31
C PHE H 49 12.99 54.87 -37.80
N LEU H 50 12.18 54.21 -38.65
CA LEU H 50 10.79 53.81 -38.32
C LEU H 50 10.80 52.89 -37.08
N HIS H 51 11.71 51.90 -37.03
CA HIS H 51 11.86 50.95 -35.89
C HIS H 51 11.95 51.75 -34.59
N ALA H 52 12.91 52.67 -34.51
CA ALA H 52 13.14 53.51 -33.33
C ALA H 52 11.89 54.35 -33.06
N ARG H 53 11.36 55.02 -34.09
CA ARG H 53 10.22 55.94 -33.97
C ARG H 53 8.99 55.17 -33.44
N ASP H 54 8.58 54.12 -34.15
CA ASP H 54 7.28 53.42 -33.97
C ASP H 54 7.28 52.61 -32.66
N HIS H 55 8.46 52.22 -32.16
CA HIS H 55 8.62 51.61 -30.81
C HIS H 55 8.04 52.56 -29.75
N CYS H 56 8.48 53.83 -29.78
CA CYS H 56 7.99 54.92 -28.89
C CYS H 56 6.48 55.11 -29.06
N VAL H 57 6.04 55.32 -30.30
CA VAL H 57 4.62 55.67 -30.66
C VAL H 57 3.70 54.63 -29.99
N ALA H 58 4.04 53.35 -30.11
CA ALA H 58 3.29 52.20 -29.53
C ALA H 58 3.12 52.38 -28.03
N HIS H 59 4.16 52.86 -27.33
CA HIS H 59 4.20 52.94 -25.84
C HIS H 59 3.05 53.83 -25.33
N LYS H 60 2.72 54.95 -26.00
CA LYS H 60 1.72 55.93 -25.45
C LYS H 60 0.65 56.35 -26.48
N LEU H 61 0.61 55.78 -27.69
CA LEU H 61 -0.44 56.12 -28.71
C LEU H 61 -1.83 55.73 -28.19
N PHE H 62 -1.94 54.66 -27.39
CA PHE H 62 -3.22 54.03 -26.99
C PHE H 62 -3.89 54.79 -25.84
N ASN H 63 -3.14 55.65 -25.15
CA ASN H 63 -3.70 56.57 -24.12
C ASN H 63 -4.93 57.27 -24.69
N SER H 64 -4.76 57.96 -25.83
CA SER H 64 -5.73 58.91 -26.44
C SER H 64 -6.85 58.20 -27.22
N LEU H 65 -7.04 56.88 -27.03
CA LEU H 65 -8.07 56.09 -27.75
C LEU H 65 -9.03 55.45 -26.75
N ALA I 1 -10.53 -24.49 26.41
CA ALA I 1 -10.68 -23.00 26.25
C ALA I 1 -9.30 -22.31 26.32
N VAL I 2 -8.60 -22.41 27.47
CA VAL I 2 -7.31 -21.72 27.77
C VAL I 2 -6.17 -22.32 26.95
N PRO I 3 -5.33 -21.50 26.25
CA PRO I 3 -4.24 -22.03 25.42
C PRO I 3 -3.14 -22.66 26.29
N ALA I 4 -2.24 -23.46 25.69
CA ALA I 4 -1.16 -24.16 26.42
C ALA I 4 0.01 -23.21 26.69
N THR I 5 0.87 -23.60 27.64
CA THR I 5 2.07 -22.87 28.13
C THR I 5 2.96 -22.52 26.93
N SER I 6 3.09 -23.42 25.95
CA SER I 6 3.95 -23.30 24.75
C SER I 6 3.12 -23.57 23.49
N GLU I 7 3.23 -22.69 22.47
CA GLU I 7 2.72 -22.91 21.10
C GLU I 7 3.75 -23.79 20.37
N SER I 8 3.31 -24.77 19.57
CA SER I 8 4.17 -25.81 18.94
C SER I 8 4.26 -25.58 17.42
N PRO I 9 5.48 -25.35 16.88
CA PRO I 9 5.70 -25.27 15.43
C PRO I 9 6.45 -26.48 14.86
N VAL I 10 6.50 -26.61 13.52
CA VAL I 10 7.26 -27.67 12.78
C VAL I 10 8.27 -26.97 11.87
N LEU I 11 9.55 -27.29 12.06
CA LEU I 11 10.72 -26.82 11.26
C LEU I 11 11.36 -25.57 11.90
N ASP I 12 10.98 -25.14 13.14
CA ASP I 12 11.48 -23.91 13.85
C ASP I 12 12.68 -24.27 14.77
N LEU I 13 13.78 -23.52 14.67
CA LEU I 13 15.04 -23.74 15.43
C LEU I 13 14.73 -23.67 16.93
N LYS I 14 15.19 -24.66 17.69
CA LYS I 14 14.87 -24.82 19.14
C LYS I 14 15.64 -23.76 19.95
N ARG I 15 15.24 -23.57 21.21
CA ARG I 15 15.84 -22.60 22.17
C ARG I 15 17.08 -23.25 22.83
N SER I 16 18.19 -22.49 22.97
CA SER I 16 19.52 -22.97 23.43
C SER I 16 19.66 -22.85 24.94
N VAL I 17 20.53 -23.69 25.52
CA VAL I 17 20.84 -23.77 26.98
C VAL I 17 22.35 -23.59 27.16
N LEU I 18 22.78 -22.59 27.94
CA LEU I 18 24.21 -22.17 28.10
C LEU I 18 24.65 -22.13 29.58
N CYS I 19 23.79 -22.48 30.55
CA CYS I 19 24.14 -22.45 31.99
C CYS I 19 23.41 -23.55 32.78
N ARG I 20 23.97 -23.93 33.94
CA ARG I 20 23.51 -25.07 34.80
C ARG I 20 22.24 -24.70 35.58
N GLU I 21 21.90 -23.41 35.65
CA GLU I 21 20.67 -22.87 36.32
C GLU I 21 19.43 -23.11 35.44
N SER I 22 19.59 -23.08 34.10
CA SER I 22 18.51 -23.23 33.09
C SER I 22 18.39 -24.68 32.61
N LEU I 23 19.43 -25.49 32.81
CA LEU I 23 19.51 -26.92 32.38
C LEU I 23 18.80 -27.80 33.41
N ARG I 24 18.88 -27.47 34.72
CA ARG I 24 18.29 -28.23 35.86
C ARG I 24 16.76 -28.25 35.71
N GLY I 25 16.13 -29.38 36.03
CA GLY I 25 14.68 -29.61 35.97
C GLY I 25 14.30 -30.55 34.84
N GLN I 26 15.13 -30.60 33.78
CA GLN I 26 14.86 -31.27 32.47
C GLN I 26 14.97 -32.80 32.58
N ALA I 27 15.90 -33.32 33.40
CA ALA I 27 16.14 -34.76 33.64
C ALA I 27 14.82 -35.44 34.01
N ALA I 28 14.41 -36.48 33.27
CA ALA I 28 13.11 -37.18 33.38
C ALA I 28 13.14 -38.12 34.59
N GLY I 29 12.03 -38.20 35.33
CA GLY I 29 11.97 -38.89 36.65
C GLY I 29 10.78 -39.84 36.79
N ARG I 30 9.84 -39.79 35.84
CA ARG I 30 8.59 -40.62 35.80
C ARG I 30 8.23 -40.85 34.34
N PRO I 31 7.48 -41.93 33.99
CA PRO I 31 7.32 -42.37 32.60
C PRO I 31 6.53 -41.39 31.72
N LEU I 32 6.79 -41.37 30.41
CA LEU I 32 6.22 -40.38 29.46
C LEU I 32 4.69 -40.51 29.44
N VAL I 33 4.01 -39.37 29.40
CA VAL I 33 2.57 -39.24 29.04
C VAL I 33 2.51 -38.51 27.70
N ALA I 34 1.47 -38.73 26.89
CA ALA I 34 1.24 -38.01 25.62
C ALA I 34 -0.22 -37.54 25.58
N SER I 35 -0.45 -36.24 25.31
CA SER I 35 -1.79 -35.61 25.21
C SER I 35 -1.94 -34.85 23.90
N VAL I 36 -3.11 -35.00 23.26
CA VAL I 36 -3.60 -34.24 22.08
C VAL I 36 -5.01 -33.74 22.45
N SER I 37 -5.54 -32.71 21.77
CA SER I 37 -6.83 -32.10 22.15
C SER I 37 -7.66 -31.62 20.95
N LEU I 38 -8.66 -30.81 21.26
CA LEU I 38 -9.40 -29.91 20.33
C LEU I 38 -8.89 -28.46 20.49
N ASN I 39 -8.79 -27.98 21.73
CA ASN I 39 -8.38 -26.59 22.07
C ASN I 39 -6.86 -26.54 22.28
N VAL I 40 -6.32 -27.29 23.26
CA VAL I 40 -4.96 -27.11 23.87
C VAL I 40 -3.89 -27.80 23.02
N PRO I 41 -2.76 -27.10 22.72
CA PRO I 41 -1.63 -27.68 21.99
C PRO I 41 -1.11 -29.03 22.51
N ALA I 42 -0.69 -29.92 21.61
CA ALA I 42 -0.18 -31.28 21.91
C ALA I 42 1.14 -31.16 22.69
N SER I 43 1.31 -31.98 23.74
CA SER I 43 2.44 -31.96 24.70
C SER I 43 2.86 -33.39 25.06
N VAL I 44 4.05 -33.54 25.64
CA VAL I 44 4.65 -34.83 26.14
C VAL I 44 5.35 -34.55 27.48
N ARG I 45 5.04 -35.30 28.56
CA ARG I 45 5.51 -35.01 29.94
C ARG I 45 6.55 -36.03 30.37
N TYR I 46 7.23 -35.76 31.49
CA TYR I 46 7.83 -36.82 32.34
C TYR I 46 6.69 -37.40 33.19
N ALA J 1 -13.85 21.15 25.68
CA ALA J 1 -14.37 20.79 24.33
C ALA J 1 -13.23 20.31 23.43
N PRO J 2 -13.34 19.12 22.77
CA PRO J 2 -12.31 18.67 21.83
C PRO J 2 -12.22 19.56 20.59
N THR J 3 -11.05 19.59 19.94
CA THR J 3 -10.69 20.53 18.85
C THR J 3 -11.67 20.40 17.69
N LEU J 4 -11.65 21.39 16.79
CA LEU J 4 -12.50 21.45 15.57
C LEU J 4 -12.26 20.21 14.70
N THR J 5 -11.00 19.94 14.33
CA THR J 5 -10.58 18.77 13.52
C THR J 5 -11.14 17.47 14.14
N ALA J 6 -11.19 17.41 15.48
CA ALA J 6 -11.66 16.23 16.25
C ALA J 6 -13.17 16.05 16.07
N ARG J 7 -13.95 17.12 16.24
CA ARG J 7 -15.43 17.12 16.04
C ARG J 7 -15.74 16.74 14.59
N LEU J 8 -14.95 17.23 13.64
CA LEU J 8 -15.05 16.93 12.18
C LEU J 8 -14.94 15.42 11.94
N TYR J 9 -13.99 14.76 12.60
CA TYR J 9 -13.68 13.31 12.45
C TYR J 9 -14.84 12.46 13.00
N SER J 10 -15.16 12.65 14.28
CA SER J 10 -16.21 11.91 15.03
C SER J 10 -17.57 11.99 14.31
N LEU J 11 -17.94 13.18 13.80
CA LEU J 11 -19.31 13.47 13.29
C LEU J 11 -19.42 13.09 11.81
N LEU J 12 -18.39 13.34 10.99
CA LEU J 12 -18.43 13.22 9.50
C LEU J 12 -17.53 12.09 8.97
N PHE J 13 -16.26 12.03 9.38
CA PHE J 13 -15.19 11.29 8.67
C PHE J 13 -14.97 9.86 9.18
N ARG J 14 -15.65 9.41 10.24
CA ARG J 14 -15.32 8.10 10.89
C ARG J 14 -15.90 6.94 10.07
N ARG J 15 -17.23 6.84 9.98
CA ARG J 15 -17.94 5.89 9.07
C ARG J 15 -17.65 6.32 7.63
N THR J 16 -17.15 5.41 6.78
CA THR J 16 -16.80 5.73 5.37
C THR J 16 -18.08 6.20 4.64
N SER J 17 -19.25 5.72 5.07
CA SER J 17 -20.57 6.21 4.59
C SER J 17 -20.66 7.73 4.78
N THR J 18 -20.72 8.23 6.03
CA THR J 18 -20.89 9.68 6.35
C THR J 18 -19.78 10.49 5.64
N PHE J 19 -18.59 9.91 5.48
CA PHE J 19 -17.42 10.51 4.79
C PHE J 19 -17.78 10.85 3.34
N ALA J 20 -18.45 9.93 2.64
CA ALA J 20 -18.84 10.05 1.22
C ALA J 20 -20.00 11.06 1.07
N LEU J 21 -21.05 10.92 1.88
CA LEU J 21 -22.22 11.82 1.85
C LEU J 21 -21.77 13.26 2.12
N THR J 22 -20.76 13.42 2.99
CA THR J 22 -20.11 14.73 3.28
C THR J 22 -19.57 15.28 1.97
N ILE J 23 -18.65 14.56 1.32
CA ILE J 23 -17.90 15.07 0.12
C ILE J 23 -18.88 15.51 -0.97
N VAL J 24 -19.97 14.76 -1.18
CA VAL J 24 -20.99 15.04 -2.23
C VAL J 24 -21.74 16.34 -1.87
N VAL J 25 -22.30 16.44 -0.66
CA VAL J 25 -23.01 17.67 -0.15
C VAL J 25 -22.04 18.87 -0.17
N GLY J 26 -20.80 18.67 0.28
CA GLY J 26 -19.74 19.69 0.24
C GLY J 26 -19.50 20.19 -1.17
N ALA J 27 -19.41 19.27 -2.14
CA ALA J 27 -19.15 19.58 -3.56
C ALA J 27 -20.25 20.48 -4.13
N LEU J 28 -21.53 20.25 -3.79
CA LEU J 28 -22.68 21.11 -4.21
C LEU J 28 -22.45 22.55 -3.78
N PHE J 29 -22.08 22.75 -2.51
CA PHE J 29 -21.87 24.08 -1.88
C PHE J 29 -20.60 24.72 -2.46
N PHE J 30 -19.56 23.93 -2.72
CA PHE J 30 -18.25 24.42 -3.24
C PHE J 30 -18.41 24.93 -4.68
N GLU J 31 -19.07 24.13 -5.53
CA GLU J 31 -19.38 24.48 -6.94
C GLU J 31 -20.00 25.89 -6.97
N ARG J 32 -21.18 26.05 -6.35
CA ARG J 32 -21.99 27.30 -6.35
C ARG J 32 -21.13 28.47 -5.85
N ALA J 33 -20.50 28.36 -4.67
CA ALA J 33 -19.66 29.41 -4.06
C ALA J 33 -18.48 29.76 -4.99
N PHE J 34 -17.69 28.75 -5.38
CA PHE J 34 -16.47 28.91 -6.22
C PHE J 34 -16.81 29.63 -7.53
N ASP J 35 -17.83 29.16 -8.26
CA ASP J 35 -18.31 29.72 -9.55
C ASP J 35 -18.69 31.19 -9.34
N GLN J 36 -19.67 31.46 -8.48
CA GLN J 36 -20.17 32.82 -8.17
C GLN J 36 -18.96 33.72 -7.87
N GLY J 37 -18.11 33.31 -6.94
CA GLY J 37 -16.91 34.05 -6.49
C GLY J 37 -15.97 34.38 -7.65
N ALA J 38 -15.58 33.36 -8.44
CA ALA J 38 -14.58 33.48 -9.51
C ALA J 38 -15.14 34.33 -10.66
N ASP J 39 -16.46 34.26 -10.88
CA ASP J 39 -17.15 35.02 -11.95
C ASP J 39 -17.15 36.51 -11.60
N ALA J 40 -17.36 36.85 -10.32
CA ALA J 40 -17.23 38.22 -9.79
C ALA J 40 -15.83 38.74 -10.11
N ILE J 41 -14.79 37.96 -9.76
CA ILE J 41 -13.35 38.34 -9.87
C ILE J 41 -13.00 38.60 -11.34
N TYR J 42 -13.52 37.81 -12.27
CA TYR J 42 -13.30 37.97 -13.73
C TYR J 42 -13.98 39.26 -14.23
N GLU J 43 -15.24 39.48 -13.84
CA GLU J 43 -16.11 40.57 -14.37
C GLU J 43 -15.70 41.92 -13.76
N HIS J 44 -15.01 41.93 -12.63
CA HIS J 44 -14.41 43.15 -11.99
C HIS J 44 -13.12 43.52 -12.73
N ILE J 45 -12.25 42.54 -12.98
CA ILE J 45 -10.99 42.69 -13.76
C ILE J 45 -11.31 43.26 -15.14
N ASN J 46 -12.48 42.91 -15.70
CA ASN J 46 -12.94 43.30 -17.06
C ASN J 46 -14.22 44.15 -16.94
N GLU J 47 -14.23 45.10 -15.99
CA GLU J 47 -15.35 46.05 -15.78
C GLU J 47 -15.61 46.79 -17.09
N GLY J 48 -16.88 46.92 -17.47
CA GLY J 48 -17.34 47.74 -18.60
C GLY J 48 -16.87 47.25 -19.97
N LYS J 49 -16.12 46.14 -20.04
CA LYS J 49 -15.53 45.63 -21.31
C LYS J 49 -16.44 44.57 -21.93
N LEU J 50 -17.35 43.98 -21.13
CA LEU J 50 -18.14 42.77 -21.53
C LEU J 50 -19.55 43.20 -21.94
N TRP J 51 -20.16 42.45 -22.85
CA TRP J 51 -21.57 42.55 -23.30
C TRP J 51 -22.51 42.60 -22.09
N LYS J 52 -22.20 41.85 -21.03
CA LYS J 52 -22.98 41.79 -19.76
C LYS J 52 -23.08 43.19 -19.15
N HIS J 53 -22.05 44.02 -19.33
CA HIS J 53 -21.91 45.39 -18.74
C HIS J 53 -22.52 46.47 -19.64
N ILE J 54 -22.48 46.29 -20.97
CA ILE J 54 -22.94 47.30 -21.98
C ILE J 54 -24.28 46.85 -22.61
N LYS J 55 -24.95 45.85 -22.03
CA LYS J 55 -26.24 45.29 -22.51
C LYS J 55 -27.30 46.39 -22.44
N HIS J 56 -27.37 47.07 -21.28
CA HIS J 56 -28.42 48.07 -20.92
C HIS J 56 -28.55 49.17 -21.98
N LYS J 57 -27.49 49.43 -22.75
CA LYS J 57 -27.40 50.58 -23.70
C LYS J 57 -28.25 50.35 -24.95
N TYR J 58 -28.74 49.13 -25.21
CA TYR J 58 -29.51 48.80 -26.44
C TYR J 58 -30.81 48.05 -26.09
N GLU J 59 -31.35 48.27 -24.89
CA GLU J 59 -32.58 47.60 -24.38
C GLU J 59 -33.52 48.65 -23.76
O1 PG4 K . -11.74 -2.46 39.32
C1 PG4 K . -12.03 -1.11 39.65
C2 PG4 K . -11.75 -0.79 41.08
O2 PG4 K . -12.84 -0.04 41.63
C3 PG4 K . -13.52 -0.68 42.69
C4 PG4 K . -14.11 0.35 43.62
O3 PG4 K . -15.39 -0.08 44.09
C5 PG4 K . -15.45 -0.29 45.49
C6 PG4 K . -16.79 -0.86 45.85
O4 PG4 K . -16.93 -2.15 45.26
C7 PG4 K . -18.12 -2.30 44.48
C8 PG4 K . -17.77 -2.75 43.09
O5 PG4 K . -18.88 -2.69 42.20
O1 6PE L . -5.64 1.52 -0.20
O2 6PE L . -6.13 3.60 1.28
P1 6PE L . -6.61 2.34 0.60
O3 6PE L . -7.83 2.64 -0.39
C1 6PE L . -8.00 3.97 -0.97
C2 6PE L . -7.08 4.13 -2.17
C3 6PE L . -7.53 3.34 -3.38
O4 6PE L . -8.95 3.20 -3.38
C4 6PE L . -9.64 4.11 -4.06
O5 6PE L . -9.22 5.22 -4.32
C5 6PE L . -11.00 3.60 -4.49
C6 6PE L . -12.14 4.25 -3.77
C7 6PE L . -13.46 3.53 -4.01
O6 6PE L . -6.99 5.56 -2.49
C10 6PE L . -5.78 6.16 -2.38
O7 6PE L . -4.97 6.05 -3.28
C11 6PE L . -5.56 6.96 -1.12
C12 6PE L . -4.11 7.15 -0.75
C13 6PE L . -3.77 8.59 -0.40
O8 6PE L . -7.28 1.42 1.74
C16 6PE L . -8.10 0.27 1.35
C17 6PE L . -8.01 -0.81 2.41
N1 6PE L . -9.16 -0.83 3.34
O1 PG4 M . 5.15 -5.36 1.32
C1 PG4 M . 3.83 -5.91 1.33
C2 PG4 M . 3.47 -6.65 0.05
O2 PG4 M . 2.21 -7.32 0.13
C3 PG4 M . 1.08 -6.48 0.42
C4 PG4 M . 0.79 -6.48 1.92
O3 PG4 M . -0.61 -6.42 2.20
C5 PG4 M . -0.93 -6.92 3.50
C6 PG4 M . -2.04 -6.15 4.15
O4 PG4 M . -3.27 -6.84 3.95
C7 PG4 M . -4.42 -6.02 4.18
C8 PG4 M . -5.36 -6.75 5.14
O5 PG4 M . -6.01 -5.88 6.06
C1 CDL N . -11.32 -5.87 -0.23
O1 CDL N . -11.13 -7.21 0.22
CA2 CDL N . -12.42 -5.09 0.46
OA2 CDL N . -11.97 -4.05 1.40
PA1 CDL N . -12.72 -2.63 1.49
OA3 CDL N . -11.80 -1.67 2.21
OA4 CDL N . -14.11 -2.81 2.00
OA5 CDL N . -12.76 -2.15 -0.06
CA3 CDL N . -13.90 -1.39 -0.57
CA4 CDL N . -14.64 -2.17 -1.64
OA6 CDL N . -14.67 -1.39 -2.87
CA6 CDL N . -16.07 -2.50 -1.26
OA8 CDL N . -16.73 -3.06 -2.41
CB2 CDL N . -10.07 -5.15 -0.66
OB2 CDL N . -8.97 -5.22 0.31
PB2 CDL N . -7.47 -4.82 -0.14
OB3 CDL N . -6.90 -6.08 -0.74
OB4 CDL N . -6.77 -4.19 1.04
OB5 CDL N . -7.66 -3.80 -1.38
CB3 CDL N . -7.46 -2.35 -1.25
CB4 CDL N . -7.94 -1.64 -2.51
OB6 CDL N . -6.89 -0.77 -3.01
CB5 CDL N . -6.49 -0.87 -4.29
OB7 CDL N . -5.98 -1.87 -4.72
C51 CDL N . -6.73 0.38 -5.15
C52 CDL N . -5.98 0.37 -6.44
C53 CDL N . -5.46 1.75 -6.82
C54 CDL N . -4.85 1.81 -8.19
CB6 CDL N . -9.20 -0.83 -2.30
OB8 CDL N . -9.76 -0.45 -3.59
CB7 CDL N . -10.98 -0.91 -3.92
OB9 CDL N . -11.37 -2.02 -3.63
C71 CDL N . -11.76 0.09 -4.71
C72 CDL N . -12.81 -0.51 -5.60
CHA HEM O . -5.69 16.00 -35.51
CHB HEM O . -1.98 13.86 -33.32
CHC HEM O . -4.97 10.31 -31.88
CHD HEM O . -8.46 12.17 -34.64
C1A HEM O . -4.43 15.72 -34.98
C2A HEM O . -3.32 16.60 -35.07
C3A HEM O . -2.28 15.99 -34.46
C4A HEM O . -2.73 14.73 -34.02
CMA HEM O . -0.87 16.52 -34.28
CAA HEM O . -3.31 17.98 -35.71
CBA HEM O . -3.67 19.06 -34.67
CGA HEM O . -4.34 20.28 -35.26
O1A HEM O . -3.75 20.97 -36.14
O2A HEM O . -5.48 20.61 -34.88
C1B HEM O . -2.50 12.73 -32.71
C2B HEM O . -1.71 11.89 -31.89
C3B HEM O . -2.53 10.87 -31.47
C4B HEM O . -3.86 11.15 -32.08
CMB HEM O . -0.25 12.10 -31.56
CAB HEM O . -2.25 9.69 -30.62
CBB HEM O . -1.05 9.36 -30.11
C1C HEM O . -6.20 10.47 -32.54
C2C HEM O . -7.28 9.57 -32.53
C3C HEM O . -8.28 10.11 -33.35
C4C HEM O . -7.75 11.34 -33.82
CMC HEM O . -7.32 8.25 -31.77
CAC HEM O . -9.65 9.62 -33.71
CBC HEM O . -10.17 8.47 -33.31
C1D HEM O . -7.96 13.38 -35.08
C2D HEM O . -8.80 14.28 -35.88
C3D HEM O . -8.06 15.37 -36.13
C4D HEM O . -6.76 15.09 -35.46
CMD HEM O . -10.22 14.07 -36.36
CAD HEM O . -8.52 16.57 -36.95
CBD HEM O . -9.08 17.71 -36.09
CGD HEM O . -7.98 18.65 -35.60
O1D HEM O . -7.19 19.16 -36.43
O2D HEM O . -7.84 18.93 -34.38
NA HEM O . -4.04 14.57 -34.34
NB HEM O . -3.75 12.26 -32.79
NC HEM O . -6.51 11.54 -33.32
ND HEM O . -6.74 13.90 -34.85
FE HEM O . -5.31 13.14 -33.87
CHA HEM P . 9.38 2.15 -18.83
CHB HEM P . 5.34 3.42 -21.11
CHC HEM P . 7.98 4.72 -24.97
CHD HEM P . 11.89 2.80 -22.91
C1A HEM P . 8.08 2.46 -19.12
C2A HEM P . 7.07 2.49 -18.15
C3A HEM P . 5.92 2.84 -18.79
C4A HEM P . 6.24 3.02 -20.14
CMA HEM P . 4.57 2.98 -18.15
CAA HEM P . 7.25 2.19 -16.67
CBA HEM P . 7.42 3.47 -15.79
CGA HEM P . 8.61 4.38 -16.11
O1A HEM P . 8.45 5.52 -16.62
O2A HEM P . 9.78 4.07 -15.84
C1B HEM P . 5.75 3.90 -22.37
C2B HEM P . 4.80 4.44 -23.28
C3B HEM P . 5.53 4.83 -24.36
C4B HEM P . 6.94 4.49 -24.07
CMB HEM P . 3.31 4.56 -23.07
CAB HEM P . 5.09 5.40 -25.63
CBB HEM P . 3.81 5.45 -26.00
C1C HEM P . 9.30 4.33 -24.76
C2C HEM P . 10.38 4.58 -25.61
C3C HEM P . 11.50 4.04 -25.03
C4C HEM P . 11.07 3.43 -23.81
CMC HEM P . 10.32 5.34 -26.91
CAC HEM P . 12.89 4.00 -25.53
CBC HEM P . 13.31 4.51 -26.68
C1D HEM P . 11.48 2.48 -21.62
C2D HEM P . 12.42 1.93 -20.61
C3D HEM P . 11.73 1.76 -19.47
C4D HEM P . 10.37 2.21 -19.79
CMD HEM P . 13.88 1.62 -20.78
CAD HEM P . 12.26 1.23 -18.17
CBD HEM P . 12.73 2.41 -17.31
CGD HEM P . 13.49 2.00 -16.08
O1D HEM P . 14.59 2.54 -15.82
O2D HEM P . 13.02 1.14 -15.30
NA HEM P . 7.57 2.81 -20.35
NB HEM P . 6.98 3.95 -22.86
NC HEM P . 9.73 3.64 -23.69
ND HEM P . 10.27 2.63 -21.08
FE HEM P . 8.72 3.29 -21.92
C4 JHB Q . 5.09 1.37 -13.09
C5 JHB Q . 5.03 -0.12 -13.40
C6 JHB Q . 3.83 -0.62 -14.12
C2 JHB Q . 7.24 0.91 -12.02
F2 JHB Q . -2.81 0.72 -21.60
C23 JHB Q . -2.45 1.06 -20.38
F JHB Q . -2.60 0.01 -19.55
F1 JHB Q . -1.17 1.38 -20.41
O1 JHB Q . -3.22 2.23 -19.93
C22 JHB Q . -2.75 3.06 -18.92
C18 JHB Q . -2.60 2.52 -17.63
C19 JHB Q . -2.13 3.32 -16.60
C21 JHB Q . -2.40 4.39 -19.17
C20 JHB Q . -1.92 5.19 -18.14
C17 JHB Q . -1.81 4.67 -16.85
C16 JHB Q . -1.25 5.48 -15.70
C13 JHB Q . -0.14 4.55 -15.21
C12 JHB Q . 0.09 4.30 -13.84
C11 JHB Q . 1.13 3.41 -13.48
C14 JHB Q . 0.65 3.89 -16.18
C15 JHB Q . 1.66 3.01 -15.80
C10 JHB Q . 1.92 2.78 -14.46
C7 JHB Q . 2.99 1.81 -14.10
C8 JHB Q . 2.79 0.37 -14.49
C9 JHB Q . 1.56 -0.15 -15.20
O JHB Q . 3.73 -1.82 -14.41
C JHB Q . 6.08 -0.98 -13.00
N JHB Q . 4.10 2.23 -13.45
C3 JHB Q . 6.23 1.83 -12.40
CL JHB Q . 8.69 1.52 -11.14
C1 JHB Q . 7.18 -0.46 -12.31
C1B LMT R . 28.26 26.54 -48.89
C2B LMT R . 27.27 25.88 -49.87
C3B LMT R . 26.69 24.57 -49.33
C4B LMT R . 27.85 23.61 -49.07
C5B LMT R . 28.79 24.21 -48.03
C6B LMT R . 30.08 23.41 -47.90
O1B LMT R . 27.67 27.36 -47.84
O2B LMT R . 26.19 26.75 -50.27
O3B LMT R . 25.76 24.01 -50.27
O4' LMT R . 27.37 22.34 -48.65
O5B LMT R . 29.17 25.58 -48.31
O6B LMT R . 30.00 22.53 -46.80
C1' LMT R . 29.83 30.15 -45.33
C2' LMT R . 29.46 30.50 -46.78
C3' LMT R . 28.28 29.69 -47.29
C4' LMT R . 28.61 28.21 -47.14
C5' LMT R . 28.67 27.95 -45.64
C6' LMT R . 28.91 26.46 -45.32
O1' LMT R . 31.22 30.52 -45.13
O2' LMT R . 29.15 31.89 -46.87
O3' LMT R . 28.03 30.03 -48.65
O5' LMT R . 29.69 28.75 -45.02
O6' LMT R . 30.08 25.91 -45.93
C1 LMT R . 31.59 31.33 -44.00
C2 LMT R . 32.24 32.61 -44.54
C3 LMT R . 32.96 33.43 -43.48
C4 LMT R . 32.11 34.62 -43.03
C5 LMT R . 32.55 35.14 -41.68
C6 LMT R . 32.18 34.22 -40.52
C7 LMT R . 33.37 33.81 -39.63
C8 LMT R . 33.37 34.46 -38.23
C9 LMT R . 34.74 35.03 -37.80
C10 LMT R . 34.68 36.50 -37.36
C11 LMT R . 35.98 37.25 -37.69
C12 LMT R . 36.01 38.63 -37.07
O1 PG4 S . 7.13 2.52 -38.30
C1 PG4 S . 7.90 3.02 -39.38
C2 PG4 S . 7.33 4.30 -39.94
O2 PG4 S . 8.27 5.35 -39.74
C3 PG4 S . 7.83 6.63 -40.19
C4 PG4 S . 8.09 7.66 -39.12
O3 PG4 S . 9.02 8.64 -39.58
C5 PG4 S . 8.45 9.92 -39.83
C6 PG4 S . 9.46 11.00 -39.51
O4 PG4 S . 9.26 12.17 -40.29
C7 PG4 S . 10.42 12.98 -40.33
C8 PG4 S . 10.07 14.42 -40.48
O5 PG4 S . 11.20 15.22 -40.74
O1 PG4 T . 4.02 2.23 -46.02
C1 PG4 T . 3.78 3.61 -46.16
C2 PG4 T . 2.31 3.95 -46.18
O2 PG4 T . 1.95 4.60 -44.96
C3 PG4 T . 2.00 6.03 -45.01
C4 PG4 T . 2.57 6.58 -43.73
O3 PG4 T . 3.68 7.42 -44.02
C5 PG4 T . 3.86 8.49 -43.07
C6 PG4 T . 5.33 8.63 -42.72
O4 PG4 T . 6.04 9.32 -43.75
C7 PG4 T . 7.45 9.19 -43.63
C8 PG4 T . 8.16 9.87 -44.76
O5 PG4 T . 9.58 9.79 -44.64
C1 CDL U . 17.18 14.49 -9.97
O1 CDL U . 17.22 15.18 -11.20
CA2 CDL U . 18.05 15.06 -8.88
OA2 CDL U . 19.36 15.53 -9.28
PA1 CDL U . 20.02 16.69 -8.38
OA3 CDL U . 21.50 16.75 -8.68
OA4 CDL U . 19.54 16.50 -6.98
OA5 CDL U . 19.18 17.95 -8.91
CA3 CDL U . 19.72 19.30 -8.95
CA4 CDL U . 18.56 20.25 -8.72
OA6 CDL U . 19.05 21.63 -8.86
CA5 CDL U . 18.69 22.38 -9.92
OA7 CDL U . 18.80 22.00 -11.07
C11 CDL U . 18.19 23.76 -9.54
CA6 CDL U . 17.93 20.05 -7.35
OA8 CDL U . 17.01 21.13 -7.07
CA7 CDL U . 15.73 20.82 -6.94
OA9 CDL U . 15.29 20.14 -6.04
C31 CDL U . 14.89 21.45 -8.04
CB2 CDL U . 15.87 13.97 -9.50
OB2 CDL U . 14.91 15.05 -9.29
PB2 CDL U . 13.86 14.96 -8.07
OB3 CDL U . 14.74 14.92 -6.85
OB4 CDL U . 12.93 13.81 -8.24
OB5 CDL U . 13.08 16.38 -8.16
CB3 CDL U . 12.30 16.81 -9.35
CB4 CDL U . 13.13 17.56 -10.39
OB6 CDL U . 12.77 18.99 -10.47
CB5 CDL U . 13.61 19.89 -11.07
OB7 CDL U . 14.79 19.94 -10.87
C51 CDL U . 12.99 20.92 -12.00
C52 CDL U . 13.98 21.67 -12.84
CB6 CDL U . 12.98 16.96 -11.77
OB8 CDL U . 11.73 17.41 -12.38
CB7 CDL U . 11.53 17.09 -13.66
OB9 CDL U . 11.68 15.97 -14.10
C71 CDL U . 11.04 18.27 -14.49
C72 CDL U . 12.04 18.78 -15.52
C73 CDL U . 11.42 18.97 -16.90
C74 CDL U . 11.91 20.19 -17.70
C75 CDL U . 10.88 20.75 -18.71
C76 CDL U . 11.45 21.64 -19.81
C77 CDL U . 10.51 21.89 -21.00
C78 CDL U . 11.12 21.59 -22.34
C25 PEE V . 18.20 11.17 -28.67
C24 PEE V . 17.15 11.61 -27.67
C23 PEE V . 17.70 12.31 -26.42
C22 PEE V . 16.68 13.20 -25.73
C21 PEE V . 17.13 13.87 -24.45
C20 PEE V . 16.09 14.84 -23.89
C19 PEE V . 16.61 15.85 -22.89
C18 PEE V . 15.70 16.11 -21.70
C17 PEE V . 15.71 15.00 -20.67
C16 PEE V . 16.84 15.07 -19.66
C15 PEE V . 17.31 13.72 -19.14
C14 PEE V . 17.21 13.54 -17.66
C13 PEE V . 18.52 13.28 -16.97
C12 PEE V . 18.39 12.94 -15.49
C11 PEE V . 18.61 14.11 -14.60
C10 PEE V . 20.03 14.28 -14.13
O4 PEE V . 21.02 13.81 -14.62
O2 PEE V . 20.13 15.06 -13.05
C2 PEE V . 21.44 15.56 -12.72
C1 PEE V . 21.99 14.66 -11.64
O3P PEE V . 21.49 13.29 -11.75
P PEE V . 22.05 12.15 -10.76
O2P PEE V . 23.54 12.03 -10.93
O1P PEE V . 21.17 10.94 -10.86
O4P PEE V . 21.72 12.74 -9.30
C4 PEE V . 22.72 12.66 -8.25
C5 PEE V . 22.08 12.58 -6.88
N PEE V . 21.00 13.59 -6.72
C3 PEE V . 21.27 16.99 -12.30
O3 PEE V . 21.01 17.79 -13.48
C30 PEE V . 19.73 17.96 -13.86
O5 PEE V . 19.15 17.19 -14.54
C31 PEE V . 19.12 19.27 -13.38
C32 PEE V . 18.62 20.15 -14.50
C33 PEE V . 17.18 19.87 -14.94
C34 PEE V . 17.04 19.34 -16.37
C35 PEE V . 16.23 20.22 -17.32
C36 PEE V . 16.57 20.01 -18.79
C37 PEE V . 15.70 20.75 -19.79
C38 PEE V . 16.00 20.43 -21.26
P PO4 W . -5.99 21.48 -52.62
O1 PO4 W . -6.91 20.26 -52.52
O2 PO4 W . -6.38 22.51 -51.59
O3 PO4 W . -6.10 22.07 -54.01
O4 PO4 W . -4.54 21.04 -52.38
FE HEC X . -7.16 44.73 -47.93
CHA HEC X . -4.50 42.55 -48.52
CHB HEC X . -6.88 44.22 -44.55
CHC HEC X . -9.56 47.17 -47.37
CHD HEC X . -7.54 45.10 -51.38
NA HEC X . -5.91 43.58 -46.74
C1A HEC X . -4.90 42.76 -47.12
C2A HEC X . -4.17 42.06 -46.01
C3A HEC X . -4.89 42.55 -44.84
C4A HEC X . -5.93 43.47 -45.40
CMA HEC X . -4.62 42.20 -43.40
CAA HEC X . -3.03 41.05 -46.08
CBA HEC X . -1.64 41.59 -45.76
CGA HEC X . -0.64 40.43 -45.86
O1A HEC X . -0.56 39.78 -46.92
O2A HEC X . 0.05 40.13 -44.87
NB HEC X . -8.08 45.56 -46.24
C1B HEC X . -7.85 45.23 -44.96
C2B HEC X . -8.62 45.97 -43.94
C3B HEC X . -9.41 46.86 -44.79
C4B HEC X . -9.01 46.51 -46.17
CMB HEC X . -8.56 45.80 -42.45
CAB HEC X . -10.41 47.87 -44.36
CBB HEC X . -10.77 48.17 -42.92
NC HEC X . -8.35 45.92 -49.16
C1C HEC X . -9.25 46.85 -48.78
C2C HEC X . -9.93 47.55 -49.90
C3C HEC X . -9.32 46.92 -51.09
C4C HEC X . -8.38 45.94 -50.51
CMC HEC X . -10.97 48.63 -49.78
CAC HEC X . -9.52 47.12 -52.54
CBC HEC X . -10.48 48.12 -53.10
ND HEC X . -6.19 43.97 -49.63
C1D HEC X . -6.47 44.21 -50.93
C2D HEC X . -5.60 43.52 -51.92
C3D HEC X . -4.70 42.74 -51.08
C4D HEC X . -5.16 43.12 -49.71
CMD HEC X . -5.66 43.58 -53.42
CAD HEC X . -3.57 41.83 -51.50
CBD HEC X . -2.30 42.68 -51.39
CGD HEC X . -1.05 41.87 -51.68
O1D HEC X . -0.09 42.49 -52.20
O2D HEC X . -1.02 40.65 -51.40
C1 CDL Y . 13.12 15.08 -1.78
O1 CDL Y . 12.72 13.89 -1.16
CA2 CDL Y . 12.00 15.99 -2.20
OA2 CDL Y . 10.84 15.19 -2.57
PA1 CDL Y . 9.39 15.87 -2.69
OA3 CDL Y . 8.38 14.80 -2.40
OA4 CDL Y . 9.41 17.12 -1.86
OA5 CDL Y . 9.25 16.29 -4.24
CA3 CDL Y . 9.38 15.28 -5.29
CA4 CDL Y . 8.62 15.68 -6.53
OA6 CDL Y . 8.22 17.08 -6.33
CA5 CDL Y . 8.45 17.95 -7.33
OA7 CDL Y . 9.14 17.69 -8.27
C11 CDL Y . 7.75 19.28 -7.10
C12 CDL Y . 6.24 19.22 -7.04
C13 CDL Y . 5.64 20.02 -5.88
C14 CDL Y . 4.43 20.88 -6.24
C15 CDL Y . 4.02 21.84 -5.13
C16 CDL Y . 3.00 22.89 -5.53
C17 CDL Y . 2.71 23.94 -4.47
CA6 CDL Y . 7.40 14.84 -6.83
OA8 CDL Y . 7.59 14.13 -8.08
CA7 CDL Y . 6.63 14.22 -9.00
OA9 CDL Y . 5.56 13.68 -8.88
C31 CDL Y . 7.06 15.04 -10.22
C32 CDL Y . 6.39 14.66 -11.55
C33 CDL Y . 6.72 15.59 -12.72
C34 CDL Y . 5.57 15.86 -13.71
C35 CDL Y . 5.90 16.71 -14.95
C36 CDL Y . 4.69 17.20 -15.77
C37 CDL Y . 5.01 17.95 -17.06
CB2 CDL Y . 14.33 15.73 -1.15
OB2 CDL Y . 13.95 16.85 -0.32
PB2 CDL Y . 14.99 18.06 -0.06
OB3 CDL Y . 15.98 18.13 -1.19
OB4 CDL Y . 15.49 17.90 1.35
OB5 CDL Y . 14.05 19.36 -0.21
CB3 CDL Y . 13.48 19.68 -1.51
CB4 CDL Y . 12.24 20.54 -1.38
OB6 CDL Y . 11.15 19.89 -2.11
CB5 CDL Y . 11.00 20.10 -3.43
OB7 CDL Y . 11.84 19.81 -4.25
C51 CDL Y . 9.68 20.72 -3.83
C52 CDL Y . 9.80 21.85 -4.81
C53 CDL Y . 8.52 22.66 -4.93
C54 CDL Y . 8.56 24.02 -4.24
C55 CDL Y . 7.21 24.71 -4.13
C56 CDL Y . 6.83 25.12 -2.73
C57 CDL Y . 5.68 24.31 -2.14
CB6 CDL Y . 12.44 21.95 -1.89
OB8 CDL Y . 13.11 22.75 -0.89
CB7 CDL Y . 12.72 24.02 -0.80
OB9 CDL Y . 12.03 24.42 0.09
C71 CDL Y . 13.23 24.87 -1.95
C23 PEE Z . -11.61 13.05 -16.62
C22 PEE Z . -11.59 14.03 -15.44
C21 PEE Z . -10.20 14.29 -14.81
C20 PEE Z . -10.15 15.32 -13.65
C19 PEE Z . -8.89 16.19 -13.58
C18 PEE Z . -8.69 16.99 -12.29
C17 PEE Z . -7.78 18.23 -12.39
C16 PEE Z . -8.43 19.44 -13.08
C15 PEE Z . -8.19 20.81 -12.41
C14 PEE Z . -9.37 21.76 -12.44
C13 PEE Z . -9.41 22.76 -13.57
C12 PEE Z . -10.52 23.82 -13.47
C11 PEE Z . -11.89 23.28 -13.75
C10 PEE Z . -12.90 24.32 -14.19
O4 PEE Z . -13.96 24.44 -13.64
O2 PEE Z . -12.54 25.10 -15.22
C2 PEE Z . -13.47 25.43 -16.32
C1 PEE Z . -14.59 26.34 -15.84
O3P PEE Z . -15.84 26.20 -16.61
P PEE Z . -16.79 27.48 -16.84
O2P PEE Z . -16.49 28.01 -18.21
O1P PEE Z . -16.74 28.39 -15.65
O4P PEE Z . -18.30 26.96 -16.97
C4 PEE Z . -18.83 25.99 -16.02
C5 PEE Z . -19.48 26.69 -14.85
N PEE Z . -19.52 25.81 -13.66
C3 PEE Z . -13.97 24.17 -16.97
O3 PEE Z . -12.93 23.17 -16.98
C30 PEE Z . -11.94 23.28 -17.87
O5 PEE Z . -12.12 23.57 -19.03
C31 PEE Z . -10.62 22.98 -17.26
C32 PEE Z . -9.85 21.87 -17.94
C33 PEE Z . -9.85 20.57 -17.15
C34 PEE Z . -9.57 19.36 -18.02
C35 PEE Z . -8.90 18.18 -17.34
C36 PEE Z . -8.36 17.12 -18.31
C37 PEE Z . -9.07 15.78 -18.27
FE1 FES AA . -49.44 9.76 -51.62
FE2 FES AA . -49.41 6.83 -50.76
S1 FES AA . -50.84 8.50 -50.41
S2 FES AA . -47.81 8.39 -50.92
O1 PX4 BA . -7.31 6.96 2.48
O2 PX4 BA . -8.21 9.16 3.56
P1 PX4 BA . -8.46 7.88 2.81
O3 PX4 BA . -9.58 6.99 3.55
C1 PX4 BA . -10.49 7.58 4.51
C2 PX4 BA . -10.87 6.51 5.50
N1 PX4 BA . -11.92 6.85 6.56
C3 PX4 BA . -12.34 5.60 7.27
C4 PX4 BA . -11.35 7.79 7.56
C5 PX4 BA . -13.12 7.46 5.93
O4 PX4 BA . -9.17 8.21 1.40
C6 PX4 BA . -9.14 7.24 0.31
C7 PX4 BA . -9.72 7.86 -0.96
C8 PX4 BA . -11.17 8.28 -0.81
O5 PX4 BA . -12.02 7.11 -0.71
C9 PX4 BA . -13.27 7.33 -0.31
O6 PX4 BA . -13.60 7.30 0.86
C10 PX4 BA . -14.22 7.55 -1.50
C11 PX4 BA . -14.80 8.93 -1.61
C12 PX4 BA . -15.32 9.23 -3.03
C13 PX4 BA . -16.53 10.15 -3.10
C14 PX4 BA . -16.68 10.93 -4.40
C15 PX4 BA . -18.02 10.78 -5.11
C16 PX4 BA . -17.95 10.27 -6.56
C17 PX4 BA . -18.63 8.90 -6.81
C18 PX4 BA . -18.86 8.54 -8.29
C19 PX4 BA . -20.31 8.29 -8.69
C20 PX4 BA . -20.80 9.07 -9.92
C21 PX4 BA . -22.08 9.87 -9.72
C22 PX4 BA . -22.70 10.36 -11.00
O7 PX4 BA . -8.99 9.07 -1.35
C23 PX4 BA . -8.72 9.27 -2.66
O8 PX4 BA . -7.97 8.53 -3.23
C24 PX4 BA . -9.44 10.43 -3.36
C25 PX4 BA . -8.60 11.68 -3.57
C26 PX4 BA . -7.70 11.65 -4.80
C27 PX4 BA . -8.21 12.48 -5.97
C1 CDL CA . -23.97 22.26 -19.82
O1 CDL CA . -24.93 23.27 -19.55
CA2 CDL CA . -23.06 21.92 -18.67
OA2 CDL CA . -23.80 21.25 -17.60
PA1 CDL CA . -24.49 22.10 -16.43
OA3 CDL CA . -23.45 22.55 -15.46
OA4 CDL CA . -25.39 23.12 -17.08
OA5 CDL CA . -25.41 20.99 -15.70
CA3 CDL CA . -24.79 19.88 -14.99
CA4 CDL CA . -25.64 19.41 -13.84
OA6 CDL CA . -26.52 18.36 -14.37
CA5 CDL CA . -26.74 17.24 -13.65
OA7 CDL CA . -25.85 16.53 -13.23
C11 CDL CA . -28.21 16.95 -13.47
C12 CDL CA . -28.93 17.96 -12.58
C13 CDL CA . -29.95 18.82 -13.33
C14 CDL CA . -30.53 19.99 -12.54
C15 CDL CA . -31.23 19.63 -11.24
C16 CDL CA . -32.72 19.34 -11.34
C17 CDL CA . -33.06 17.92 -11.78
C18 CDL CA . -33.53 16.99 -10.67
C19 CDL CA . -33.42 15.52 -11.01
C20 CDL CA . -34.61 14.69 -10.60
CA6 CDL CA . -26.42 20.51 -13.16
OA8 CDL CA . -26.23 20.41 -11.72
CA7 CDL CA . -26.37 21.52 -10.99
OA9 CDL CA . -25.85 22.57 -11.28
C31 CDL CA . -27.21 21.28 -9.75
C32 CDL CA . -28.41 22.16 -9.64
C33 CDL CA . -28.20 23.36 -8.70
C34 CDL CA . -29.25 24.46 -8.82
C35 CDL CA . -29.51 25.22 -7.53
C36 CDL CA . -30.72 26.15 -7.56
C37 CDL CA . -31.43 26.32 -6.23
C38 CDL CA . -31.99 27.70 -5.97
C39 CDL CA . -33.14 27.73 -5.01
CB2 CDL CA . -24.44 21.17 -20.78
OB2 CDL CA . -25.65 20.46 -20.33
PB2 CDL CA . -26.32 19.35 -21.29
OB3 CDL CA . -26.94 20.10 -22.44
OB4 CDL CA . -25.32 18.26 -21.58
OB5 CDL CA . -27.49 18.67 -20.43
CB3 CDL CA . -28.87 19.14 -20.55
CB4 CDL CA . -29.56 18.64 -21.80
OB6 CDL CA . -31.01 18.76 -21.61
CB5 CDL CA . -31.64 19.89 -22.00
OB7 CDL CA . -31.73 20.23 -23.16
C51 CDL CA . -32.23 20.71 -20.88
C52 CDL CA . -33.50 20.13 -20.31
C53 CDL CA . -33.25 19.20 -19.11
C54 CDL CA . -33.65 17.74 -19.32
C55 CDL CA . -34.76 17.25 -18.41
C56 CDL CA . -36.09 16.98 -19.09
C57 CDL CA . -37.09 18.12 -18.99
C58 CDL CA . -38.52 17.74 -19.27
CB6 CDL CA . -29.20 17.21 -22.14
OB8 CDL CA . -30.11 16.70 -23.15
CB7 CDL CA . -29.94 17.13 -24.41
OB9 CDL CA . -28.86 17.36 -24.88
C71 CDL CA . -31.25 17.24 -25.14
P PO4 DA . 36.58 -18.28 0.90
O1 PO4 DA . 35.61 -18.61 2.03
O2 PO4 DA . 37.84 -17.65 1.49
O3 PO4 DA . 35.92 -17.30 -0.06
O4 PO4 DA . 36.95 -19.57 0.16
P PO4 EA . 2.97 19.61 9.15
O1 PO4 EA . 2.07 18.38 9.24
O2 PO4 EA . 3.33 20.12 10.55
O3 PO4 EA . 2.24 20.72 8.40
O4 PO4 EA . 4.24 19.26 8.39
P PO4 FA . 9.93 24.93 9.21
O1 PO4 FA . 8.55 24.31 8.98
O2 PO4 FA . 10.55 24.35 10.49
O3 PO4 FA . 9.78 26.44 9.34
O4 PO4 FA . 10.84 24.63 8.02
P PO4 GA . 32.08 19.07 -10.47
O1 PO4 GA . 31.18 17.87 -10.32
O2 PO4 GA . 33.04 19.14 -9.28
O3 PO4 GA . 31.21 20.33 -10.51
O4 PO4 GA . 32.86 18.95 -11.78
P PO4 HA . 14.77 46.90 -38.20
O1 PO4 HA . 14.15 45.66 -37.57
O2 PO4 HA . 13.66 47.77 -38.78
O3 PO4 HA . 15.71 46.48 -39.33
O4 PO4 HA . 15.54 47.70 -37.16
#